data_9MEH
#
_entry.id   9MEH
#
_cell.length_a   119.235
_cell.length_b   166.281
_cell.length_c   178.491
_cell.angle_alpha   90.000
_cell.angle_beta   90.000
_cell.angle_gamma   90.000
#
_symmetry.space_group_name_H-M   'P 21 21 21'
#
loop_
_entity.id
_entity.type
_entity.pdbx_description
1 polymer 'Linear gramicidin synthase subunit A'
2 non-polymer '[(3~{R})-4-azanyl-2,2-dimethyl-3-oxidanyl-4-oxidanylidene-butyl] dihydrogen phosphate'
#
_entity_poly.entity_id   1
_entity_poly.type   'polypeptide(L)'
_entity_poly.pdbx_seq_one_letter_code
;SAMGRILFLTTFMSKGNKVVRYLESLHHEVVICQEKVHAQSANLQEIDWIVSYAYGYILDKEIVSRFRGRIINLHPSLLP
WNKGRDPVFWSVWDETPKGVTIHLIDEHVDTGDILVQEEIAFADEDTLLDCYNKANQAIEELFIREWENIVHGRIAPYRQ
TAGGTLHFKADRDFYKNLNMTTVRELLALKRLCAEPKRGEKPIDKTFHQLFEQQVEMTPDHVAVVDRGQSLTYKQLNERA
NQLAHHLRGKGVKPDDQVAIMLDKSLDMIVSILAVMKAGGAYVPIDPDYPGERIAYMLADSSAAILLTNALHEEKANGAC
DIIDVHDPDSYSENTNNLPHVNRPDDLVYVMYTSGSTGLAKGVMIEHHNLVNFCEWYRPYFGVTPADKALVYSSFSFDGS
ALDIFTHLLAGAALHIVPSERKYDLDALNDYCNQEGITISYLPTGAAEQFMQMDNQSFRVVITGGDVLKKIERNGTYKLY
NGYGPTECTIMVTMFEVDKPYANIPIGKPIDRTRILILDEALALQPIGVAGELFIVGEGLGRGYLNRPELTAEKFIVHPQ
TGERMYRTGDRARFLPDGNIEFLGRLDNLVKIRGYRIEPGEIEPFLMNHPLIELTTVLAKEQADGRKYLVGYYVAPEEIP
HGELREWLGNDLPDYMIPTYFVHMKAFPLTANGKVDRRALPDVQADAELLGEDYVAPTDELEQQLAQVWSHVLGIPQMGI
DDHFLERGGDSIKVMQLIHQLKNIGLSLRYDQLFTHPTIRQLKRLLTEQKQVNGLLEPLRELDEQAEYETSAVEKRMYII
QQQDVESIAYNVVYTINFPLTVDTEQIRVALEQLVLRHEGLRSTYHMRGDEIVKRIVPRAELSFVRQTGEEESVQSLLAE
QIKPFDLAKAPLLRAGVIETADKKVLWFDSHHILLDGLSKSILARELQALLGQQVLSPVEKTYKSFARWQNEWFASDEYE
QQIAYWKTLLQGELPAVQLPTKKRPPQLTFDGAIQMYRVNPEITRKLKATAAKHDLTLYMLMLTIVSIWLSKMNSDSNQV
ILGTVTDGRQHPDTRELLGMFVNTLPLLLSIDHEESFLHNLQQVKAKLLPALQNQYVPFDKILEAARVKREGNRHPLFDV
MFMMQGAPETELESNMHHINAGISKFDLTLEVLERENGLNIVFEYNTHLFDEGMILRMVAQFEHLLLQAVHGLDQQVKRF
ELVTEDEKRDLFLRVNDTAKAYPNKLIMSMLEDWAAATPDKTALVFREQRVTYRELNERVNQLAHTLREKGVQPDDLVML
MAERSVEMMVAIFAVLKAGGAYLPIDPHSPAERIAYIFADSGAKLVLAQSPFVEKASMAEVVLDLNSASSYAADTSNPPL
VNQPGDLVYVMYTSGSTGKPKGVMIEHGALLNVLHGMQDEYPLLQDDAFLLKTTYIFDISVAEIFGWVPGRGKLVILEPE
AEKNPKAIWQAVVGAGITHINFVPSMLIPFVEYLEGRTEANRLRYILACGEAMPDELVPKVYEVLPEVKLENIYGPTEAT
IYASRYSLAKGSQESPVPIGKPLPNYRMYIINRHGQLQPIGVPGELCIAGASLARGYLNNPALTEEKFTPHPLEKGERIY
RTGDLARYREDGNIEYLGRMDHQVKIRGYRIELDEIRSKLIQEETIQDAVVVARNDQNGQAYLCAYLLSEQEWTVGQLRE
LLRRELPEYMIPAHFVLLKQFPLTANGKLDRKALPEPDGSVKAEAEYAAPRTELEATLAHIWGEVLGIERIGIRDNFFEL
GGDSIKGLQIASRLQRINWTMVINHLFLYPTIEQIAPFVTSEQVVIEAAAENLYFQ
;
_entity_poly.pdbx_strand_id   A
#
# COMPACT_ATOMS: atom_id res chain seq x y z
N MET A 3 -5.68 -47.24 23.24
CA MET A 3 -5.20 -47.05 21.87
C MET A 3 -5.73 -48.14 20.95
N GLY A 4 -5.69 -47.87 19.64
CA GLY A 4 -6.14 -48.84 18.66
C GLY A 4 -5.55 -48.52 17.30
N ARG A 5 -5.68 -49.48 16.39
CA ARG A 5 -5.22 -49.31 15.03
C ARG A 5 -6.18 -48.43 14.25
N ILE A 6 -5.61 -47.54 13.43
CA ILE A 6 -6.38 -46.61 12.61
C ILE A 6 -5.96 -46.78 11.16
N LEU A 7 -6.94 -46.91 10.27
CA LEU A 7 -6.70 -46.98 8.83
C LEU A 7 -6.95 -45.60 8.25
N PHE A 8 -5.88 -44.88 7.95
CA PHE A 8 -5.97 -43.52 7.42
C PHE A 8 -6.09 -43.58 5.90
N LEU A 9 -7.18 -43.01 5.37
CA LEU A 9 -7.45 -43.01 3.94
C LEU A 9 -7.25 -41.61 3.40
N THR A 10 -6.26 -41.45 2.53
CA THR A 10 -5.99 -40.17 1.88
C THR A 10 -5.48 -40.42 0.48
N THR A 11 -5.99 -39.65 -0.47
CA THR A 11 -5.55 -39.74 -1.86
C THR A 11 -4.87 -38.49 -2.35
N PHE A 12 -5.32 -37.32 -1.91
CA PHE A 12 -4.76 -36.04 -2.35
C PHE A 12 -3.99 -35.31 -1.26
N MET A 13 -3.91 -35.86 -0.06
CA MET A 13 -3.10 -35.29 1.00
C MET A 13 -1.79 -36.05 1.13
N SER A 14 -1.00 -35.68 2.13
CA SER A 14 0.30 -36.30 2.33
C SER A 14 0.16 -37.63 3.05
N LYS A 15 1.29 -38.33 3.16
CA LYS A 15 1.35 -39.56 3.94
C LYS A 15 1.68 -39.28 5.40
N GLY A 16 2.41 -38.20 5.67
CA GLY A 16 2.67 -37.78 7.02
C GLY A 16 2.08 -36.42 7.30
N ASN A 17 0.75 -36.33 7.31
CA ASN A 17 0.07 -35.07 7.54
C ASN A 17 0.21 -34.65 9.01
N LYS A 18 -0.36 -33.50 9.33
CA LYS A 18 -0.43 -33.07 10.72
C LYS A 18 -1.36 -33.97 11.53
N VAL A 19 -2.35 -34.58 10.87
CA VAL A 19 -3.32 -35.41 11.56
C VAL A 19 -2.77 -36.81 11.82
N VAL A 20 -2.02 -37.37 10.85
CA VAL A 20 -1.48 -38.71 11.00
C VAL A 20 -0.47 -38.75 12.14
N ARG A 21 0.42 -37.77 12.20
CA ARG A 21 1.48 -37.77 13.20
C ARG A 21 0.98 -37.34 14.58
N TYR A 22 -0.15 -36.65 14.67
CA TYR A 22 -0.77 -36.42 15.97
C TYR A 22 -1.36 -37.70 16.52
N LEU A 23 -1.93 -38.54 15.64
CA LEU A 23 -2.42 -39.85 16.06
C LEU A 23 -1.28 -40.74 16.53
N GLU A 24 -0.10 -40.61 15.93
CA GLU A 24 1.04 -41.40 16.36
C GLU A 24 1.63 -40.88 17.67
N SER A 25 1.46 -39.59 17.96
CA SER A 25 1.90 -39.06 19.24
C SER A 25 1.05 -39.62 20.38
N LEU A 26 -0.27 -39.79 20.13
CA LEU A 26 -1.17 -40.46 21.07
C LEU A 26 -0.96 -41.98 21.09
N HIS A 27 0.06 -42.42 20.34
CA HIS A 27 0.49 -43.83 20.33
C HIS A 27 -0.59 -44.72 19.72
N HIS A 28 -1.14 -44.28 18.60
CA HIS A 28 -1.97 -45.12 17.75
C HIS A 28 -1.11 -45.69 16.62
N GLU A 29 -1.49 -46.87 16.14
CA GLU A 29 -0.87 -47.46 14.97
C GLU A 29 -1.66 -47.02 13.74
N VAL A 30 -1.08 -46.09 12.97
CA VAL A 30 -1.76 -45.48 11.84
C VAL A 30 -1.33 -46.23 10.58
N VAL A 31 -2.24 -47.02 10.02
CA VAL A 31 -2.01 -47.69 8.75
C VAL A 31 -2.58 -46.79 7.65
N ILE A 32 -1.73 -46.43 6.68
CA ILE A 32 -2.07 -45.46 5.65
C ILE A 32 -2.26 -46.21 4.33
N CYS A 33 -3.42 -46.01 3.71
CA CYS A 33 -3.74 -46.61 2.42
C CYS A 33 -4.25 -45.52 1.49
N GLN A 34 -3.54 -45.29 0.39
CA GLN A 34 -3.89 -44.23 -0.55
C GLN A 34 -4.67 -44.73 -1.75
N GLU A 35 -4.86 -46.03 -1.89
CA GLU A 35 -5.54 -46.61 -3.04
C GLU A 35 -6.93 -47.08 -2.65
N LYS A 36 -7.64 -47.65 -3.61
CA LYS A 36 -8.98 -48.18 -3.35
C LYS A 36 -8.87 -49.43 -2.49
N VAL A 37 -9.61 -49.45 -1.38
CA VAL A 37 -9.60 -50.57 -0.45
C VAL A 37 -10.75 -51.49 -0.77
N HIS A 38 -10.50 -52.80 -0.72
CA HIS A 38 -11.52 -53.80 -1.01
C HIS A 38 -12.20 -54.24 0.28
N ALA A 39 -13.37 -54.87 0.13
CA ALA A 39 -14.21 -55.19 1.27
C ALA A 39 -13.57 -56.24 2.18
N GLN A 40 -12.74 -57.11 1.64
CA GLN A 40 -12.08 -58.16 2.42
C GLN A 40 -10.56 -58.10 2.23
N SER A 41 -9.98 -56.93 2.45
CA SER A 41 -8.55 -56.74 2.34
C SER A 41 -7.86 -56.99 3.67
N ALA A 42 -6.54 -57.03 3.64
CA ALA A 42 -5.76 -57.15 4.86
C ALA A 42 -5.72 -55.85 5.64
N ASN A 43 -5.88 -54.72 4.95
CA ASN A 43 -5.88 -53.42 5.59
C ASN A 43 -7.14 -53.17 6.42
N LEU A 44 -8.17 -53.99 6.26
CA LEU A 44 -9.41 -53.86 7.02
C LEU A 44 -9.44 -54.73 8.27
N GLN A 45 -8.49 -55.64 8.42
CA GLN A 45 -8.49 -56.54 9.56
C GLN A 45 -7.86 -55.88 10.78
N GLU A 46 -8.43 -56.15 11.95
CA GLU A 46 -7.91 -55.67 13.23
C GLU A 46 -7.84 -54.14 13.27
N ILE A 47 -8.83 -53.49 12.66
CA ILE A 47 -8.90 -52.03 12.60
C ILE A 47 -10.03 -51.56 13.51
N ASP A 48 -9.74 -50.57 14.34
CA ASP A 48 -10.71 -50.04 15.30
C ASP A 48 -11.34 -48.73 14.84
N TRP A 49 -10.63 -47.92 14.07
CA TRP A 49 -11.15 -46.65 13.58
C TRP A 49 -10.64 -46.40 12.17
N ILE A 50 -11.44 -45.68 11.39
CA ILE A 50 -11.10 -45.31 10.02
C ILE A 50 -11.21 -43.80 9.90
N VAL A 51 -10.10 -43.15 9.57
CA VAL A 51 -10.05 -41.70 9.41
C VAL A 51 -9.71 -41.39 7.96
N SER A 52 -10.56 -40.60 7.31
CA SER A 52 -10.40 -40.26 5.90
C SER A 52 -10.19 -38.76 5.76
N TYR A 53 -9.31 -38.38 4.82
CA TYR A 53 -8.96 -36.99 4.60
C TYR A 53 -8.58 -36.86 3.13
N ALA A 54 -9.48 -36.28 2.33
CA ALA A 54 -9.28 -36.14 0.88
C ALA A 54 -9.06 -37.50 0.23
N TYR A 55 -9.99 -38.42 0.46
CA TYR A 55 -9.95 -39.75 -0.14
C TYR A 55 -10.70 -39.70 -1.46
N GLY A 56 -10.02 -40.08 -2.54
CA GLY A 56 -10.57 -39.96 -3.87
C GLY A 56 -11.25 -41.22 -4.38
N TYR A 57 -11.76 -42.05 -3.46
CA TYR A 57 -12.47 -43.26 -3.83
C TYR A 57 -13.68 -43.41 -2.93
N ILE A 58 -14.61 -44.25 -3.36
CA ILE A 58 -15.81 -44.56 -2.59
C ILE A 58 -15.65 -45.94 -1.98
N LEU A 59 -15.74 -46.01 -0.66
CA LEU A 59 -15.64 -47.31 0.02
C LEU A 59 -16.85 -48.17 -0.29
N ASP A 60 -16.64 -49.48 -0.27
CA ASP A 60 -17.72 -50.42 -0.55
C ASP A 60 -18.80 -50.31 0.52
N LYS A 61 -20.03 -50.67 0.14
CA LYS A 61 -21.16 -50.55 1.06
C LYS A 61 -20.98 -51.45 2.28
N GLU A 62 -20.26 -52.57 2.12
CA GLU A 62 -20.01 -53.44 3.26
C GLU A 62 -19.10 -52.78 4.28
N ILE A 63 -18.08 -52.05 3.80
CA ILE A 63 -17.13 -51.40 4.70
C ILE A 63 -17.82 -50.32 5.52
N VAL A 64 -18.77 -49.61 4.91
CA VAL A 64 -19.45 -48.53 5.61
C VAL A 64 -20.32 -49.09 6.73
N SER A 65 -20.97 -50.22 6.50
CA SER A 65 -21.82 -50.82 7.52
C SER A 65 -21.02 -51.61 8.54
N ARG A 66 -19.96 -52.30 8.09
CA ARG A 66 -19.12 -53.07 9.01
C ARG A 66 -18.41 -52.16 10.00
N PHE A 67 -18.04 -50.96 9.57
CA PHE A 67 -17.40 -49.97 10.44
C PHE A 67 -18.31 -48.77 10.68
N ARG A 68 -19.61 -49.01 10.76
CA ARG A 68 -20.57 -47.93 11.01
C ARG A 68 -20.32 -47.32 12.38
N GLY A 69 -20.27 -46.00 12.44
CA GLY A 69 -19.89 -45.29 13.64
C GLY A 69 -18.41 -45.27 13.92
N ARG A 70 -17.58 -45.82 13.02
CA ARG A 70 -16.14 -45.85 13.19
C ARG A 70 -15.39 -45.33 11.97
N ILE A 71 -16.09 -44.73 11.01
CA ILE A 71 -15.46 -44.12 9.84
C ILE A 71 -15.67 -42.62 9.95
N ILE A 72 -14.58 -41.89 10.18
CA ILE A 72 -14.62 -40.44 10.37
C ILE A 72 -13.99 -39.78 9.15
N ASN A 73 -14.63 -38.72 8.65
CA ASN A 73 -14.13 -37.97 7.52
C ASN A 73 -13.88 -36.53 7.91
N LEU A 74 -12.85 -35.94 7.31
CA LEU A 74 -12.46 -34.55 7.54
C LEU A 74 -12.77 -33.77 6.27
N HIS A 75 -13.89 -33.05 6.28
CA HIS A 75 -14.33 -32.29 5.12
C HIS A 75 -14.19 -30.80 5.39
N PRO A 76 -13.40 -30.07 4.60
CA PRO A 76 -13.22 -28.62 4.83
C PRO A 76 -14.38 -27.79 4.29
N SER A 77 -15.58 -28.08 4.78
CA SER A 77 -16.77 -27.35 4.40
C SER A 77 -17.80 -27.43 5.52
N LEU A 78 -18.57 -26.36 5.67
CA LEU A 78 -19.63 -26.32 6.68
C LEU A 78 -20.83 -27.09 6.13
N LEU A 79 -20.80 -28.40 6.32
CA LEU A 79 -21.88 -29.26 5.86
C LEU A 79 -23.20 -28.83 6.51
N PRO A 80 -24.33 -29.00 5.81
CA PRO A 80 -24.50 -29.66 4.50
C PRO A 80 -24.11 -28.80 3.30
N TRP A 81 -23.48 -27.65 3.49
CA TRP A 81 -23.10 -26.80 2.37
C TRP A 81 -21.80 -27.30 1.72
N ASN A 82 -21.74 -27.19 0.39
CA ASN A 82 -20.53 -27.46 -0.38
C ASN A 82 -20.05 -28.90 -0.19
N LYS A 83 -20.94 -29.85 -0.45
CA LYS A 83 -20.57 -31.25 -0.43
C LYS A 83 -19.87 -31.63 -1.72
N GLY A 84 -19.08 -32.69 -1.65
CA GLY A 84 -18.44 -33.24 -2.85
C GLY A 84 -17.04 -32.69 -3.05
N ARG A 85 -16.75 -32.26 -4.27
CA ARG A 85 -15.41 -31.88 -4.69
C ARG A 85 -15.25 -30.37 -4.72
N ASP A 86 -14.01 -29.92 -4.55
CA ASP A 86 -13.65 -28.51 -4.54
C ASP A 86 -14.57 -27.68 -3.62
N PRO A 87 -14.63 -28.02 -2.33
CA PRO A 87 -15.64 -27.40 -1.46
C PRO A 87 -15.35 -25.95 -1.10
N VAL A 88 -14.07 -25.60 -0.93
CA VAL A 88 -13.71 -24.26 -0.49
C VAL A 88 -14.00 -23.25 -1.60
N PHE A 89 -13.73 -23.62 -2.86
CA PHE A 89 -14.02 -22.72 -3.97
C PHE A 89 -15.52 -22.47 -4.09
N TRP A 90 -16.31 -23.55 -4.10
CA TRP A 90 -17.77 -23.40 -4.19
C TRP A 90 -18.35 -22.72 -2.97
N SER A 91 -17.65 -22.73 -1.84
CA SER A 91 -18.10 -21.95 -0.69
C SER A 91 -18.00 -20.45 -0.97
N VAL A 92 -16.99 -20.04 -1.74
CA VAL A 92 -16.82 -18.62 -2.05
C VAL A 92 -17.68 -18.22 -3.23
N TRP A 93 -17.71 -19.03 -4.29
CA TRP A 93 -18.44 -18.65 -5.50
C TRP A 93 -19.94 -18.62 -5.26
N ASP A 94 -20.49 -19.68 -4.67
CA ASP A 94 -21.92 -19.73 -4.36
C ASP A 94 -22.29 -18.95 -3.11
N GLU A 95 -21.32 -18.33 -2.44
CA GLU A 95 -21.55 -17.50 -1.25
C GLU A 95 -22.28 -18.28 -0.16
N THR A 96 -21.88 -19.54 0.03
CA THR A 96 -22.43 -20.37 1.08
C THR A 96 -21.74 -20.06 2.40
N PRO A 97 -22.30 -20.52 3.52
CA PRO A 97 -21.59 -20.39 4.80
C PRO A 97 -20.27 -21.14 4.78
N LYS A 98 -19.30 -20.61 5.52
CA LYS A 98 -17.95 -21.14 5.54
C LYS A 98 -17.71 -21.90 6.84
N GLY A 99 -16.94 -22.98 6.76
CA GLY A 99 -16.61 -23.75 7.93
C GLY A 99 -15.89 -25.04 7.57
N VAL A 100 -15.73 -25.88 8.59
CA VAL A 100 -15.12 -27.20 8.45
C VAL A 100 -15.95 -28.20 9.25
N THR A 101 -15.95 -29.45 8.80
CA THR A 101 -16.82 -30.47 9.39
C THR A 101 -16.07 -31.79 9.53
N ILE A 102 -16.15 -32.39 10.72
CA ILE A 102 -15.75 -33.77 10.95
C ILE A 102 -17.03 -34.56 11.13
N HIS A 103 -17.32 -35.45 10.18
CA HIS A 103 -18.60 -36.15 10.15
C HIS A 103 -18.35 -37.65 9.99
N LEU A 104 -19.44 -38.40 9.96
CA LEU A 104 -19.42 -39.84 9.72
C LEU A 104 -19.72 -40.13 8.25
N ILE A 105 -19.19 -41.25 7.77
CA ILE A 105 -19.35 -41.65 6.38
C ILE A 105 -20.54 -42.60 6.27
N ASP A 106 -21.44 -42.31 5.32
CA ASP A 106 -22.55 -43.16 4.97
C ASP A 106 -22.33 -43.68 3.55
N GLU A 107 -23.40 -43.99 2.84
CA GLU A 107 -23.32 -44.50 1.47
C GLU A 107 -23.58 -43.41 0.42
N HIS A 108 -23.43 -42.14 0.80
CA HIS A 108 -23.56 -41.04 -0.14
C HIS A 108 -22.44 -40.03 0.14
N VAL A 109 -22.47 -38.92 -0.57
CA VAL A 109 -21.37 -37.96 -0.56
C VAL A 109 -21.63 -36.94 0.53
N ASP A 110 -20.91 -37.08 1.66
CA ASP A 110 -20.90 -36.09 2.73
C ASP A 110 -22.30 -35.84 3.29
N THR A 111 -23.06 -36.92 3.52
CA THR A 111 -24.40 -36.84 4.07
C THR A 111 -24.49 -37.53 5.42
N GLY A 112 -23.40 -37.54 6.17
CA GLY A 112 -23.34 -38.21 7.45
C GLY A 112 -23.63 -37.28 8.62
N ASP A 113 -23.83 -37.89 9.78
CA ASP A 113 -24.12 -37.13 10.99
C ASP A 113 -22.87 -36.37 11.44
N ILE A 114 -23.04 -35.07 11.69
CA ILE A 114 -21.92 -34.22 12.06
C ILE A 114 -21.49 -34.53 13.49
N LEU A 115 -20.19 -34.67 13.69
CA LEU A 115 -19.64 -34.88 15.03
C LEU A 115 -19.18 -33.56 15.64
N VAL A 116 -18.45 -32.76 14.87
CA VAL A 116 -17.91 -31.49 15.35
C VAL A 116 -17.76 -30.56 14.15
N GLN A 117 -18.12 -29.29 14.33
CA GLN A 117 -18.19 -28.36 13.22
C GLN A 117 -17.79 -26.97 13.71
N GLU A 118 -16.82 -26.36 13.04
CA GLU A 118 -16.37 -25.01 13.33
C GLU A 118 -16.64 -24.12 12.12
N GLU A 119 -16.75 -22.81 12.38
CA GLU A 119 -17.07 -21.83 11.35
C GLU A 119 -15.83 -21.00 11.03
N ILE A 120 -15.36 -21.10 9.78
CA ILE A 120 -14.18 -20.38 9.34
C ILE A 120 -14.64 -19.09 8.67
N ALA A 121 -13.72 -18.11 8.61
CA ALA A 121 -14.01 -16.80 8.05
C ALA A 121 -12.96 -16.46 7.00
N PHE A 122 -13.39 -16.18 5.78
CA PHE A 122 -12.51 -15.76 4.70
C PHE A 122 -12.62 -14.25 4.51
N ALA A 123 -11.50 -13.62 4.18
CA ALA A 123 -11.47 -12.18 3.98
C ALA A 123 -11.73 -11.82 2.53
N ASP A 124 -12.09 -10.56 2.31
CA ASP A 124 -12.36 -10.09 0.95
C ASP A 124 -11.08 -9.96 0.13
N GLU A 125 -9.96 -9.67 0.79
CA GLU A 125 -8.68 -9.53 0.10
C GLU A 125 -7.87 -10.80 0.09
N ASP A 126 -8.41 -11.90 0.60
CA ASP A 126 -7.73 -13.19 0.54
C ASP A 126 -7.91 -13.81 -0.84
N THR A 127 -6.82 -14.35 -1.38
CA THR A 127 -6.93 -15.12 -2.61
C THR A 127 -7.59 -16.46 -2.33
N LEU A 128 -7.98 -17.16 -3.39
CA LEU A 128 -8.56 -18.49 -3.22
C LEU A 128 -7.54 -19.44 -2.61
N LEU A 129 -6.27 -19.34 -3.02
CA LEU A 129 -5.23 -20.17 -2.42
C LEU A 129 -5.08 -19.89 -0.94
N ASP A 130 -5.26 -18.63 -0.52
CA ASP A 130 -5.22 -18.31 0.90
C ASP A 130 -6.37 -18.96 1.65
N CYS A 131 -7.58 -18.95 1.06
CA CYS A 131 -8.71 -19.63 1.68
C CYS A 131 -8.52 -21.13 1.71
N TYR A 132 -7.76 -21.68 0.77
CA TYR A 132 -7.51 -23.12 0.76
C TYR A 132 -6.66 -23.52 1.96
N ASN A 133 -5.57 -22.79 2.23
CA ASN A 133 -4.73 -23.09 3.38
C ASN A 133 -5.48 -22.89 4.69
N LYS A 134 -6.24 -21.79 4.78
CA LYS A 134 -6.94 -21.47 6.02
C LYS A 134 -7.98 -22.52 6.36
N ALA A 135 -8.59 -23.15 5.35
CA ALA A 135 -9.56 -24.20 5.60
C ALA A 135 -8.90 -25.52 5.94
N ASN A 136 -7.80 -25.85 5.26
CA ASN A 136 -7.10 -27.10 5.56
C ASN A 136 -6.53 -27.11 6.98
N GLN A 137 -6.10 -25.95 7.47
CA GLN A 137 -5.61 -25.87 8.84
C GLN A 137 -6.75 -26.08 9.83
N ALA A 138 -7.89 -25.46 9.58
CA ALA A 138 -9.01 -25.53 10.52
C ALA A 138 -9.49 -26.97 10.70
N ILE A 139 -9.58 -27.73 9.61
CA ILE A 139 -10.02 -29.12 9.72
C ILE A 139 -8.97 -29.99 10.38
N GLU A 140 -7.69 -29.58 10.33
CA GLU A 140 -6.65 -30.33 11.02
C GLU A 140 -6.57 -29.93 12.49
N GLU A 141 -6.79 -28.64 12.80
CA GLU A 141 -6.84 -28.22 14.19
C GLU A 141 -8.08 -28.77 14.89
N LEU A 142 -9.21 -28.84 14.17
CA LEU A 142 -10.43 -29.37 14.75
C LEU A 142 -10.29 -30.85 15.09
N PHE A 143 -9.48 -31.59 14.33
CA PHE A 143 -9.24 -32.99 14.63
C PHE A 143 -8.37 -33.14 15.87
N ILE A 144 -7.28 -32.38 15.93
CA ILE A 144 -6.39 -32.42 17.09
C ILE A 144 -7.12 -32.02 18.37
N ARG A 145 -8.10 -31.12 18.24
CA ARG A 145 -8.81 -30.59 19.39
C ARG A 145 -9.92 -31.54 19.89
N GLU A 146 -10.45 -32.39 19.03
CA GLU A 146 -11.64 -33.17 19.35
C GLU A 146 -11.47 -34.68 19.20
N TRP A 147 -10.30 -35.15 18.75
CA TRP A 147 -10.14 -36.59 18.52
C TRP A 147 -10.34 -37.39 19.80
N GLU A 148 -9.80 -36.89 20.92
CA GLU A 148 -9.98 -37.60 22.18
C GLU A 148 -11.45 -37.65 22.59
N ASN A 149 -12.18 -36.57 22.37
CA ASN A 149 -13.61 -36.57 22.65
C ASN A 149 -14.39 -37.46 21.68
N ILE A 150 -13.84 -37.71 20.49
CA ILE A 150 -14.51 -38.56 19.52
C ILE A 150 -14.27 -40.03 19.84
N VAL A 151 -13.01 -40.39 20.08
CA VAL A 151 -12.66 -41.79 20.28
C VAL A 151 -13.22 -42.32 21.61
N HIS A 152 -13.53 -41.44 22.55
CA HIS A 152 -14.05 -41.84 23.86
C HIS A 152 -15.56 -41.66 23.96
N GLY A 153 -16.24 -41.47 22.84
CA GLY A 153 -17.69 -41.36 22.85
C GLY A 153 -18.25 -40.13 23.52
N ARG A 154 -17.41 -39.11 23.77
CA ARG A 154 -17.89 -37.93 24.48
C ARG A 154 -18.46 -36.93 23.50
N ILE A 155 -19.01 -37.43 22.38
CA ILE A 155 -19.63 -36.57 21.37
C ILE A 155 -20.77 -37.34 20.73
N ALA A 156 -21.99 -36.80 20.80
CA ALA A 156 -23.11 -37.47 20.15
C ALA A 156 -23.32 -36.90 18.75
N PRO A 157 -23.42 -37.76 17.73
CA PRO A 157 -23.60 -37.25 16.37
C PRO A 157 -24.99 -36.64 16.18
N TYR A 158 -25.02 -35.43 15.63
CA TYR A 158 -26.26 -34.76 15.28
C TYR A 158 -26.40 -34.70 13.78
N ARG A 159 -27.62 -34.93 13.29
CA ARG A 159 -27.87 -35.02 11.85
C ARG A 159 -27.65 -33.67 11.18
N GLN A 160 -27.29 -33.73 9.90
CA GLN A 160 -27.10 -32.52 9.11
C GLN A 160 -28.42 -31.79 8.96
N THR A 161 -28.36 -30.46 9.06
CA THR A 161 -29.55 -29.65 8.87
C THR A 161 -29.97 -29.68 7.40
N ALA A 162 -31.18 -29.17 7.16
CA ALA A 162 -31.72 -29.20 5.81
C ALA A 162 -31.03 -28.17 4.92
N GLY A 163 -30.79 -28.57 3.68
CA GLY A 163 -30.22 -27.72 2.67
C GLY A 163 -28.85 -28.17 2.23
N GLY A 164 -28.11 -27.23 1.64
CA GLY A 164 -26.75 -27.46 1.22
C GLY A 164 -26.62 -27.64 -0.28
N THR A 165 -25.38 -27.60 -0.75
CA THR A 165 -25.04 -27.75 -2.15
C THR A 165 -24.13 -28.95 -2.35
N LEU A 166 -24.27 -29.60 -3.51
CA LEU A 166 -23.45 -30.74 -3.89
C LEU A 166 -22.76 -30.44 -5.21
N HIS A 167 -21.43 -30.59 -5.23
CA HIS A 167 -20.64 -30.33 -6.42
C HIS A 167 -19.73 -31.52 -6.70
N PHE A 168 -19.52 -31.79 -7.97
CA PHE A 168 -18.69 -32.90 -8.42
C PHE A 168 -17.40 -32.38 -9.04
N LYS A 169 -16.50 -33.32 -9.34
CA LYS A 169 -15.30 -32.99 -10.10
C LYS A 169 -15.66 -32.50 -11.51
N ALA A 170 -14.72 -31.80 -12.12
CA ALA A 170 -14.82 -31.17 -13.45
C ALA A 170 -15.89 -30.09 -13.54
N ASP A 171 -16.60 -29.77 -12.45
CA ASP A 171 -17.51 -28.63 -12.43
C ASP A 171 -16.78 -27.31 -12.26
N ARG A 172 -15.47 -27.36 -12.02
CA ARG A 172 -14.65 -26.17 -11.81
C ARG A 172 -13.78 -25.86 -13.02
N ASP A 173 -13.83 -26.68 -14.07
CA ASP A 173 -12.95 -26.52 -15.22
C ASP A 173 -13.10 -25.16 -15.90
N PHE A 174 -14.23 -24.48 -15.72
CA PHE A 174 -14.41 -23.17 -16.32
C PHE A 174 -13.74 -22.06 -15.51
N TYR A 175 -13.53 -22.27 -14.22
CA TYR A 175 -12.95 -21.26 -13.33
C TYR A 175 -11.57 -21.65 -12.86
N LYS A 176 -10.77 -22.26 -13.75
CA LYS A 176 -9.48 -22.80 -13.33
C LYS A 176 -8.42 -21.72 -13.16
N ASN A 177 -8.54 -20.61 -13.89
CA ASN A 177 -7.52 -19.57 -13.85
C ASN A 177 -7.65 -18.65 -12.64
N LEU A 178 -8.74 -18.72 -11.90
CA LEU A 178 -9.05 -17.76 -10.85
C LEU A 178 -8.56 -18.19 -9.47
N ASN A 179 -7.43 -18.88 -9.38
CA ASN A 179 -6.95 -19.34 -8.09
C ASN A 179 -6.23 -18.23 -7.32
N MET A 180 -5.56 -17.31 -8.02
CA MET A 180 -4.85 -16.22 -7.38
C MET A 180 -5.67 -14.93 -7.36
N THR A 181 -6.98 -15.04 -7.50
CA THR A 181 -7.88 -13.89 -7.49
C THR A 181 -8.50 -13.74 -6.12
N THR A 182 -8.60 -12.49 -5.65
CA THR A 182 -9.16 -12.22 -4.33
C THR A 182 -10.64 -12.61 -4.29
N VAL A 183 -11.18 -12.68 -3.08
CA VAL A 183 -12.57 -13.07 -2.90
C VAL A 183 -13.50 -12.03 -3.49
N ARG A 184 -13.24 -10.75 -3.19
CA ARG A 184 -14.10 -9.68 -3.71
C ARG A 184 -14.04 -9.59 -5.24
N GLU A 185 -12.87 -9.87 -5.82
CA GLU A 185 -12.76 -9.87 -7.28
C GLU A 185 -13.40 -11.10 -7.89
N LEU A 186 -13.37 -12.23 -7.18
CA LEU A 186 -14.03 -13.43 -7.67
C LEU A 186 -15.54 -13.24 -7.73
N LEU A 187 -16.11 -12.61 -6.70
CA LEU A 187 -17.54 -12.33 -6.72
C LEU A 187 -17.88 -11.24 -7.73
N ALA A 188 -17.01 -10.24 -7.86
CA ALA A 188 -17.24 -9.18 -8.84
C ALA A 188 -17.32 -9.73 -10.25
N LEU A 189 -16.46 -10.70 -10.57
CA LEU A 189 -16.54 -11.36 -11.87
C LEU A 189 -17.81 -12.19 -11.99
N LYS A 190 -18.27 -12.79 -10.88
CA LYS A 190 -19.50 -13.57 -10.93
C LYS A 190 -20.70 -12.70 -11.28
N ARG A 191 -20.89 -11.60 -10.54
CA ARG A 191 -21.98 -10.68 -10.84
C ARG A 191 -21.89 -10.14 -12.26
N LEU A 192 -20.67 -10.01 -12.78
CA LEU A 192 -20.44 -9.40 -14.08
C LEU A 192 -20.50 -10.41 -15.22
N CYS A 193 -20.52 -11.71 -14.93
CA CYS A 193 -20.46 -12.71 -15.98
C CYS A 193 -21.37 -13.91 -15.79
N ALA A 194 -22.08 -14.03 -14.67
CA ALA A 194 -22.99 -15.15 -14.50
C ALA A 194 -24.28 -14.90 -15.26
N GLU A 195 -24.90 -15.99 -15.71
CA GLU A 195 -26.16 -15.90 -16.45
C GLU A 195 -27.25 -15.35 -15.54
N PRO A 196 -27.88 -14.23 -15.88
CA PRO A 196 -28.89 -13.65 -14.98
C PRO A 196 -30.10 -14.56 -14.84
N LYS A 197 -30.70 -14.52 -13.64
CA LYS A 197 -31.84 -15.36 -13.32
C LYS A 197 -32.99 -15.14 -14.30
N ARG A 198 -33.64 -13.98 -14.24
CA ARG A 198 -34.71 -13.65 -15.17
C ARG A 198 -34.28 -12.66 -16.24
N GLY A 199 -33.21 -11.90 -16.02
CA GLY A 199 -32.76 -10.91 -16.99
C GLY A 199 -33.78 -9.85 -17.33
N GLU A 200 -34.18 -9.79 -18.60
CA GLU A 200 -35.16 -8.83 -19.06
C GLU A 200 -36.31 -9.55 -19.75
N LYS A 201 -37.31 -8.77 -20.16
CA LYS A 201 -38.46 -9.33 -20.84
C LYS A 201 -38.05 -9.86 -22.22
N PRO A 202 -38.59 -11.01 -22.63
CA PRO A 202 -38.26 -11.53 -23.96
C PRO A 202 -38.83 -10.64 -25.06
N ILE A 203 -38.02 -10.43 -26.10
CA ILE A 203 -38.45 -9.61 -27.22
C ILE A 203 -39.62 -10.28 -27.91
N ASP A 204 -40.68 -9.51 -28.17
CA ASP A 204 -41.88 -10.05 -28.81
C ASP A 204 -42.35 -9.20 -29.98
N LYS A 205 -41.53 -8.25 -30.44
CA LYS A 205 -41.92 -7.34 -31.50
C LYS A 205 -40.89 -7.37 -32.62
N THR A 206 -41.35 -7.01 -33.82
CA THR A 206 -40.48 -6.71 -34.94
C THR A 206 -40.30 -5.21 -35.06
N PHE A 207 -39.42 -4.79 -35.97
CA PHE A 207 -39.13 -3.36 -36.08
C PHE A 207 -40.29 -2.60 -36.72
N HIS A 208 -40.86 -3.14 -37.80
CA HIS A 208 -42.00 -2.46 -38.43
C HIS A 208 -43.22 -2.43 -37.52
N GLN A 209 -43.33 -3.36 -36.57
CA GLN A 209 -44.39 -3.26 -35.57
C GLN A 209 -44.17 -2.05 -34.67
N LEU A 210 -42.96 -1.90 -34.12
CA LEU A 210 -42.67 -0.78 -33.25
C LEU A 210 -42.67 0.53 -34.01
N PHE A 211 -42.23 0.52 -35.27
CA PHE A 211 -42.27 1.73 -36.08
C PHE A 211 -43.71 2.18 -36.32
N GLU A 212 -44.60 1.23 -36.63
CA GLU A 212 -46.00 1.57 -36.85
C GLU A 212 -46.65 2.13 -35.58
N GLN A 213 -46.17 1.70 -34.40
CA GLN A 213 -46.67 2.28 -33.16
C GLN A 213 -46.12 3.68 -32.93
N GLN A 214 -44.89 3.96 -33.39
CA GLN A 214 -44.35 5.31 -33.27
C GLN A 214 -45.01 6.27 -34.25
N VAL A 215 -45.43 5.77 -35.41
CA VAL A 215 -46.14 6.61 -36.37
C VAL A 215 -47.48 7.05 -35.78
N GLU A 216 -48.12 6.21 -34.98
CA GLU A 216 -49.37 6.60 -34.33
C GLU A 216 -49.14 7.62 -33.22
N MET A 217 -47.94 7.65 -32.63
CA MET A 217 -47.63 8.57 -31.55
C MET A 217 -47.20 9.94 -32.06
N THR A 218 -46.31 9.97 -33.06
CA THR A 218 -45.82 11.22 -33.66
C THR A 218 -46.06 11.18 -35.16
N PRO A 219 -47.31 11.29 -35.60
CA PRO A 219 -47.58 11.16 -37.04
C PRO A 219 -47.13 12.37 -37.85
N ASP A 220 -47.30 13.57 -37.31
CA ASP A 220 -46.96 14.79 -38.03
C ASP A 220 -45.54 15.27 -37.74
N HIS A 221 -44.78 14.55 -36.93
CA HIS A 221 -43.38 14.88 -36.71
C HIS A 221 -42.57 14.59 -37.96
N VAL A 222 -41.53 15.40 -38.18
CA VAL A 222 -40.65 15.21 -39.34
C VAL A 222 -39.85 13.93 -39.16
N ALA A 223 -39.95 13.02 -40.12
CA ALA A 223 -39.25 11.74 -40.04
C ALA A 223 -37.88 11.79 -40.72
N VAL A 224 -37.87 12.08 -42.02
CA VAL A 224 -36.63 12.11 -42.80
C VAL A 224 -36.55 13.45 -43.53
N VAL A 225 -35.35 13.99 -43.64
CA VAL A 225 -35.09 15.23 -44.37
C VAL A 225 -33.97 14.97 -45.37
N ASP A 226 -34.28 15.09 -46.66
CA ASP A 226 -33.29 14.95 -47.72
C ASP A 226 -33.40 16.17 -48.63
N ARG A 227 -32.26 16.78 -48.93
CA ARG A 227 -32.19 18.03 -49.70
C ARG A 227 -32.99 19.06 -48.93
N GLY A 228 -34.03 19.66 -49.51
CA GLY A 228 -34.88 20.58 -48.79
C GLY A 228 -36.24 19.99 -48.49
N GLN A 229 -36.58 18.91 -49.18
CA GLN A 229 -37.86 18.24 -48.96
C GLN A 229 -37.83 17.45 -47.65
N SER A 230 -39.01 17.11 -47.16
CA SER A 230 -39.16 16.41 -45.89
C SER A 230 -40.28 15.40 -45.98
N LEU A 231 -40.19 14.38 -45.12
CA LEU A 231 -41.22 13.35 -44.99
C LEU A 231 -41.59 13.21 -43.52
N THR A 232 -42.89 13.24 -43.23
CA THR A 232 -43.34 12.99 -41.87
C THR A 232 -43.39 11.48 -41.62
N TYR A 233 -43.64 11.11 -40.36
CA TYR A 233 -43.72 9.70 -40.02
C TYR A 233 -44.91 9.03 -40.72
N LYS A 234 -46.05 9.72 -40.77
CA LYS A 234 -47.21 9.19 -41.47
C LYS A 234 -46.95 9.09 -42.97
N GLN A 235 -46.38 10.15 -43.56
CA GLN A 235 -46.05 10.12 -44.98
C GLN A 235 -45.06 9.00 -45.28
N LEU A 236 -44.04 8.85 -44.44
CA LEU A 236 -43.07 7.78 -44.65
C LEU A 236 -43.71 6.41 -44.48
N ASN A 237 -44.64 6.29 -43.53
CA ASN A 237 -45.27 5.00 -43.26
C ASN A 237 -46.19 4.58 -44.40
N GLU A 238 -47.04 5.50 -44.86
CA GLU A 238 -47.99 5.17 -45.92
C GLU A 238 -47.27 4.82 -47.22
N ARG A 239 -46.22 5.57 -47.55
CA ARG A 239 -45.48 5.29 -48.77
C ARG A 239 -44.82 3.93 -48.73
N ALA A 240 -44.24 3.56 -47.59
CA ALA A 240 -43.65 2.23 -47.46
C ALA A 240 -44.72 1.15 -47.49
N ASN A 241 -45.89 1.43 -46.93
CA ASN A 241 -46.99 0.47 -47.00
C ASN A 241 -47.43 0.25 -48.44
N GLN A 242 -47.44 1.31 -49.25
CA GLN A 242 -47.82 1.17 -50.65
C GLN A 242 -46.83 0.27 -51.39
N LEU A 243 -45.54 0.54 -51.24
CA LEU A 243 -44.53 -0.29 -51.90
C LEU A 243 -44.50 -1.70 -51.32
N ALA A 244 -44.90 -1.86 -50.06
CA ALA A 244 -44.90 -3.20 -49.47
C ALA A 244 -46.05 -4.05 -50.01
N HIS A 245 -47.22 -3.44 -50.20
CA HIS A 245 -48.32 -4.15 -50.85
C HIS A 245 -47.89 -4.66 -52.22
N HIS A 246 -47.20 -3.83 -52.99
CA HIS A 246 -46.69 -4.25 -54.28
C HIS A 246 -45.66 -5.36 -54.12
N LEU A 247 -44.76 -5.23 -53.15
CA LEU A 247 -43.73 -6.25 -52.95
C LEU A 247 -44.33 -7.57 -52.53
N ARG A 248 -45.19 -7.57 -51.51
CA ARG A 248 -45.79 -8.81 -51.04
C ARG A 248 -46.63 -9.48 -52.12
N GLY A 249 -47.30 -8.67 -52.94
CA GLY A 249 -48.05 -9.24 -54.05
C GLY A 249 -47.16 -9.88 -55.10
N LYS A 250 -45.92 -9.40 -55.23
CA LYS A 250 -45.00 -9.95 -56.21
C LYS A 250 -44.38 -11.26 -55.76
N GLY A 251 -44.52 -11.65 -54.50
CA GLY A 251 -44.03 -12.93 -54.04
C GLY A 251 -43.07 -12.86 -52.87
N VAL A 252 -43.03 -11.75 -52.16
CA VAL A 252 -42.15 -11.59 -51.02
C VAL A 252 -42.74 -12.38 -49.84
N LYS A 253 -41.95 -13.32 -49.32
CA LYS A 253 -42.32 -14.13 -48.17
C LYS A 253 -41.35 -13.86 -47.03
N PRO A 254 -41.70 -14.26 -45.80
CA PRO A 254 -40.77 -14.09 -44.69
C PRO A 254 -39.43 -14.76 -44.95
N ASP A 255 -38.38 -14.12 -44.45
CA ASP A 255 -36.98 -14.53 -44.59
C ASP A 255 -36.47 -14.46 -46.02
N ASP A 256 -37.26 -13.92 -46.96
CA ASP A 256 -36.75 -13.66 -48.28
C ASP A 256 -35.83 -12.45 -48.25
N GLN A 257 -34.92 -12.39 -49.22
CA GLN A 257 -33.91 -11.34 -49.30
C GLN A 257 -34.16 -10.50 -50.55
N VAL A 258 -34.52 -9.23 -50.34
CA VAL A 258 -34.77 -8.29 -51.42
C VAL A 258 -33.64 -7.28 -51.43
N ALA A 259 -32.95 -7.18 -52.57
CA ALA A 259 -31.81 -6.28 -52.68
C ALA A 259 -32.27 -4.84 -52.93
N ILE A 260 -31.44 -3.90 -52.50
CA ILE A 260 -31.71 -2.48 -52.68
C ILE A 260 -30.42 -1.82 -53.17
N MET A 261 -30.47 -1.27 -54.38
CA MET A 261 -29.31 -0.58 -54.97
C MET A 261 -29.72 0.85 -55.27
N LEU A 262 -29.83 1.66 -54.21
CA LEU A 262 -30.14 3.07 -54.30
C LEU A 262 -29.06 3.87 -53.60
N ASP A 263 -29.07 5.18 -53.83
CA ASP A 263 -28.21 6.10 -53.12
C ASP A 263 -28.98 6.76 -51.98
N LYS A 264 -28.24 7.41 -51.09
CA LYS A 264 -28.83 8.07 -49.93
C LYS A 264 -29.90 9.07 -50.35
N SER A 265 -31.16 8.74 -50.10
CA SER A 265 -32.27 9.58 -50.52
C SER A 265 -33.49 9.22 -49.67
N LEU A 266 -34.60 9.92 -49.93
CA LEU A 266 -35.85 9.58 -49.27
C LEU A 266 -36.38 8.23 -49.71
N ASP A 267 -36.16 7.85 -50.98
CA ASP A 267 -36.64 6.56 -51.46
C ASP A 267 -35.89 5.40 -50.83
N MET A 268 -34.65 5.63 -50.39
CA MET A 268 -33.92 4.57 -49.69
C MET A 268 -34.60 4.20 -48.38
N ILE A 269 -35.03 5.22 -47.61
CA ILE A 269 -35.73 4.94 -46.36
C ILE A 269 -37.06 4.27 -46.63
N VAL A 270 -37.74 4.65 -47.71
CA VAL A 270 -39.01 4.03 -48.07
C VAL A 270 -38.79 2.58 -48.49
N SER A 271 -37.78 2.32 -49.31
CA SER A 271 -37.54 0.96 -49.80
C SER A 271 -37.16 0.03 -48.66
N ILE A 272 -36.37 0.51 -47.70
CA ILE A 272 -35.96 -0.33 -46.57
C ILE A 272 -37.19 -0.75 -45.76
N LEU A 273 -38.04 0.23 -45.41
CA LEU A 273 -39.24 -0.08 -44.64
C LEU A 273 -40.23 -0.90 -45.44
N ALA A 274 -40.19 -0.79 -46.78
CA ALA A 274 -41.15 -1.53 -47.60
C ALA A 274 -40.82 -3.01 -47.63
N VAL A 275 -39.55 -3.37 -47.73
CA VAL A 275 -39.15 -4.78 -47.70
C VAL A 275 -39.51 -5.41 -46.37
N MET A 276 -39.33 -4.66 -45.28
CA MET A 276 -39.66 -5.18 -43.96
C MET A 276 -41.16 -5.38 -43.81
N LYS A 277 -41.95 -4.38 -44.22
CA LYS A 277 -43.41 -4.50 -44.11
C LYS A 277 -43.94 -5.60 -45.00
N ALA A 278 -43.28 -5.86 -46.13
CA ALA A 278 -43.69 -6.98 -46.97
C ALA A 278 -43.40 -8.32 -46.29
N GLY A 279 -42.29 -8.40 -45.58
CA GLY A 279 -41.97 -9.60 -44.83
C GLY A 279 -40.52 -10.06 -44.96
N GLY A 280 -39.78 -9.47 -45.89
CA GLY A 280 -38.43 -9.90 -46.19
C GLY A 280 -37.37 -9.07 -45.48
N ALA A 281 -36.13 -9.28 -45.90
CA ALA A 281 -34.97 -8.56 -45.36
C ALA A 281 -34.27 -7.84 -46.51
N TYR A 282 -33.89 -6.59 -46.27
CA TYR A 282 -33.27 -5.79 -47.32
C TYR A 282 -31.77 -6.07 -47.38
N VAL A 283 -31.27 -6.25 -48.60
CA VAL A 283 -29.85 -6.49 -48.83
C VAL A 283 -29.23 -5.25 -49.44
N PRO A 284 -28.54 -4.42 -48.67
CA PRO A 284 -28.03 -3.16 -49.21
C PRO A 284 -26.82 -3.38 -50.11
N ILE A 285 -26.90 -2.82 -51.33
CA ILE A 285 -25.82 -2.90 -52.31
C ILE A 285 -25.48 -1.49 -52.74
N ASP A 286 -24.26 -1.06 -52.46
CA ASP A 286 -23.82 0.28 -52.84
C ASP A 286 -23.76 0.36 -54.37
N PRO A 287 -24.38 1.39 -54.98
CA PRO A 287 -24.38 1.48 -56.45
C PRO A 287 -23.01 1.73 -57.06
N ASP A 288 -22.00 2.06 -56.26
CA ASP A 288 -20.66 2.35 -56.77
C ASP A 288 -19.74 1.14 -56.71
N TYR A 289 -20.22 -0.01 -56.25
CA TYR A 289 -19.41 -1.21 -56.19
C TYR A 289 -19.10 -1.72 -57.58
N PRO A 290 -18.01 -2.49 -57.73
CA PRO A 290 -17.74 -3.12 -59.04
C PRO A 290 -18.87 -4.03 -59.45
N GLY A 291 -19.08 -4.12 -60.77
CA GLY A 291 -20.17 -4.93 -61.30
C GLY A 291 -20.08 -6.39 -60.89
N GLU A 292 -18.86 -6.89 -60.67
CA GLU A 292 -18.72 -8.25 -60.18
C GLU A 292 -19.10 -8.37 -58.71
N ARG A 293 -18.85 -7.32 -57.92
CA ARG A 293 -19.27 -7.33 -56.53
C ARG A 293 -20.78 -7.27 -56.42
N ILE A 294 -21.43 -6.50 -57.29
CA ILE A 294 -22.89 -6.42 -57.30
C ILE A 294 -23.49 -7.78 -57.67
N ALA A 295 -22.98 -8.39 -58.73
CA ALA A 295 -23.50 -9.68 -59.17
C ALA A 295 -23.24 -10.78 -58.15
N TYR A 296 -22.15 -10.66 -57.37
CA TYR A 296 -21.87 -11.65 -56.34
C TYR A 296 -22.93 -11.62 -55.26
N MET A 297 -23.31 -10.42 -54.80
CA MET A 297 -24.31 -10.30 -53.75
C MET A 297 -25.67 -10.78 -54.22
N LEU A 298 -26.05 -10.44 -55.45
CA LEU A 298 -27.36 -10.83 -55.96
C LEU A 298 -27.48 -12.35 -56.07
N ALA A 299 -26.42 -13.02 -56.52
CA ALA A 299 -26.45 -14.48 -56.64
C ALA A 299 -26.32 -15.14 -55.27
N ASP A 300 -25.49 -14.58 -54.39
CA ASP A 300 -25.32 -15.16 -53.07
C ASP A 300 -26.58 -15.00 -52.23
N SER A 301 -27.23 -13.84 -52.30
CA SER A 301 -28.46 -13.63 -51.56
C SER A 301 -29.67 -14.29 -52.20
N SER A 302 -29.54 -14.78 -53.43
CA SER A 302 -30.64 -15.39 -54.17
C SER A 302 -31.86 -14.46 -54.19
N ALA A 303 -31.60 -13.18 -54.48
CA ALA A 303 -32.63 -12.16 -54.51
C ALA A 303 -33.29 -12.15 -55.88
N ALA A 304 -34.61 -12.31 -55.89
CA ALA A 304 -35.37 -12.24 -57.13
C ALA A 304 -35.87 -10.83 -57.45
N ILE A 305 -35.86 -9.93 -56.47
CA ILE A 305 -36.34 -8.57 -56.64
C ILE A 305 -35.25 -7.60 -56.22
N LEU A 306 -35.01 -6.58 -57.05
CA LEU A 306 -34.02 -5.55 -56.76
C LEU A 306 -34.71 -4.19 -56.80
N LEU A 307 -34.56 -3.43 -55.73
CA LEU A 307 -35.14 -2.09 -55.62
C LEU A 307 -34.05 -1.08 -56.00
N THR A 308 -34.09 -0.61 -57.24
CA THR A 308 -33.16 0.40 -57.72
C THR A 308 -33.94 1.37 -58.62
N ASN A 309 -33.25 2.34 -59.18
CA ASN A 309 -33.82 3.30 -60.09
C ASN A 309 -33.31 3.02 -61.51
N ALA A 310 -33.52 3.99 -62.41
CA ALA A 310 -33.03 3.85 -63.78
C ALA A 310 -31.55 4.19 -63.90
N LEU A 311 -31.00 4.98 -62.98
CA LEU A 311 -29.60 5.37 -63.07
C LEU A 311 -28.67 4.18 -62.83
N HIS A 312 -29.01 3.33 -61.87
CA HIS A 312 -28.20 2.16 -61.54
C HIS A 312 -28.84 0.87 -62.02
N GLU A 313 -29.81 0.96 -62.94
CA GLU A 313 -30.56 -0.23 -63.35
C GLU A 313 -29.66 -1.22 -64.09
N GLU A 314 -28.88 -0.73 -65.05
CA GLU A 314 -28.06 -1.61 -65.88
C GLU A 314 -26.92 -2.26 -65.11
N LYS A 315 -26.72 -1.92 -63.84
CA LYS A 315 -25.67 -2.53 -63.03
C LYS A 315 -26.03 -3.93 -62.55
N ALA A 316 -27.26 -4.38 -62.80
CA ALA A 316 -27.65 -5.75 -62.50
C ALA A 316 -27.50 -6.69 -63.69
N ASN A 317 -27.38 -6.15 -64.90
CA ASN A 317 -27.24 -6.94 -66.12
C ASN A 317 -28.40 -7.91 -66.30
N GLY A 318 -29.62 -7.44 -66.00
CA GLY A 318 -30.82 -8.24 -66.14
C GLY A 318 -30.80 -9.49 -65.29
N ALA A 319 -30.44 -9.35 -64.01
CA ALA A 319 -30.35 -10.48 -63.11
C ALA A 319 -31.52 -10.57 -62.14
N CYS A 320 -32.32 -9.51 -61.99
CA CYS A 320 -33.41 -9.50 -61.04
C CYS A 320 -34.62 -8.79 -61.65
N ASP A 321 -35.75 -8.94 -60.98
CA ASP A 321 -36.98 -8.22 -61.35
C ASP A 321 -36.84 -6.79 -60.84
N ILE A 322 -36.42 -5.89 -61.73
CA ILE A 322 -36.18 -4.50 -61.33
C ILE A 322 -37.51 -3.83 -61.02
N ILE A 323 -37.64 -3.32 -59.80
CA ILE A 323 -38.80 -2.54 -59.39
C ILE A 323 -38.33 -1.09 -59.20
N ASP A 324 -38.69 -0.23 -60.14
CA ASP A 324 -38.23 1.15 -60.10
C ASP A 324 -38.90 1.89 -58.96
N VAL A 325 -38.09 2.56 -58.13
CA VAL A 325 -38.62 3.34 -57.00
C VAL A 325 -39.21 4.67 -57.45
N HIS A 326 -39.16 4.98 -58.74
CA HIS A 326 -39.80 6.18 -59.28
C HIS A 326 -40.98 5.87 -60.18
N ASP A 327 -41.15 4.62 -60.59
CA ASP A 327 -42.31 4.23 -61.38
C ASP A 327 -43.55 4.26 -60.48
N PRO A 328 -44.59 5.01 -60.84
CA PRO A 328 -45.79 5.06 -59.98
C PRO A 328 -46.49 3.73 -59.83
N ASP A 329 -46.42 2.86 -60.85
CA ASP A 329 -47.06 1.55 -60.75
C ASP A 329 -46.38 0.64 -59.73
N SER A 330 -45.14 0.97 -59.32
CA SER A 330 -44.49 0.22 -58.27
C SER A 330 -45.08 0.49 -56.90
N TYR A 331 -45.84 1.57 -56.76
CA TYR A 331 -46.55 1.90 -55.52
C TYR A 331 -48.03 1.64 -55.71
N SER A 332 -48.64 0.90 -54.78
CA SER A 332 -50.06 0.61 -54.86
C SER A 332 -50.87 1.79 -54.31
N GLU A 333 -52.19 1.65 -54.34
CA GLU A 333 -53.08 2.66 -53.81
C GLU A 333 -53.46 2.41 -52.35
N ASN A 334 -53.09 1.26 -51.81
CA ASN A 334 -53.40 0.93 -50.42
C ASN A 334 -52.33 1.52 -49.51
N THR A 335 -52.74 2.44 -48.63
CA THR A 335 -51.82 3.13 -47.74
C THR A 335 -51.97 2.69 -46.29
N ASN A 336 -52.58 1.54 -46.05
CA ASN A 336 -52.77 1.02 -44.71
C ASN A 336 -51.67 0.00 -44.37
N ASN A 337 -51.47 -0.20 -43.08
CA ASN A 337 -50.45 -1.13 -42.62
C ASN A 337 -50.80 -2.56 -43.03
N LEU A 338 -49.82 -3.25 -43.60
CA LEU A 338 -50.04 -4.60 -44.07
C LEU A 338 -50.21 -5.55 -42.89
N PRO A 339 -50.95 -6.65 -43.08
CA PRO A 339 -51.05 -7.65 -42.01
C PRO A 339 -49.68 -8.25 -41.70
N HIS A 340 -49.38 -8.37 -40.42
CA HIS A 340 -48.06 -8.82 -39.98
C HIS A 340 -47.90 -10.31 -40.24
N VAL A 341 -46.84 -10.66 -40.98
CA VAL A 341 -46.48 -12.05 -41.25
C VAL A 341 -45.11 -12.41 -40.70
N ASN A 342 -44.42 -11.48 -40.05
CA ASN A 342 -43.08 -11.70 -39.53
C ASN A 342 -43.13 -12.04 -38.05
N ARG A 343 -42.06 -12.67 -37.58
CA ARG A 343 -41.83 -13.01 -36.18
C ARG A 343 -40.48 -12.46 -35.78
N PRO A 344 -40.26 -12.22 -34.48
CA PRO A 344 -38.98 -11.64 -34.04
C PRO A 344 -37.76 -12.46 -34.43
N ASP A 345 -37.94 -13.70 -34.86
CA ASP A 345 -36.83 -14.56 -35.29
C ASP A 345 -36.53 -14.43 -36.78
N ASP A 346 -37.32 -13.67 -37.52
CA ASP A 346 -37.10 -13.53 -38.96
C ASP A 346 -35.97 -12.56 -39.25
N LEU A 347 -35.35 -12.73 -40.41
CA LEU A 347 -34.27 -11.86 -40.83
C LEU A 347 -34.78 -10.46 -41.13
N VAL A 348 -33.98 -9.45 -40.77
CA VAL A 348 -34.33 -8.07 -41.04
C VAL A 348 -33.41 -7.43 -42.08
N TYR A 349 -32.13 -7.79 -42.11
CA TYR A 349 -31.24 -7.32 -43.16
C TYR A 349 -30.06 -8.28 -43.26
N VAL A 350 -29.38 -8.23 -44.42
CA VAL A 350 -28.17 -9.01 -44.66
C VAL A 350 -27.12 -8.06 -45.21
N MET A 351 -26.03 -7.89 -44.46
CA MET A 351 -24.93 -7.01 -44.85
C MET A 351 -23.67 -7.83 -45.01
N TYR A 352 -22.96 -7.62 -46.12
CA TYR A 352 -21.75 -8.36 -46.42
C TYR A 352 -20.53 -7.64 -45.85
N THR A 353 -19.65 -8.40 -45.22
CA THR A 353 -18.38 -7.89 -44.72
C THR A 353 -17.24 -8.65 -45.39
N SER A 354 -16.12 -7.95 -45.59
CA SER A 354 -14.98 -8.54 -46.26
C SER A 354 -13.70 -7.77 -45.99
N GLY A 355 -12.88 -7.59 -47.03
CA GLY A 355 -11.60 -6.93 -46.87
C GLY A 355 -10.47 -7.84 -46.45
N SER A 356 -10.71 -9.15 -46.35
CA SER A 356 -9.69 -10.09 -45.90
C SER A 356 -9.90 -11.46 -46.54
N THR A 357 -9.91 -12.51 -45.72
CA THR A 357 -10.09 -13.86 -46.22
C THR A 357 -11.49 -14.04 -46.79
N GLY A 358 -11.58 -14.74 -47.91
CA GLY A 358 -12.84 -14.93 -48.59
C GLY A 358 -13.25 -13.69 -49.38
N LEU A 359 -14.14 -13.91 -50.35
CA LEU A 359 -14.64 -12.82 -51.17
C LEU A 359 -15.47 -11.87 -50.32
N ALA A 360 -16.60 -12.36 -49.82
CA ALA A 360 -17.47 -11.59 -48.94
C ALA A 360 -18.47 -12.55 -48.31
N LYS A 361 -18.75 -12.34 -47.03
CA LYS A 361 -19.65 -13.19 -46.27
C LYS A 361 -20.89 -12.41 -45.86
N GLY A 362 -22.06 -12.99 -46.11
CA GLY A 362 -23.31 -12.32 -45.82
C GLY A 362 -23.78 -12.52 -44.39
N VAL A 363 -23.52 -11.54 -43.54
CA VAL A 363 -23.98 -11.61 -42.15
C VAL A 363 -25.49 -11.39 -42.10
N MET A 364 -26.19 -12.24 -41.36
CA MET A 364 -27.64 -12.21 -41.27
C MET A 364 -28.06 -11.75 -39.87
N ILE A 365 -28.87 -10.71 -39.81
CA ILE A 365 -29.36 -10.14 -38.57
C ILE A 365 -30.88 -10.29 -38.53
N GLU A 366 -31.40 -10.61 -37.34
CA GLU A 366 -32.83 -10.84 -37.16
C GLU A 366 -33.49 -9.63 -36.50
N HIS A 367 -34.82 -9.69 -36.41
CA HIS A 367 -35.58 -8.56 -35.89
C HIS A 367 -35.34 -8.36 -34.40
N HIS A 368 -35.39 -9.44 -33.62
CA HIS A 368 -35.14 -9.33 -32.18
C HIS A 368 -33.75 -8.79 -31.91
N ASN A 369 -32.80 -9.03 -32.82
CA ASN A 369 -31.46 -8.46 -32.68
C ASN A 369 -31.51 -6.94 -32.76
N LEU A 370 -32.18 -6.41 -33.78
CA LEU A 370 -32.24 -4.96 -33.97
C LEU A 370 -33.12 -4.31 -32.91
N VAL A 371 -34.24 -4.95 -32.56
CA VAL A 371 -35.14 -4.38 -31.56
C VAL A 371 -34.43 -4.22 -30.23
N ASN A 372 -33.63 -5.23 -29.83
CA ASN A 372 -32.91 -5.14 -28.58
C ASN A 372 -31.94 -3.97 -28.57
N PHE A 373 -31.37 -3.62 -29.72
CA PHE A 373 -30.44 -2.49 -29.77
C PHE A 373 -31.18 -1.17 -29.76
N CYS A 374 -32.26 -1.05 -30.54
CA CYS A 374 -32.99 0.20 -30.60
C CYS A 374 -33.72 0.51 -29.28
N GLU A 375 -34.18 -0.53 -28.59
CA GLU A 375 -34.82 -0.34 -27.29
C GLU A 375 -33.81 -0.05 -26.18
N TRP A 376 -32.52 -0.28 -26.43
CA TRP A 376 -31.47 0.16 -25.52
C TRP A 376 -30.94 1.54 -25.90
N TYR A 377 -30.92 1.86 -27.19
CA TYR A 377 -30.34 3.12 -27.64
C TYR A 377 -31.15 4.32 -27.17
N ARG A 378 -32.48 4.24 -27.28
CA ARG A 378 -33.33 5.38 -26.94
C ARG A 378 -33.19 5.80 -25.47
N PRO A 379 -33.38 4.93 -24.48
CA PRO A 379 -33.26 5.38 -23.09
C PRO A 379 -31.83 5.63 -22.64
N TYR A 380 -30.85 5.01 -23.29
CA TYR A 380 -29.46 5.21 -22.88
C TYR A 380 -28.98 6.62 -23.22
N PHE A 381 -29.37 7.14 -24.38
CA PHE A 381 -28.98 8.47 -24.82
C PHE A 381 -30.09 9.50 -24.67
N GLY A 382 -31.25 9.09 -24.15
CA GLY A 382 -32.35 10.03 -23.99
C GLY A 382 -32.87 10.61 -25.28
N VAL A 383 -33.03 9.76 -26.31
CA VAL A 383 -33.46 10.25 -27.61
C VAL A 383 -34.95 10.61 -27.54
N THR A 384 -35.27 11.84 -27.94
CA THR A 384 -36.61 12.39 -27.90
C THR A 384 -37.04 12.83 -29.30
N PRO A 385 -38.33 13.03 -29.54
CA PRO A 385 -38.76 13.56 -30.85
C PRO A 385 -38.17 14.92 -31.20
N ALA A 386 -37.53 15.60 -30.24
CA ALA A 386 -36.87 16.87 -30.51
C ALA A 386 -35.44 16.71 -31.02
N ASP A 387 -34.95 15.48 -31.14
CA ASP A 387 -33.61 15.23 -31.62
C ASP A 387 -33.58 15.21 -33.15
N LYS A 388 -32.38 15.41 -33.68
CA LYS A 388 -32.14 15.38 -35.13
C LYS A 388 -30.87 14.56 -35.37
N ALA A 389 -30.99 13.54 -36.20
CA ALA A 389 -29.90 12.60 -36.45
C ALA A 389 -29.33 12.80 -37.85
N LEU A 390 -28.19 12.14 -38.09
CA LEU A 390 -27.46 12.25 -39.34
C LEU A 390 -27.27 10.86 -39.92
N VAL A 391 -27.75 10.65 -41.14
CA VAL A 391 -27.61 9.34 -41.82
C VAL A 391 -26.29 9.41 -42.58
N TYR A 392 -25.20 9.18 -41.86
CA TYR A 392 -23.85 9.40 -42.37
C TYR A 392 -23.27 8.16 -43.06
N SER A 393 -23.27 7.02 -42.36
CA SER A 393 -22.63 5.82 -42.89
C SER A 393 -23.34 5.31 -44.13
N SER A 394 -22.59 4.60 -44.97
CA SER A 394 -23.17 3.98 -46.14
C SER A 394 -24.20 2.93 -45.72
N PHE A 395 -25.31 2.88 -46.45
CA PHE A 395 -26.42 2.01 -46.05
C PHE A 395 -26.08 0.52 -46.13
N SER A 396 -24.91 0.17 -46.64
CA SER A 396 -24.49 -1.23 -46.68
C SER A 396 -23.85 -1.70 -45.38
N PHE A 397 -23.94 -0.93 -44.29
CA PHE A 397 -23.24 -1.29 -43.08
C PHE A 397 -24.05 -0.86 -41.86
N ASP A 398 -23.88 -1.61 -40.76
CA ASP A 398 -24.66 -1.43 -39.54
C ASP A 398 -24.50 -0.04 -38.95
N GLY A 399 -23.50 0.74 -39.37
CA GLY A 399 -23.45 2.14 -38.96
C GLY A 399 -24.68 2.91 -39.42
N SER A 400 -25.19 2.58 -40.60
CA SER A 400 -26.42 3.19 -41.07
C SER A 400 -27.64 2.64 -40.33
N ALA A 401 -27.57 1.37 -39.90
CA ALA A 401 -28.66 0.81 -39.10
C ALA A 401 -28.83 1.56 -37.79
N LEU A 402 -27.73 2.02 -37.20
CA LEU A 402 -27.81 2.86 -36.02
C LEU A 402 -28.33 4.25 -36.37
N ASP A 403 -27.91 4.79 -37.52
CA ASP A 403 -28.33 6.12 -37.91
C ASP A 403 -29.80 6.20 -38.25
N ILE A 404 -30.39 5.09 -38.71
CA ILE A 404 -31.75 5.10 -39.22
C ILE A 404 -32.73 4.54 -38.21
N PHE A 405 -32.51 3.30 -37.78
CA PHE A 405 -33.52 2.56 -37.03
C PHE A 405 -33.66 3.07 -35.61
N THR A 406 -32.55 3.41 -34.96
CA THR A 406 -32.60 3.80 -33.55
C THR A 406 -33.38 5.09 -33.36
N HIS A 407 -33.11 6.09 -34.22
CA HIS A 407 -33.75 7.39 -34.06
C HIS A 407 -35.19 7.41 -34.57
N LEU A 408 -35.57 6.45 -35.42
CA LEU A 408 -36.95 6.42 -35.90
C LEU A 408 -37.91 5.94 -34.82
N LEU A 409 -37.46 5.05 -33.93
CA LEU A 409 -38.31 4.55 -32.85
C LEU A 409 -38.44 5.54 -31.70
N ALA A 410 -37.86 6.73 -31.80
CA ALA A 410 -37.94 7.73 -30.75
C ALA A 410 -38.63 9.01 -31.19
N GLY A 411 -39.00 9.13 -32.46
CA GLY A 411 -39.64 10.33 -32.96
C GLY A 411 -38.70 11.38 -33.51
N ALA A 412 -37.40 11.12 -33.52
CA ALA A 412 -36.43 12.09 -34.01
C ALA A 412 -36.53 12.23 -35.54
N ALA A 413 -35.74 13.13 -36.08
CA ALA A 413 -35.72 13.41 -37.52
C ALA A 413 -34.38 12.98 -38.11
N LEU A 414 -34.44 12.26 -39.23
CA LEU A 414 -33.25 11.84 -39.94
C LEU A 414 -32.89 12.85 -41.01
N HIS A 415 -31.60 13.11 -41.18
CA HIS A 415 -31.10 14.03 -42.19
C HIS A 415 -30.11 13.30 -43.08
N ILE A 416 -30.45 13.20 -44.37
CA ILE A 416 -29.60 12.48 -45.31
C ILE A 416 -28.37 13.30 -45.63
N VAL A 417 -27.23 12.65 -45.73
CA VAL A 417 -25.95 13.30 -45.98
C VAL A 417 -25.54 12.98 -47.43
N PRO A 418 -25.47 13.97 -48.31
CA PRO A 418 -24.85 13.74 -49.62
C PRO A 418 -23.34 13.57 -49.45
N SER A 419 -22.72 12.94 -50.45
CA SER A 419 -21.28 12.79 -50.43
C SER A 419 -20.55 14.13 -50.52
N GLU A 420 -21.26 15.25 -50.70
CA GLU A 420 -20.60 16.56 -50.74
C GLU A 420 -20.14 17.00 -49.37
N ARG A 421 -20.83 16.57 -48.31
CA ARG A 421 -20.44 16.89 -46.94
C ARG A 421 -19.95 15.68 -46.15
N LYS A 422 -20.13 14.46 -46.67
CA LYS A 422 -19.68 13.28 -45.96
C LYS A 422 -18.16 13.27 -45.80
N TYR A 423 -17.44 13.94 -46.70
CA TYR A 423 -15.99 13.99 -46.66
C TYR A 423 -15.42 15.36 -46.39
N ASP A 424 -16.20 16.43 -46.58
CA ASP A 424 -15.79 17.78 -46.18
C ASP A 424 -16.39 18.02 -44.81
N LEU A 425 -15.62 17.65 -43.77
CA LEU A 425 -16.13 17.74 -42.40
C LEU A 425 -16.28 19.18 -41.92
N ASP A 426 -15.69 20.15 -42.63
CA ASP A 426 -15.97 21.55 -42.30
C ASP A 426 -17.36 21.95 -42.75
N ALA A 427 -17.78 21.49 -43.93
CA ALA A 427 -19.14 21.75 -44.38
C ALA A 427 -20.17 20.94 -43.60
N LEU A 428 -19.77 19.76 -43.11
CA LEU A 428 -20.69 18.97 -42.29
C LEU A 428 -20.97 19.66 -40.96
N ASN A 429 -19.93 20.23 -40.34
CA ASN A 429 -20.14 21.02 -39.13
C ASN A 429 -21.02 22.23 -39.40
N ASP A 430 -20.93 22.79 -40.61
CA ASP A 430 -21.83 23.89 -40.98
C ASP A 430 -23.27 23.40 -41.06
N TYR A 431 -23.49 22.26 -41.72
CA TYR A 431 -24.84 21.72 -41.83
C TYR A 431 -25.40 21.39 -40.46
N CYS A 432 -24.60 20.76 -39.60
CA CYS A 432 -25.09 20.37 -38.28
C CYS A 432 -25.40 21.59 -37.43
N ASN A 433 -24.55 22.61 -37.47
CA ASN A 433 -24.79 23.81 -36.67
C ASN A 433 -26.00 24.60 -37.17
N GLN A 434 -26.27 24.55 -38.47
CA GLN A 434 -27.38 25.32 -39.03
C GLN A 434 -28.68 24.53 -39.11
N GLU A 435 -28.65 23.22 -38.85
CA GLU A 435 -29.86 22.41 -38.82
C GLU A 435 -30.20 21.89 -37.43
N GLY A 436 -29.26 21.96 -36.48
CA GLY A 436 -29.54 21.52 -35.13
C GLY A 436 -29.40 20.02 -34.92
N ILE A 437 -28.42 19.39 -35.58
CA ILE A 437 -28.20 17.95 -35.41
C ILE A 437 -27.66 17.70 -34.01
N THR A 438 -28.41 16.95 -33.22
CA THR A 438 -28.09 16.77 -31.80
C THR A 438 -27.36 15.47 -31.49
N ILE A 439 -27.62 14.39 -32.24
CA ILE A 439 -27.00 13.10 -31.94
C ILE A 439 -26.77 12.37 -33.27
N SER A 440 -25.62 11.70 -33.36
CA SER A 440 -25.25 10.94 -34.55
C SER A 440 -24.06 10.07 -34.21
N TYR A 441 -23.77 9.13 -35.11
CA TYR A 441 -22.62 8.24 -34.99
C TYR A 441 -21.64 8.50 -36.12
N LEU A 442 -20.38 8.76 -35.76
CA LEU A 442 -19.32 8.98 -36.71
C LEU A 442 -18.22 7.94 -36.51
N PRO A 443 -17.69 7.35 -37.58
CA PRO A 443 -16.59 6.40 -37.43
C PRO A 443 -15.36 7.08 -36.81
N THR A 444 -14.47 6.24 -36.28
CA THR A 444 -13.35 6.75 -35.48
C THR A 444 -12.51 7.76 -36.25
N GLY A 445 -12.17 7.44 -37.50
CA GLY A 445 -11.37 8.35 -38.29
C GLY A 445 -12.08 9.68 -38.53
N ALA A 446 -13.32 9.62 -38.97
CA ALA A 446 -14.08 10.85 -39.22
C ALA A 446 -14.36 11.61 -37.94
N ALA A 447 -14.52 10.91 -36.82
CA ALA A 447 -14.80 11.58 -35.55
C ALA A 447 -13.60 12.39 -35.08
N GLU A 448 -12.41 11.78 -35.08
CA GLU A 448 -11.22 12.48 -34.63
C GLU A 448 -10.94 13.72 -35.48
N GLN A 449 -11.35 13.70 -36.75
CA GLN A 449 -11.22 14.88 -37.60
C GLN A 449 -12.41 15.82 -37.48
N PHE A 450 -13.45 15.44 -36.74
CA PHE A 450 -14.56 16.34 -36.46
C PHE A 450 -14.39 17.06 -35.13
N MET A 451 -13.53 16.54 -34.25
CA MET A 451 -13.33 17.18 -32.95
C MET A 451 -12.68 18.54 -33.07
N GLN A 452 -11.93 18.76 -34.16
CA GLN A 452 -11.28 20.06 -34.36
C GLN A 452 -12.29 21.13 -34.75
N MET A 453 -13.40 20.76 -35.37
CA MET A 453 -14.37 21.73 -35.82
C MET A 453 -15.16 22.29 -34.64
N ASP A 454 -15.59 23.54 -34.78
CA ASP A 454 -16.33 24.24 -33.73
C ASP A 454 -17.81 23.93 -33.90
N ASN A 455 -18.35 23.10 -33.00
CA ASN A 455 -19.74 22.66 -33.08
C ASN A 455 -20.51 23.16 -31.86
N GLN A 456 -21.77 23.52 -32.08
CA GLN A 456 -22.67 23.91 -31.01
C GLN A 456 -23.98 23.14 -31.02
N SER A 457 -24.19 22.26 -31.99
CA SER A 457 -25.46 21.56 -32.15
C SER A 457 -25.48 20.22 -31.44
N PHE A 458 -24.37 19.47 -31.50
CA PHE A 458 -24.36 18.12 -30.96
C PHE A 458 -24.35 18.13 -29.44
N ARG A 459 -25.11 17.21 -28.85
CA ARG A 459 -25.06 16.93 -27.42
C ARG A 459 -24.46 15.57 -27.12
N VAL A 460 -24.57 14.62 -28.04
CA VAL A 460 -24.03 13.27 -27.88
C VAL A 460 -23.45 12.84 -29.23
N VAL A 461 -22.18 12.44 -29.22
CA VAL A 461 -21.51 11.97 -30.42
C VAL A 461 -20.88 10.61 -30.11
N ILE A 462 -21.36 9.57 -30.80
CA ILE A 462 -20.90 8.20 -30.60
C ILE A 462 -19.90 7.85 -31.69
N THR A 463 -18.83 7.16 -31.31
CA THR A 463 -17.80 6.73 -32.25
C THR A 463 -17.49 5.26 -32.02
N GLY A 464 -16.80 4.67 -32.99
CA GLY A 464 -16.44 3.27 -32.92
C GLY A 464 -15.95 2.78 -34.25
N GLY A 465 -15.44 1.55 -34.23
CA GLY A 465 -14.89 0.95 -35.44
C GLY A 465 -13.40 0.73 -35.35
N ASP A 466 -12.65 1.80 -35.13
CA ASP A 466 -11.23 1.75 -34.88
C ASP A 466 -10.94 2.13 -33.44
N VAL A 467 -9.66 2.28 -33.11
CA VAL A 467 -9.24 2.60 -31.75
C VAL A 467 -9.30 4.11 -31.57
N LEU A 468 -10.20 4.57 -30.71
CA LEU A 468 -10.28 5.98 -30.39
C LEU A 468 -9.12 6.39 -29.49
N LYS A 469 -8.50 7.53 -29.81
CA LYS A 469 -7.35 8.00 -29.04
C LYS A 469 -7.52 9.48 -28.68
N LYS A 470 -8.22 10.23 -29.52
CA LYS A 470 -8.40 11.66 -29.31
C LYS A 470 -9.67 11.90 -28.49
N ILE A 471 -9.55 12.73 -27.45
CA ILE A 471 -10.70 13.12 -26.65
C ILE A 471 -10.94 14.62 -26.63
N GLU A 472 -9.92 15.44 -26.89
CA GLU A 472 -10.10 16.88 -26.89
C GLU A 472 -10.90 17.30 -28.12
N ARG A 473 -11.91 18.16 -27.92
CA ARG A 473 -12.83 18.50 -28.98
C ARG A 473 -13.33 19.93 -28.79
N ASN A 474 -13.59 20.60 -29.92
CA ASN A 474 -14.13 21.96 -29.91
C ASN A 474 -15.66 21.89 -29.98
N GLY A 475 -16.24 21.42 -28.87
CA GLY A 475 -17.68 21.29 -28.79
C GLY A 475 -18.11 21.02 -27.37
N THR A 476 -19.42 21.07 -27.17
CA THR A 476 -20.04 20.84 -25.86
C THR A 476 -20.81 19.52 -25.81
N TYR A 477 -20.44 18.56 -26.66
CA TYR A 477 -21.11 17.28 -26.74
C TYR A 477 -20.35 16.22 -25.96
N LYS A 478 -21.07 15.20 -25.51
CA LYS A 478 -20.46 14.09 -24.80
C LYS A 478 -19.98 13.03 -25.79
N LEU A 479 -18.80 12.50 -25.53
CA LEU A 479 -18.15 11.54 -26.42
C LEU A 479 -18.37 10.12 -25.92
N TYR A 480 -18.89 9.27 -26.79
CA TYR A 480 -19.15 7.87 -26.48
C TYR A 480 -18.34 6.98 -27.41
N ASN A 481 -17.72 5.95 -26.85
CA ASN A 481 -16.92 4.99 -27.62
C ASN A 481 -17.61 3.64 -27.57
N GLY A 482 -17.89 3.08 -28.74
CA GLY A 482 -18.61 1.82 -28.82
C GLY A 482 -17.83 0.69 -29.47
N TYR A 483 -18.24 -0.54 -29.21
CA TYR A 483 -17.59 -1.72 -29.76
C TYR A 483 -18.64 -2.75 -30.13
N GLY A 484 -18.39 -3.48 -31.20
CA GLY A 484 -19.29 -4.52 -31.64
C GLY A 484 -19.00 -5.00 -33.05
N PRO A 485 -19.05 -6.31 -33.26
CA PRO A 485 -18.87 -6.87 -34.60
C PRO A 485 -20.15 -6.72 -35.42
N THR A 486 -20.01 -7.00 -36.72
CA THR A 486 -21.18 -7.00 -37.59
C THR A 486 -22.02 -8.25 -37.38
N GLU A 487 -21.40 -9.34 -36.91
CA GLU A 487 -22.16 -10.55 -36.63
C GLU A 487 -23.15 -10.33 -35.49
N CYS A 488 -22.77 -9.56 -34.49
CA CYS A 488 -23.72 -9.03 -33.52
C CYS A 488 -24.31 -7.73 -34.06
N THR A 489 -25.33 -7.24 -33.37
CA THR A 489 -26.08 -6.08 -33.86
C THR A 489 -25.29 -4.81 -33.57
N ILE A 490 -24.68 -4.24 -34.60
CA ILE A 490 -24.03 -2.93 -34.53
C ILE A 490 -22.95 -2.93 -33.45
N MET A 491 -23.35 -2.77 -32.20
CA MET A 491 -22.42 -2.69 -31.08
C MET A 491 -22.96 -3.48 -29.90
N VAL A 492 -22.05 -3.89 -29.02
CA VAL A 492 -22.43 -4.63 -27.82
C VAL A 492 -21.98 -3.94 -26.54
N THR A 493 -21.02 -3.02 -26.60
CA THR A 493 -20.56 -2.29 -25.41
C THR A 493 -20.47 -0.81 -25.74
N MET A 494 -20.67 0.02 -24.72
CA MET A 494 -20.65 1.46 -24.88
C MET A 494 -19.93 2.09 -23.70
N PHE A 495 -19.16 3.14 -23.97
CA PHE A 495 -18.38 3.82 -22.93
C PHE A 495 -18.44 5.32 -23.17
N GLU A 496 -18.74 6.07 -22.10
CA GLU A 496 -18.71 7.52 -22.15
C GLU A 496 -17.30 7.99 -21.81
N VAL A 497 -16.63 8.63 -22.77
CA VAL A 497 -15.28 9.12 -22.56
C VAL A 497 -15.33 10.35 -21.67
N ASP A 498 -15.02 10.17 -20.39
CA ASP A 498 -15.12 11.24 -19.41
C ASP A 498 -13.79 11.94 -19.15
N LYS A 499 -12.67 11.26 -19.35
CA LYS A 499 -11.35 11.81 -19.04
C LYS A 499 -10.35 11.22 -20.01
N PRO A 500 -9.14 11.77 -20.06
CA PRO A 500 -8.10 11.16 -20.90
C PRO A 500 -7.76 9.75 -20.44
N TYR A 501 -7.56 8.86 -21.41
CA TYR A 501 -7.17 7.48 -21.15
C TYR A 501 -6.02 7.11 -22.07
N ALA A 502 -5.14 6.23 -21.57
CA ALA A 502 -4.13 5.64 -22.43
C ALA A 502 -4.76 4.64 -23.39
N ASN A 503 -5.64 3.78 -22.88
CA ASN A 503 -6.45 2.88 -23.68
C ASN A 503 -7.89 3.10 -23.26
N ILE A 504 -8.63 3.88 -24.05
CA ILE A 504 -10.01 4.22 -23.74
C ILE A 504 -10.85 2.96 -23.72
N PRO A 505 -11.53 2.63 -22.63
CA PRO A 505 -12.30 1.38 -22.57
C PRO A 505 -13.45 1.39 -23.56
N ILE A 506 -13.78 0.20 -24.06
CA ILE A 506 -14.93 0.06 -24.96
C ILE A 506 -16.25 0.07 -24.19
N GLY A 507 -16.22 -0.13 -22.88
CA GLY A 507 -17.37 0.03 -22.03
C GLY A 507 -17.88 -1.27 -21.43
N LYS A 508 -19.14 -1.22 -21.01
CA LYS A 508 -19.87 -2.32 -20.40
C LYS A 508 -20.93 -2.85 -21.35
N PRO A 509 -21.31 -4.12 -21.23
CA PRO A 509 -22.31 -4.69 -22.14
C PRO A 509 -23.65 -3.96 -22.05
N ILE A 510 -24.41 -4.06 -23.13
CA ILE A 510 -25.70 -3.36 -23.24
C ILE A 510 -26.81 -4.27 -22.74
N ASP A 511 -28.05 -3.92 -23.07
CA ASP A 511 -29.20 -4.71 -22.64
C ASP A 511 -29.14 -6.11 -23.24
N ARG A 512 -29.45 -7.11 -22.40
CA ARG A 512 -29.52 -8.51 -22.84
C ARG A 512 -28.23 -8.94 -23.53
N THR A 513 -27.09 -8.54 -22.97
CA THR A 513 -25.79 -8.85 -23.55
C THR A 513 -24.80 -9.08 -22.43
N ARG A 514 -23.99 -10.14 -22.56
CA ARG A 514 -22.95 -10.48 -21.60
C ARG A 514 -21.66 -10.76 -22.35
N ILE A 515 -20.55 -10.28 -21.80
CA ILE A 515 -19.23 -10.40 -22.41
C ILE A 515 -18.36 -11.26 -21.51
N LEU A 516 -17.64 -12.21 -22.12
CA LEU A 516 -16.78 -13.12 -21.39
C LEU A 516 -15.36 -13.05 -21.95
N ILE A 517 -14.39 -13.05 -21.05
CA ILE A 517 -12.97 -13.09 -21.42
C ILE A 517 -12.47 -14.51 -21.14
N LEU A 518 -12.27 -15.29 -22.19
CA LEU A 518 -11.90 -16.69 -22.06
C LEU A 518 -10.50 -16.92 -22.62
N ASP A 519 -9.89 -18.03 -22.22
CA ASP A 519 -8.58 -18.41 -22.71
C ASP A 519 -8.72 -19.37 -23.89
N GLU A 520 -7.62 -20.01 -24.29
CA GLU A 520 -7.68 -20.93 -25.42
C GLU A 520 -8.52 -22.15 -25.11
N ALA A 521 -8.60 -22.56 -23.84
CA ALA A 521 -9.42 -23.70 -23.43
C ALA A 521 -10.86 -23.30 -23.15
N LEU A 522 -11.26 -22.09 -23.53
CA LEU A 522 -12.63 -21.60 -23.33
C LEU A 522 -13.00 -21.54 -21.85
N ALA A 523 -12.02 -21.28 -21.00
CA ALA A 523 -12.21 -21.16 -19.57
C ALA A 523 -12.16 -19.69 -19.14
N LEU A 524 -12.84 -19.38 -18.05
CA LEU A 524 -12.99 -18.00 -17.62
C LEU A 524 -11.67 -17.46 -17.09
N GLN A 525 -11.19 -16.36 -17.68
CA GLN A 525 -10.01 -15.67 -17.22
C GLN A 525 -10.35 -14.75 -16.06
N PRO A 526 -9.42 -14.54 -15.13
CA PRO A 526 -9.67 -13.61 -14.02
C PRO A 526 -9.76 -12.17 -14.51
N ILE A 527 -10.17 -11.30 -13.60
CA ILE A 527 -10.25 -9.87 -13.91
C ILE A 527 -8.85 -9.33 -14.09
N GLY A 528 -8.61 -8.65 -15.23
CA GLY A 528 -7.31 -8.11 -15.55
C GLY A 528 -6.46 -9.00 -16.42
N VAL A 529 -6.79 -10.28 -16.53
CA VAL A 529 -6.05 -11.22 -17.37
C VAL A 529 -6.61 -11.18 -18.77
N ALA A 530 -5.73 -11.05 -19.76
CA ALA A 530 -6.17 -10.92 -21.14
C ALA A 530 -6.66 -12.25 -21.70
N GLY A 531 -7.55 -12.17 -22.68
CA GLY A 531 -8.09 -13.35 -23.32
C GLY A 531 -8.96 -12.93 -24.49
N GLU A 532 -9.57 -13.93 -25.13
CA GLU A 532 -10.43 -13.69 -26.27
C GLU A 532 -11.81 -13.24 -25.81
N LEU A 533 -12.34 -12.20 -26.44
CA LEU A 533 -13.64 -11.67 -26.07
C LEU A 533 -14.74 -12.52 -26.69
N PHE A 534 -15.69 -12.95 -25.86
CA PHE A 534 -16.84 -13.72 -26.31
C PHE A 534 -18.11 -12.93 -26.02
N ILE A 535 -19.09 -13.05 -26.91
CA ILE A 535 -20.32 -12.28 -26.84
C ILE A 535 -21.49 -13.24 -26.69
N VAL A 536 -22.31 -13.01 -25.66
CA VAL A 536 -23.53 -13.77 -25.43
C VAL A 536 -24.67 -12.79 -25.26
N GLY A 537 -25.80 -13.05 -25.91
CA GLY A 537 -26.97 -12.23 -25.75
C GLY A 537 -27.79 -12.17 -27.03
N GLU A 538 -28.73 -11.22 -27.04
CA GLU A 538 -29.68 -11.05 -28.13
C GLU A 538 -29.07 -10.39 -29.36
N GLY A 539 -27.79 -10.00 -29.31
CA GLY A 539 -27.17 -9.39 -30.47
C GLY A 539 -26.68 -10.39 -31.49
N LEU A 540 -26.38 -11.60 -31.06
CA LEU A 540 -25.86 -12.63 -31.96
C LEU A 540 -26.91 -12.99 -33.01
N GLY A 541 -26.59 -12.75 -34.27
CA GLY A 541 -27.49 -13.05 -35.37
C GLY A 541 -27.49 -14.53 -35.70
N ARG A 542 -28.10 -14.84 -36.85
CA ARG A 542 -28.19 -16.24 -37.27
C ARG A 542 -26.84 -16.76 -37.73
N GLY A 543 -26.13 -16.00 -38.54
CA GLY A 543 -24.80 -16.39 -38.97
C GLY A 543 -24.49 -15.84 -40.35
N TYR A 544 -23.70 -16.61 -41.09
CA TYR A 544 -23.28 -16.24 -42.43
C TYR A 544 -24.15 -16.93 -43.48
N LEU A 545 -24.31 -16.27 -44.62
CA LEU A 545 -25.17 -16.78 -45.68
C LEU A 545 -24.42 -17.80 -46.53
N ASN A 546 -24.94 -19.02 -46.59
CA ASN A 546 -24.37 -20.12 -47.38
C ASN A 546 -22.94 -20.46 -46.98
N ARG A 547 -22.56 -20.13 -45.73
CA ARG A 547 -21.25 -20.47 -45.18
C ARG A 547 -21.48 -21.13 -43.82
N PRO A 548 -21.90 -22.39 -43.80
CA PRO A 548 -22.19 -23.04 -42.52
C PRO A 548 -20.95 -23.43 -41.72
N GLU A 549 -19.80 -23.64 -42.38
CA GLU A 549 -18.60 -24.02 -41.67
C GLU A 549 -18.07 -22.85 -40.83
N LEU A 550 -18.00 -21.66 -41.42
CA LEU A 550 -17.53 -20.49 -40.67
C LEU A 550 -18.53 -20.08 -39.60
N THR A 551 -19.81 -20.35 -39.81
CA THR A 551 -20.82 -20.04 -38.80
C THR A 551 -20.62 -20.91 -37.56
N ALA A 552 -20.41 -22.22 -37.76
CA ALA A 552 -20.13 -23.11 -36.65
C ALA A 552 -18.76 -22.87 -36.02
N GLU A 553 -17.86 -22.15 -36.71
CA GLU A 553 -16.54 -21.83 -36.18
C GLU A 553 -16.56 -20.61 -35.27
N LYS A 554 -17.29 -19.56 -35.64
CA LYS A 554 -17.36 -18.35 -34.83
C LYS A 554 -18.54 -18.38 -33.85
N PHE A 555 -19.71 -18.84 -34.30
CA PHE A 555 -20.87 -18.98 -33.42
C PHE A 555 -20.83 -20.39 -32.83
N ILE A 556 -20.28 -20.52 -31.63
CA ILE A 556 -20.17 -21.80 -30.95
C ILE A 556 -21.04 -21.78 -29.71
N VAL A 557 -21.52 -22.96 -29.33
CA VAL A 557 -22.15 -23.17 -28.03
C VAL A 557 -21.07 -23.65 -27.06
N HIS A 558 -21.05 -23.07 -25.87
CA HIS A 558 -19.96 -23.35 -24.94
C HIS A 558 -20.06 -24.79 -24.43
N PRO A 559 -18.93 -25.50 -24.35
CA PRO A 559 -18.99 -26.91 -23.92
C PRO A 559 -19.46 -27.11 -22.49
N GLN A 560 -19.37 -26.09 -21.64
CA GLN A 560 -19.76 -26.21 -20.24
C GLN A 560 -20.97 -25.35 -19.88
N THR A 561 -20.93 -24.06 -20.19
CA THR A 561 -22.04 -23.18 -19.84
C THR A 561 -23.26 -23.40 -20.72
N GLY A 562 -23.09 -24.05 -21.87
CA GLY A 562 -24.23 -24.31 -22.75
C GLY A 562 -24.87 -23.07 -23.32
N GLU A 563 -24.07 -22.09 -23.71
CA GLU A 563 -24.55 -20.84 -24.26
C GLU A 563 -23.92 -20.58 -25.62
N ARG A 564 -24.72 -20.08 -26.56
CA ARG A 564 -24.21 -19.73 -27.87
C ARG A 564 -23.37 -18.46 -27.77
N MET A 565 -22.10 -18.55 -28.14
CA MET A 565 -21.16 -17.44 -28.06
C MET A 565 -20.57 -17.16 -29.44
N TYR A 566 -20.08 -15.93 -29.60
CA TYR A 566 -19.42 -15.51 -30.83
C TYR A 566 -17.95 -15.28 -30.55
N ARG A 567 -17.08 -16.00 -31.27
CA ARG A 567 -15.65 -15.76 -31.21
C ARG A 567 -15.34 -14.46 -31.93
N THR A 568 -14.94 -13.43 -31.19
CA THR A 568 -14.60 -12.16 -31.81
C THR A 568 -13.21 -12.17 -32.44
N GLY A 569 -12.33 -13.06 -32.00
CA GLY A 569 -10.95 -13.01 -32.42
C GLY A 569 -10.18 -11.84 -31.87
N ASP A 570 -10.77 -11.06 -30.97
CA ASP A 570 -10.15 -9.89 -30.38
C ASP A 570 -9.72 -10.19 -28.95
N ARG A 571 -8.61 -9.58 -28.55
CA ARG A 571 -8.09 -9.73 -27.19
C ARG A 571 -8.52 -8.55 -26.34
N ALA A 572 -9.05 -8.84 -25.16
CA ALA A 572 -9.51 -7.81 -24.24
C ALA A 572 -9.39 -8.33 -22.82
N ARG A 573 -9.48 -7.40 -21.86
CA ARG A 573 -9.46 -7.76 -20.45
C ARG A 573 -10.52 -6.94 -19.73
N PHE A 574 -11.02 -7.49 -18.63
CA PHE A 574 -11.96 -6.78 -17.78
C PHE A 574 -11.21 -5.91 -16.78
N LEU A 575 -11.68 -4.69 -16.62
CA LEU A 575 -11.12 -3.76 -15.65
C LEU A 575 -11.91 -3.84 -14.35
N PRO A 576 -11.30 -3.49 -13.21
CA PRO A 576 -12.00 -3.64 -11.92
C PRO A 576 -13.27 -2.81 -11.80
N ASP A 577 -13.43 -1.77 -12.61
CA ASP A 577 -14.64 -0.95 -12.57
C ASP A 577 -15.82 -1.60 -13.26
N GLY A 578 -15.62 -2.73 -13.94
CA GLY A 578 -16.67 -3.38 -14.68
C GLY A 578 -16.64 -3.14 -16.17
N ASN A 579 -15.69 -2.34 -16.67
CA ASN A 579 -15.59 -2.04 -18.08
C ASN A 579 -14.63 -3.00 -18.78
N ILE A 580 -14.71 -3.01 -20.10
CA ILE A 580 -13.82 -3.79 -20.95
C ILE A 580 -12.95 -2.82 -21.73
N GLU A 581 -11.70 -3.24 -21.99
CA GLU A 581 -10.79 -2.44 -22.80
C GLU A 581 -10.23 -3.30 -23.92
N PHE A 582 -10.16 -2.73 -25.11
CA PHE A 582 -9.67 -3.45 -26.27
C PHE A 582 -8.15 -3.51 -26.26
N LEU A 583 -7.59 -4.72 -26.34
CA LEU A 583 -6.15 -4.93 -26.28
C LEU A 583 -5.55 -5.32 -27.62
N GLY A 584 -6.32 -5.34 -28.69
CA GLY A 584 -5.83 -5.70 -30.01
C GLY A 584 -6.38 -7.03 -30.48
N ARG A 585 -6.07 -7.35 -31.74
CA ARG A 585 -6.49 -8.60 -32.34
C ARG A 585 -5.49 -9.70 -32.02
N LEU A 586 -5.99 -10.93 -31.92
CA LEU A 586 -5.18 -12.07 -31.53
C LEU A 586 -4.22 -12.53 -32.62
N ASP A 587 -4.26 -11.93 -33.80
CA ASP A 587 -3.32 -12.27 -34.87
C ASP A 587 -2.37 -11.12 -35.22
N ASN A 588 -2.61 -9.92 -34.69
CA ASN A 588 -1.77 -8.76 -34.96
C ASN A 588 -0.62 -8.62 -33.97
N LEU A 589 -0.32 -9.67 -33.21
CA LEU A 589 0.86 -9.69 -32.35
C LEU A 589 2.08 -10.03 -33.19
N VAL A 590 3.03 -9.11 -33.28
CA VAL A 590 4.22 -9.29 -34.10
C VAL A 590 5.46 -9.27 -33.21
N LYS A 591 6.52 -9.87 -33.72
CA LYS A 591 7.81 -9.93 -33.03
C LYS A 591 8.75 -8.88 -33.61
N ILE A 592 9.22 -7.97 -32.76
CA ILE A 592 10.15 -6.92 -33.16
C ILE A 592 11.38 -7.02 -32.26
N ARG A 593 12.54 -7.27 -32.87
CA ARG A 593 13.81 -7.42 -32.15
C ARG A 593 13.72 -8.52 -31.08
N GLY A 594 12.89 -9.53 -31.33
CA GLY A 594 12.71 -10.62 -30.39
C GLY A 594 11.65 -10.40 -29.33
N TYR A 595 10.89 -9.32 -29.41
CA TYR A 595 9.87 -8.99 -28.42
C TYR A 595 8.50 -8.98 -29.10
N ARG A 596 7.56 -9.73 -28.54
CA ARG A 596 6.19 -9.75 -29.04
C ARG A 596 5.47 -8.49 -28.54
N ILE A 597 5.09 -7.62 -29.47
CA ILE A 597 4.48 -6.34 -29.14
C ILE A 597 3.15 -6.20 -29.87
N GLU A 598 2.35 -5.24 -29.39
CA GLU A 598 1.12 -4.86 -30.07
C GLU A 598 1.33 -3.49 -30.71
N PRO A 599 1.32 -3.38 -32.04
CA PRO A 599 1.58 -2.08 -32.68
C PRO A 599 0.58 -1.00 -32.31
N GLY A 600 -0.63 -1.37 -31.86
CA GLY A 600 -1.60 -0.39 -31.45
C GLY A 600 -1.22 0.40 -30.21
N GLU A 601 -0.25 -0.09 -29.45
CA GLU A 601 0.21 0.60 -28.25
C GLU A 601 1.18 1.73 -28.54
N ILE A 602 1.56 1.93 -29.80
CA ILE A 602 2.51 2.97 -30.18
C ILE A 602 1.76 4.19 -30.68
N GLU A 603 0.60 3.96 -31.30
CA GLU A 603 -0.17 5.05 -31.89
C GLU A 603 -0.58 6.13 -30.92
N PRO A 604 -1.08 5.83 -29.70
CA PRO A 604 -1.49 6.93 -28.81
C PRO A 604 -0.37 7.88 -28.43
N PHE A 605 0.85 7.36 -28.21
CA PHE A 605 1.97 8.25 -27.91
C PHE A 605 2.32 9.12 -29.10
N LEU A 606 2.21 8.57 -30.31
CA LEU A 606 2.55 9.33 -31.51
C LEU A 606 1.52 10.42 -31.80
N MET A 607 0.26 10.18 -31.47
CA MET A 607 -0.77 11.18 -31.69
C MET A 607 -0.79 12.25 -30.62
N ASN A 608 -0.14 12.01 -29.47
CA ASN A 608 0.03 13.05 -28.46
C ASN A 608 0.99 14.13 -28.90
N HIS A 609 1.70 13.93 -30.01
CA HIS A 609 2.57 14.96 -30.55
C HIS A 609 1.73 16.19 -30.92
N PRO A 610 2.20 17.40 -30.61
CA PRO A 610 1.38 18.60 -30.86
C PRO A 610 1.04 18.84 -32.32
N LEU A 611 1.66 18.13 -33.26
CA LEU A 611 1.39 18.32 -34.68
C LEU A 611 0.62 17.18 -35.32
N ILE A 612 0.64 15.99 -34.74
CA ILE A 612 0.01 14.82 -35.33
C ILE A 612 -1.44 14.75 -34.87
N GLU A 613 -2.35 14.61 -35.83
CA GLU A 613 -3.78 14.48 -35.55
C GLU A 613 -4.30 13.07 -35.74
N LEU A 614 -3.79 12.34 -36.74
CA LEU A 614 -4.12 10.94 -36.97
C LEU A 614 -2.84 10.14 -37.09
N THR A 615 -2.91 8.87 -36.70
CA THR A 615 -1.75 7.99 -36.79
C THR A 615 -2.20 6.55 -36.91
N THR A 616 -1.33 5.73 -37.49
CA THR A 616 -1.58 4.30 -37.65
C THR A 616 -0.24 3.60 -37.83
N VAL A 617 0.04 2.62 -36.98
CA VAL A 617 1.31 1.89 -37.01
C VAL A 617 1.06 0.49 -37.56
N LEU A 618 1.72 0.17 -38.66
CA LEU A 618 1.65 -1.15 -39.26
C LEU A 618 2.95 -1.91 -39.04
N ALA A 619 2.89 -3.23 -39.20
CA ALA A 619 4.02 -4.12 -38.99
C ALA A 619 4.23 -4.92 -40.27
N LYS A 620 4.94 -4.33 -41.23
CA LYS A 620 5.25 -5.00 -42.48
C LYS A 620 6.48 -5.90 -42.32
N GLU A 621 6.81 -6.63 -43.38
CA GLU A 621 7.91 -7.57 -43.36
C GLU A 621 8.64 -7.52 -44.70
N GLN A 622 9.81 -8.13 -44.74
CA GLN A 622 10.59 -8.29 -45.96
C GLN A 622 10.63 -9.77 -46.33
N ALA A 623 11.30 -10.06 -47.45
CA ALA A 623 11.39 -11.44 -47.91
C ALA A 623 12.20 -12.32 -46.97
N ASP A 624 13.14 -11.72 -46.22
CA ASP A 624 13.98 -12.49 -45.31
C ASP A 624 13.21 -13.00 -44.10
N GLY A 625 12.04 -12.42 -43.81
CA GLY A 625 11.18 -12.87 -42.73
C GLY A 625 11.05 -11.88 -41.59
N ARG A 626 12.08 -11.06 -41.36
CA ARG A 626 12.06 -10.10 -40.28
C ARG A 626 10.98 -9.04 -40.53
N LYS A 627 10.42 -8.53 -39.43
CA LYS A 627 9.33 -7.57 -39.49
C LYS A 627 9.82 -6.20 -39.01
N TYR A 628 9.25 -5.15 -39.59
CA TYR A 628 9.61 -3.78 -39.25
C TYR A 628 8.35 -2.95 -39.08
N LEU A 629 8.40 -2.02 -38.13
CA LEU A 629 7.25 -1.18 -37.80
C LEU A 629 7.31 0.12 -38.59
N VAL A 630 6.18 0.50 -39.18
CA VAL A 630 6.05 1.74 -39.96
C VAL A 630 5.01 2.61 -39.29
N GLY A 631 5.40 3.85 -39.00
CA GLY A 631 4.50 4.78 -38.34
C GLY A 631 3.91 5.83 -39.26
N TYR A 632 2.69 5.61 -39.73
CA TYR A 632 2.01 6.58 -40.57
C TYR A 632 1.34 7.64 -39.70
N TYR A 633 1.46 8.90 -40.10
CA TYR A 633 0.90 10.00 -39.33
C TYR A 633 0.38 11.09 -40.26
N VAL A 634 -0.71 11.73 -39.86
CA VAL A 634 -1.29 12.86 -40.58
C VAL A 634 -0.96 14.13 -39.81
N ALA A 635 -0.18 15.00 -40.42
CA ALA A 635 0.26 16.25 -39.82
C ALA A 635 0.19 17.34 -40.87
N PRO A 636 0.16 18.61 -40.46
CA PRO A 636 0.17 19.69 -41.46
C PRO A 636 1.38 19.66 -42.38
N GLU A 637 2.56 19.38 -41.83
CA GLU A 637 3.77 19.21 -42.62
C GLU A 637 4.53 18.01 -42.10
N GLU A 638 5.57 17.62 -42.83
CA GLU A 638 6.38 16.50 -42.42
C GLU A 638 7.16 16.83 -41.15
N ILE A 639 7.35 15.82 -40.31
CA ILE A 639 8.09 15.97 -39.06
C ILE A 639 9.42 15.24 -39.22
N PRO A 640 10.54 15.84 -38.81
CA PRO A 640 11.84 15.18 -38.98
C PRO A 640 11.88 13.82 -38.28
N HIS A 641 12.67 12.91 -38.85
CA HIS A 641 12.74 11.55 -38.34
C HIS A 641 13.27 11.52 -36.91
N GLY A 642 14.26 12.36 -36.61
CA GLY A 642 14.83 12.39 -35.27
C GLY A 642 13.86 12.88 -34.21
N GLU A 643 12.93 13.76 -34.59
CA GLU A 643 11.96 14.26 -33.63
C GLU A 643 10.98 13.17 -33.22
N LEU A 644 10.47 12.40 -34.19
CA LEU A 644 9.56 11.31 -33.86
C LEU A 644 10.27 10.20 -33.09
N ARG A 645 11.56 10.00 -33.35
CA ARG A 645 12.33 9.03 -32.57
C ARG A 645 12.53 9.51 -31.14
N GLU A 646 12.72 10.82 -30.95
CA GLU A 646 12.92 11.37 -29.61
C GLU A 646 11.60 11.48 -28.85
N TRP A 647 10.51 11.83 -29.54
CA TRP A 647 9.22 11.96 -28.88
C TRP A 647 8.74 10.63 -28.31
N LEU A 648 8.96 9.53 -29.05
CA LEU A 648 8.58 8.22 -28.57
C LEU A 648 9.61 7.62 -27.62
N GLY A 649 10.85 8.10 -27.66
CA GLY A 649 11.87 7.63 -26.74
C GLY A 649 11.66 8.06 -25.30
N ASN A 650 10.68 8.92 -25.04
CA ASN A 650 10.39 9.36 -23.68
C ASN A 650 9.53 8.37 -22.92
N ASP A 651 8.78 7.51 -23.61
CA ASP A 651 7.86 6.58 -22.96
C ASP A 651 7.93 5.16 -23.50
N LEU A 652 8.71 4.90 -24.54
CA LEU A 652 8.72 3.60 -25.19
C LEU A 652 10.15 3.13 -25.41
N PRO A 653 10.36 1.82 -25.48
CA PRO A 653 11.69 1.28 -25.75
C PRO A 653 12.06 1.46 -27.22
N ASP A 654 13.23 0.93 -27.59
CA ASP A 654 13.73 1.11 -28.95
C ASP A 654 12.96 0.27 -29.95
N TYR A 655 12.68 -0.99 -29.62
CA TYR A 655 11.99 -1.86 -30.57
C TYR A 655 10.55 -1.43 -30.80
N MET A 656 9.96 -0.69 -29.86
CA MET A 656 8.62 -0.16 -30.06
C MET A 656 8.61 1.17 -30.80
N ILE A 657 9.78 1.76 -31.07
CA ILE A 657 9.87 2.92 -31.93
C ILE A 657 9.89 2.42 -33.38
N PRO A 658 8.99 2.89 -34.24
CA PRO A 658 8.95 2.39 -35.61
C PRO A 658 10.26 2.65 -36.35
N THR A 659 10.60 1.73 -37.26
CA THR A 659 11.83 1.86 -38.02
C THR A 659 11.75 3.04 -38.99
N TYR A 660 10.62 3.21 -39.66
CA TYR A 660 10.42 4.32 -40.59
C TYR A 660 9.13 5.04 -40.27
N PHE A 661 9.06 6.31 -40.63
CA PHE A 661 7.87 7.12 -40.48
C PHE A 661 7.47 7.71 -41.84
N VAL A 662 6.17 7.71 -42.11
CA VAL A 662 5.63 8.19 -43.37
C VAL A 662 4.63 9.30 -43.08
N HIS A 663 4.83 10.45 -43.70
CA HIS A 663 3.91 11.57 -43.53
C HIS A 663 2.74 11.45 -44.50
N MET A 664 1.55 11.74 -44.02
CA MET A 664 0.33 11.67 -44.81
C MET A 664 -0.45 12.98 -44.68
N LYS A 665 -1.20 13.31 -45.72
CA LYS A 665 -2.08 14.48 -45.66
C LYS A 665 -3.51 14.09 -45.29
N ALA A 666 -3.92 12.88 -45.62
CA ALA A 666 -5.24 12.37 -45.25
C ALA A 666 -5.20 10.85 -45.35
N PHE A 667 -5.65 10.17 -44.31
CA PHE A 667 -5.63 8.72 -44.30
C PHE A 667 -6.66 8.19 -45.29
N PRO A 668 -6.30 7.23 -46.14
CA PRO A 668 -7.28 6.65 -47.06
C PRO A 668 -8.26 5.76 -46.30
N LEU A 669 -9.54 6.09 -46.42
CA LEU A 669 -10.60 5.33 -45.78
C LEU A 669 -11.21 4.35 -46.76
N THR A 670 -11.55 3.16 -46.27
CA THR A 670 -12.34 2.24 -47.08
C THR A 670 -13.73 2.81 -47.28
N ALA A 671 -14.52 2.13 -48.11
CA ALA A 671 -15.90 2.58 -48.32
C ALA A 671 -16.78 2.31 -47.11
N ASN A 672 -16.20 1.88 -45.99
CA ASN A 672 -16.96 1.44 -44.84
C ASN A 672 -16.67 2.21 -43.56
N GLY A 673 -15.83 3.24 -43.60
CA GLY A 673 -15.52 4.04 -42.42
C GLY A 673 -14.21 3.69 -41.75
N LYS A 674 -13.57 2.59 -42.13
CA LYS A 674 -12.29 2.20 -41.55
C LYS A 674 -11.14 2.74 -42.38
N VAL A 675 -9.97 2.82 -41.75
CA VAL A 675 -8.76 3.28 -42.42
C VAL A 675 -8.23 2.16 -43.30
N ASP A 676 -8.07 2.44 -44.58
CA ASP A 676 -7.58 1.46 -45.55
C ASP A 676 -6.12 1.16 -45.25
N ARG A 677 -5.86 0.04 -44.58
CA ARG A 677 -4.51 -0.28 -44.13
C ARG A 677 -3.63 -0.75 -45.29
N ARG A 678 -4.21 -1.40 -46.29
CA ARG A 678 -3.45 -1.84 -47.45
C ARG A 678 -3.34 -0.78 -48.54
N ALA A 679 -3.91 0.41 -48.31
CA ALA A 679 -3.73 1.54 -49.20
C ALA A 679 -2.68 2.52 -48.69
N LEU A 680 -2.09 2.24 -47.52
CA LEU A 680 -1.03 3.10 -47.00
C LEU A 680 0.26 2.86 -47.78
N PRO A 681 1.00 3.93 -48.10
CA PRO A 681 2.20 3.79 -48.94
C PRO A 681 3.27 2.94 -48.26
N ASP A 682 3.66 1.86 -48.94
CA ASP A 682 4.76 1.04 -48.45
C ASP A 682 6.07 1.80 -48.58
N VAL A 683 6.97 1.57 -47.62
CA VAL A 683 8.22 2.32 -47.58
C VAL A 683 9.12 1.90 -48.75
N GLN A 684 9.83 2.88 -49.31
CA GLN A 684 10.76 2.59 -50.40
C GLN A 684 11.99 1.87 -49.89
N ALA A 685 12.59 2.37 -48.81
CA ALA A 685 13.79 1.78 -48.23
C ALA A 685 13.38 0.59 -47.37
N ASP A 686 13.04 -0.51 -48.04
CA ASP A 686 12.62 -1.75 -47.40
C ASP A 686 13.63 -2.87 -47.63
N ALA A 687 14.92 -2.54 -47.54
CA ALA A 687 15.97 -3.54 -47.71
C ALA A 687 16.87 -3.57 -46.48
N GLU A 688 16.30 -3.92 -45.33
CA GLU A 688 17.03 -3.96 -44.06
C GLU A 688 17.70 -2.62 -43.75
N LEU A 689 17.08 -1.53 -44.19
CA LEU A 689 17.65 -0.21 -43.99
C LEU A 689 17.46 0.23 -42.54
N LEU A 690 18.49 0.87 -41.99
CA LEU A 690 18.50 1.26 -40.58
C LEU A 690 18.17 2.74 -40.40
N GLY A 691 17.06 3.17 -41.01
CA GLY A 691 16.61 4.54 -40.83
C GLY A 691 17.62 5.54 -41.35
N GLU A 692 17.98 6.50 -40.50
CA GLU A 692 18.99 7.49 -40.86
C GLU A 692 19.98 7.80 -39.75
N ASP A 693 19.64 7.55 -38.48
CA ASP A 693 20.59 7.74 -37.39
C ASP A 693 21.79 6.80 -37.48
N TYR A 694 21.75 5.83 -38.39
CA TYR A 694 22.83 4.87 -38.54
C TYR A 694 24.05 5.55 -39.16
N VAL A 695 25.17 5.54 -38.43
CA VAL A 695 26.45 6.01 -38.93
C VAL A 695 27.36 4.79 -39.00
N ALA A 696 27.75 4.41 -40.22
CA ALA A 696 28.51 3.19 -40.41
C ALA A 696 29.90 3.30 -39.79
N PRO A 697 30.48 2.18 -39.36
CA PRO A 697 31.85 2.22 -38.84
C PRO A 697 32.83 2.68 -39.92
N THR A 698 33.75 3.56 -39.53
CA THR A 698 34.67 4.20 -40.46
C THR A 698 36.09 3.66 -40.37
N ASP A 699 36.36 2.73 -39.47
CA ASP A 699 37.70 2.17 -39.31
C ASP A 699 37.57 0.71 -38.88
N GLU A 700 38.71 0.09 -38.54
CA GLU A 700 38.71 -1.31 -38.16
C GLU A 700 38.33 -1.51 -36.69
N LEU A 701 38.57 -0.51 -35.84
CA LEU A 701 38.20 -0.63 -34.43
C LEU A 701 36.71 -0.39 -34.23
N GLU A 702 36.13 0.57 -34.96
CA GLU A 702 34.69 0.78 -34.90
C GLU A 702 33.93 -0.43 -35.46
N GLN A 703 34.48 -1.08 -36.48
CA GLN A 703 33.88 -2.31 -36.99
C GLN A 703 34.03 -3.44 -35.97
N GLN A 704 35.19 -3.53 -35.32
CA GLN A 704 35.41 -4.56 -34.31
C GLN A 704 34.52 -4.34 -33.09
N LEU A 705 34.31 -3.08 -32.71
CA LEU A 705 33.41 -2.78 -31.60
C LEU A 705 31.96 -2.99 -31.98
N ALA A 706 31.61 -2.76 -33.25
CA ALA A 706 30.23 -2.95 -33.69
C ALA A 706 29.87 -4.44 -33.74
N GLN A 707 30.84 -5.30 -34.03
CA GLN A 707 30.57 -6.73 -34.04
C GLN A 707 30.44 -7.28 -32.62
N VAL A 708 31.25 -6.76 -31.69
CA VAL A 708 31.12 -7.14 -30.29
C VAL A 708 29.79 -6.66 -29.73
N TRP A 709 29.39 -5.44 -30.09
CA TRP A 709 28.08 -4.94 -29.69
C TRP A 709 26.95 -5.76 -30.31
N SER A 710 27.14 -6.24 -31.54
CA SER A 710 26.14 -7.06 -32.19
C SER A 710 26.03 -8.43 -31.53
N HIS A 711 27.14 -8.96 -31.02
CA HIS A 711 27.11 -10.26 -30.35
C HIS A 711 26.44 -10.16 -28.98
N VAL A 712 26.72 -9.09 -28.23
CA VAL A 712 26.19 -8.96 -26.88
C VAL A 712 24.73 -8.54 -26.91
N LEU A 713 24.38 -7.57 -27.76
CA LEU A 713 23.03 -7.04 -27.79
C LEU A 713 22.11 -7.77 -28.77
N GLY A 714 22.66 -8.51 -29.73
CA GLY A 714 21.84 -9.23 -30.67
C GLY A 714 21.22 -8.38 -31.76
N ILE A 715 21.84 -7.26 -32.09
CA ILE A 715 21.33 -6.32 -33.09
C ILE A 715 22.27 -6.37 -34.29
N PRO A 716 21.76 -6.55 -35.51
CA PRO A 716 22.65 -6.63 -36.68
C PRO A 716 23.01 -5.25 -37.21
N GLN A 717 24.28 -5.10 -37.59
CA GLN A 717 24.82 -3.85 -38.12
C GLN A 717 24.60 -2.69 -37.16
N MET A 718 25.44 -2.59 -36.13
CA MET A 718 25.32 -1.50 -35.17
C MET A 718 25.97 -0.23 -35.72
N GLY A 719 25.41 0.91 -35.33
CA GLY A 719 25.98 2.18 -35.69
C GLY A 719 26.91 2.73 -34.61
N ILE A 720 27.81 3.62 -35.02
CA ILE A 720 28.76 4.19 -34.07
C ILE A 720 28.12 5.21 -33.14
N ASP A 721 26.89 5.61 -33.41
CA ASP A 721 26.16 6.52 -32.53
C ASP A 721 25.07 5.83 -31.73
N ASP A 722 24.93 4.51 -31.86
CA ASP A 722 23.91 3.79 -31.10
C ASP A 722 24.27 3.77 -29.62
N HIS A 723 23.30 4.10 -28.78
CA HIS A 723 23.51 4.11 -27.34
C HIS A 723 23.35 2.70 -26.78
N PHE A 724 24.29 2.29 -25.93
CA PHE A 724 24.29 0.93 -25.42
C PHE A 724 23.06 0.65 -24.55
N LEU A 725 22.79 1.53 -23.58
CA LEU A 725 21.66 1.31 -22.68
C LEU A 725 20.32 1.50 -23.39
N GLU A 726 20.29 2.30 -24.47
CA GLU A 726 19.04 2.52 -25.19
C GLU A 726 18.64 1.35 -26.07
N ARG A 727 19.60 0.48 -26.44
CA ARG A 727 19.29 -0.63 -27.31
C ARG A 727 19.45 -1.97 -26.59
N GLY A 728 18.86 -2.09 -25.41
CA GLY A 728 18.88 -3.33 -24.66
C GLY A 728 20.04 -3.51 -23.72
N GLY A 729 20.86 -2.49 -23.50
CA GLY A 729 22.01 -2.60 -22.63
C GLY A 729 21.66 -2.84 -21.18
N ASP A 730 22.30 -3.83 -20.57
CA ASP A 730 22.06 -4.20 -19.19
C ASP A 730 23.40 -4.30 -18.47
N SER A 731 23.34 -4.45 -17.14
CA SER A 731 24.57 -4.59 -16.37
C SER A 731 25.32 -5.86 -16.76
N ILE A 732 24.59 -6.96 -16.93
CA ILE A 732 25.22 -8.21 -17.38
C ILE A 732 25.80 -8.04 -18.78
N LYS A 733 25.09 -7.29 -19.63
CA LYS A 733 25.58 -7.06 -20.98
C LYS A 733 26.75 -6.09 -21.04
N VAL A 734 26.92 -5.25 -20.02
CA VAL A 734 28.12 -4.42 -19.94
C VAL A 734 29.33 -5.28 -19.59
N MET A 735 29.16 -6.21 -18.65
CA MET A 735 30.24 -7.13 -18.33
C MET A 735 30.55 -8.08 -19.48
N GLN A 736 29.53 -8.44 -20.27
CA GLN A 736 29.76 -9.25 -21.46
C GLN A 736 30.56 -8.48 -22.51
N LEU A 737 30.30 -7.18 -22.63
CA LEU A 737 31.08 -6.34 -23.52
C LEU A 737 32.53 -6.25 -23.05
N ILE A 738 32.74 -6.16 -21.74
CA ILE A 738 34.10 -6.06 -21.21
C ILE A 738 34.85 -7.37 -21.45
N HIS A 739 34.22 -8.50 -21.17
CA HIS A 739 34.87 -9.79 -21.37
C HIS A 739 35.13 -10.06 -22.85
N GLN A 740 34.21 -9.63 -23.72
CA GLN A 740 34.40 -9.84 -25.15
C GLN A 740 35.52 -8.96 -25.70
N LEU A 741 35.80 -7.84 -25.03
CA LEU A 741 36.92 -6.99 -25.41
C LEU A 741 38.23 -7.47 -24.82
N LYS A 742 38.18 -8.25 -23.74
CA LYS A 742 39.40 -8.80 -23.15
C LYS A 742 40.05 -9.81 -24.10
N ASN A 743 39.24 -10.58 -24.82
CA ASN A 743 39.80 -11.50 -25.82
C ASN A 743 40.41 -10.74 -26.99
N ILE A 744 39.85 -9.58 -27.34
CA ILE A 744 40.44 -8.74 -28.36
C ILE A 744 41.78 -8.17 -27.87
N GLY A 745 41.86 -7.85 -26.58
CA GLY A 745 43.05 -7.25 -26.00
C GLY A 745 42.85 -5.87 -25.42
N LEU A 746 41.62 -5.37 -25.40
CA LEU A 746 41.34 -4.02 -24.93
C LEU A 746 40.74 -4.08 -23.52
N SER A 747 41.23 -3.21 -22.64
CA SER A 747 40.72 -3.11 -21.28
C SER A 747 39.68 -2.00 -21.21
N LEU A 748 38.48 -2.34 -20.72
CA LEU A 748 37.42 -1.37 -20.52
C LEU A 748 36.87 -1.54 -19.11
N ARG A 749 36.84 -0.44 -18.35
CA ARG A 749 36.29 -0.49 -17.01
C ARG A 749 34.76 -0.42 -17.05
N TYR A 750 34.14 -0.79 -15.93
CA TYR A 750 32.68 -0.80 -15.86
C TYR A 750 32.12 0.61 -15.90
N ASP A 751 32.79 1.57 -15.24
CA ASP A 751 32.30 2.94 -15.21
C ASP A 751 32.52 3.66 -16.54
N GLN A 752 33.55 3.24 -17.29
CA GLN A 752 33.87 3.93 -18.54
C GLN A 752 32.83 3.68 -19.63
N LEU A 753 32.02 2.63 -19.51
CA LEU A 753 30.96 2.41 -20.49
C LEU A 753 29.85 3.43 -20.34
N PHE A 754 29.56 3.87 -19.10
CA PHE A 754 28.53 4.87 -18.88
C PHE A 754 28.98 6.27 -19.26
N THR A 755 30.29 6.51 -19.33
CA THR A 755 30.81 7.77 -19.84
C THR A 755 31.09 7.73 -21.34
N HIS A 756 31.14 6.54 -21.94
CA HIS A 756 31.30 6.37 -23.38
C HIS A 756 30.28 5.35 -23.87
N PRO A 757 29.00 5.73 -23.91
CA PRO A 757 27.94 4.77 -24.23
C PRO A 757 27.74 4.51 -25.71
N THR A 758 28.60 5.04 -26.59
CA THR A 758 28.49 4.81 -28.02
C THR A 758 29.83 4.27 -28.54
N ILE A 759 29.77 3.66 -29.72
CA ILE A 759 30.98 3.16 -30.35
C ILE A 759 31.88 4.31 -30.78
N ARG A 760 31.29 5.46 -31.11
CA ARG A 760 32.08 6.64 -31.47
C ARG A 760 32.97 7.07 -30.30
N GLN A 761 32.42 7.04 -29.09
CA GLN A 761 33.19 7.43 -27.91
C GLN A 761 34.08 6.31 -27.40
N LEU A 762 33.66 5.06 -27.58
CA LEU A 762 34.48 3.93 -27.11
C LEU A 762 35.78 3.82 -27.89
N LYS A 763 35.76 4.14 -29.18
CA LYS A 763 36.99 4.11 -29.97
C LYS A 763 37.99 5.15 -29.46
N ARG A 764 37.52 6.37 -29.19
CA ARG A 764 38.41 7.41 -28.68
C ARG A 764 39.00 7.06 -27.33
N LEU A 765 38.35 6.17 -26.57
CA LEU A 765 38.89 5.71 -25.30
C LEU A 765 39.85 4.53 -25.47
N LEU A 766 39.64 3.71 -26.49
CA LEU A 766 40.48 2.55 -26.75
C LEU A 766 41.64 2.85 -27.69
N THR A 767 41.78 4.09 -28.14
CA THR A 767 42.94 4.46 -28.96
C THR A 767 44.23 4.36 -28.15
N GLU A 768 44.29 5.04 -27.01
CA GLU A 768 45.44 4.94 -26.13
C GLU A 768 45.58 3.57 -25.49
N GLN A 769 44.47 2.83 -25.36
CA GLN A 769 44.52 1.49 -24.80
C GLN A 769 45.34 0.56 -25.68
N LYS A 770 46.18 -0.26 -25.04
CA LYS A 770 47.04 -1.18 -25.75
C LYS A 770 46.23 -2.31 -26.39
N GLN A 771 46.81 -2.96 -27.39
CA GLN A 771 46.15 -4.06 -28.07
C GLN A 771 46.43 -5.39 -27.40
N VAL A 772 46.80 -6.40 -28.20
CA VAL A 772 46.97 -7.77 -27.74
C VAL A 772 47.95 -7.83 -26.56
N ASN A 773 47.42 -8.11 -25.38
CA ASN A 773 48.23 -8.29 -24.18
C ASN A 773 47.85 -9.50 -23.33
N GLY A 774 46.68 -10.11 -23.52
CA GLY A 774 46.33 -11.23 -22.66
C GLY A 774 46.09 -10.85 -21.21
N LEU A 775 45.45 -9.71 -20.96
CA LEU A 775 45.22 -9.25 -19.60
C LEU A 775 44.49 -10.30 -18.77
N LEU A 776 43.66 -11.12 -19.40
CA LEU A 776 42.86 -12.13 -18.71
C LEU A 776 43.65 -13.41 -18.63
N GLU A 777 43.70 -13.99 -17.43
CA GLU A 777 44.39 -15.26 -17.29
C GLU A 777 43.39 -16.38 -17.04
N PRO A 778 43.61 -17.57 -17.61
CA PRO A 778 42.66 -18.66 -17.45
C PRO A 778 42.66 -19.21 -16.04
N LEU A 779 41.48 -19.62 -15.58
CA LEU A 779 41.34 -20.21 -14.26
C LEU A 779 42.03 -21.57 -14.24
N ARG A 780 43.02 -21.73 -13.36
CA ARG A 780 43.78 -22.96 -13.27
C ARG A 780 42.97 -24.02 -12.53
N GLU A 781 42.75 -25.16 -13.16
CA GLU A 781 42.01 -26.25 -12.53
C GLU A 781 42.88 -26.91 -11.46
N LEU A 782 42.36 -26.98 -10.23
CA LEU A 782 43.08 -27.60 -9.14
C LEU A 782 43.26 -29.10 -9.39
N ASP A 783 44.35 -29.64 -8.86
CA ASP A 783 44.60 -31.06 -8.93
C ASP A 783 43.78 -31.79 -7.87
N GLU A 784 43.73 -33.11 -7.99
CA GLU A 784 42.87 -33.92 -7.13
C GLU A 784 43.45 -34.00 -5.71
N GLN A 785 42.62 -33.65 -4.73
CA GLN A 785 42.99 -33.70 -3.33
C GLN A 785 41.89 -34.41 -2.55
N ALA A 786 42.18 -34.68 -1.27
CA ALA A 786 41.16 -35.25 -0.39
C ALA A 786 40.13 -34.20 0.01
N GLU A 787 40.60 -33.02 0.42
CA GLU A 787 39.74 -31.90 0.78
C GLU A 787 40.19 -30.68 0.00
N TYR A 788 39.22 -29.86 -0.40
CA TYR A 788 39.48 -28.64 -1.16
C TYR A 788 39.17 -27.42 -0.31
N GLU A 789 39.57 -26.25 -0.82
CA GLU A 789 39.34 -25.00 -0.12
C GLU A 789 37.93 -24.48 -0.38
N THR A 790 37.38 -23.82 0.62
CA THR A 790 36.07 -23.17 0.51
C THR A 790 36.25 -21.68 0.29
N SER A 791 35.27 -21.07 -0.37
CA SER A 791 35.32 -19.64 -0.65
C SER A 791 34.90 -18.85 0.59
N ALA A 792 34.98 -17.52 0.49
CA ALA A 792 34.60 -16.68 1.60
C ALA A 792 33.10 -16.72 1.85
N VAL A 793 32.30 -16.75 0.77
CA VAL A 793 30.86 -16.83 0.94
C VAL A 793 30.43 -18.20 1.42
N GLU A 794 31.15 -19.26 1.02
CA GLU A 794 30.85 -20.59 1.52
C GLU A 794 31.14 -20.70 3.01
N LYS A 795 32.18 -20.01 3.49
CA LYS A 795 32.47 -20.01 4.92
C LYS A 795 31.39 -19.25 5.69
N ARG A 796 30.88 -18.15 5.12
CA ARG A 796 29.79 -17.43 5.77
C ARG A 796 28.52 -18.26 5.84
N MET A 797 28.08 -18.78 4.69
CA MET A 797 26.87 -19.60 4.66
C MET A 797 26.98 -20.81 5.59
N TYR A 798 28.19 -21.36 5.73
CA TYR A 798 28.39 -22.42 6.71
C TYR A 798 28.16 -21.90 8.12
N ILE A 799 28.81 -20.77 8.46
CA ILE A 799 28.68 -20.20 9.80
C ILE A 799 27.23 -19.83 10.09
N ILE A 800 26.51 -19.35 9.08
CA ILE A 800 25.11 -18.97 9.27
C ILE A 800 24.30 -20.19 9.68
N GLN A 801 24.44 -21.30 8.95
CA GLN A 801 23.68 -22.51 9.23
C GLN A 801 24.06 -23.16 10.55
N GLN A 802 25.16 -22.75 11.17
CA GLN A 802 25.60 -23.38 12.41
C GLN A 802 24.99 -22.76 13.66
N GLN A 803 24.57 -21.50 13.60
CA GLN A 803 23.93 -20.91 14.78
C GLN A 803 22.59 -21.59 15.08
N ASP A 804 21.92 -22.10 14.06
CA ASP A 804 20.71 -22.90 14.22
C ASP A 804 20.78 -24.00 13.17
N VAL A 805 21.25 -25.18 13.58
CA VAL A 805 21.45 -26.28 12.65
C VAL A 805 20.16 -26.80 12.06
N GLU A 806 19.01 -26.39 12.60
CA GLU A 806 17.71 -26.82 12.11
C GLU A 806 16.94 -25.68 11.44
N SER A 807 17.65 -24.69 10.92
CA SER A 807 17.02 -23.53 10.29
C SER A 807 16.89 -23.73 8.79
N ILE A 808 15.77 -23.28 8.24
CA ILE A 808 15.52 -23.31 6.81
C ILE A 808 15.54 -21.90 6.23
N ALA A 809 16.10 -20.94 6.96
CA ALA A 809 16.08 -19.55 6.53
C ALA A 809 16.86 -19.33 5.23
N TYR A 810 17.80 -20.21 4.91
CA TYR A 810 18.58 -20.09 3.69
C TYR A 810 18.33 -21.27 2.74
N ASN A 811 17.14 -21.86 2.83
CA ASN A 811 16.72 -22.86 1.86
C ASN A 811 16.10 -22.16 0.65
N VAL A 812 16.41 -22.67 -0.54
CA VAL A 812 15.96 -22.08 -1.79
C VAL A 812 14.98 -23.05 -2.43
N VAL A 813 13.70 -22.69 -2.46
CA VAL A 813 12.64 -23.56 -2.95
C VAL A 813 12.00 -22.89 -4.17
N TYR A 814 11.91 -23.64 -5.27
CA TYR A 814 11.25 -23.19 -6.48
C TYR A 814 10.24 -24.25 -6.93
N THR A 815 9.25 -23.80 -7.70
CA THR A 815 8.21 -24.67 -8.23
C THR A 815 7.95 -24.34 -9.69
N ILE A 816 7.79 -25.38 -10.50
CA ILE A 816 7.43 -25.25 -11.91
C ILE A 816 6.21 -26.11 -12.16
N ASN A 817 5.22 -25.55 -12.85
CA ASN A 817 3.99 -26.27 -13.17
C ASN A 817 4.09 -26.79 -14.60
N PHE A 818 4.24 -28.12 -14.75
CA PHE A 818 4.31 -28.81 -16.01
C PHE A 818 2.95 -29.40 -16.38
N PRO A 819 2.68 -29.56 -17.67
CA PRO A 819 1.46 -30.27 -18.09
C PRO A 819 1.56 -31.75 -17.72
N LEU A 820 0.38 -32.37 -17.57
CA LEU A 820 0.31 -33.78 -17.20
C LEU A 820 0.89 -34.71 -18.25
N THR A 821 1.20 -34.21 -19.46
CA THR A 821 1.77 -35.03 -20.51
C THR A 821 3.26 -35.27 -20.35
N VAL A 822 3.91 -34.57 -19.42
CA VAL A 822 5.34 -34.75 -19.21
C VAL A 822 5.58 -35.98 -18.34
N ASP A 823 6.58 -36.77 -18.69
CA ASP A 823 6.92 -37.96 -17.92
C ASP A 823 7.62 -37.54 -16.63
N THR A 824 7.09 -38.00 -15.49
CA THR A 824 7.68 -37.64 -14.20
C THR A 824 9.09 -38.20 -14.06
N GLU A 825 9.29 -39.47 -14.45
CA GLU A 825 10.61 -40.07 -14.33
C GLU A 825 11.62 -39.42 -15.28
N GLN A 826 11.15 -38.88 -16.40
CA GLN A 826 12.05 -38.16 -17.31
C GLN A 826 12.65 -36.94 -16.63
N ILE A 827 11.86 -36.26 -15.80
CA ILE A 827 12.38 -35.10 -15.06
C ILE A 827 13.40 -35.56 -14.03
N ARG A 828 13.13 -36.68 -13.36
CA ARG A 828 14.06 -37.18 -12.34
C ARG A 828 15.40 -37.58 -12.97
N VAL A 829 15.36 -38.24 -14.12
CA VAL A 829 16.59 -38.63 -14.80
C VAL A 829 17.39 -37.39 -15.19
N ALA A 830 16.71 -36.37 -15.71
CA ALA A 830 17.39 -35.13 -16.06
C ALA A 830 18.01 -34.46 -14.84
N LEU A 831 17.32 -34.53 -13.70
CA LEU A 831 17.87 -33.98 -12.47
C LEU A 831 19.07 -34.79 -11.98
N GLU A 832 18.99 -36.12 -12.08
CA GLU A 832 20.12 -36.95 -11.70
C GLU A 832 21.30 -36.77 -12.65
N GLN A 833 21.07 -36.34 -13.88
CA GLN A 833 22.16 -35.99 -14.77
C GLN A 833 22.82 -34.68 -14.34
N LEU A 834 22.03 -33.74 -13.81
CA LEU A 834 22.60 -32.49 -13.31
C LEU A 834 23.38 -32.68 -12.03
N VAL A 835 23.12 -33.75 -11.28
CA VAL A 835 23.86 -34.02 -10.05
C VAL A 835 25.32 -34.31 -10.36
N LEU A 836 25.57 -35.19 -11.34
CA LEU A 836 26.93 -35.50 -11.72
C LEU A 836 27.57 -34.44 -12.60
N ARG A 837 26.76 -33.61 -13.27
CA ARG A 837 27.32 -32.60 -14.17
C ARG A 837 28.01 -31.48 -13.41
N HIS A 838 27.53 -31.17 -12.20
CA HIS A 838 28.06 -30.08 -11.40
C HIS A 838 28.54 -30.61 -10.05
N GLU A 839 29.79 -30.32 -9.71
CA GLU A 839 30.36 -30.80 -8.45
C GLU A 839 29.69 -30.17 -7.23
N GLY A 840 29.01 -29.04 -7.40
CA GLY A 840 28.31 -28.43 -6.28
C GLY A 840 27.18 -29.30 -5.77
N LEU A 841 26.48 -29.99 -6.68
CA LEU A 841 25.42 -30.92 -6.29
C LEU A 841 25.97 -32.20 -5.69
N ARG A 842 27.29 -32.34 -5.58
CA ARG A 842 27.91 -33.47 -4.91
C ARG A 842 28.95 -33.02 -3.88
N SER A 843 28.93 -31.74 -3.53
CA SER A 843 29.91 -31.18 -2.60
C SER A 843 29.37 -31.22 -1.18
N THR A 844 30.26 -31.57 -0.24
CA THR A 844 29.95 -31.58 1.18
C THR A 844 30.93 -30.68 1.92
N TYR A 845 30.44 -30.01 2.95
CA TYR A 845 31.22 -29.05 3.71
C TYR A 845 31.44 -29.55 5.13
N HIS A 846 32.69 -29.58 5.57
CA HIS A 846 33.07 -30.04 6.89
C HIS A 846 34.04 -29.05 7.50
N MET A 847 34.53 -29.35 8.70
CA MET A 847 35.39 -28.45 9.44
C MET A 847 36.61 -29.21 9.96
N ARG A 848 37.79 -28.85 9.46
CA ARG A 848 39.05 -29.41 9.94
C ARG A 848 39.62 -28.46 10.99
N GLY A 849 39.37 -28.78 12.26
CA GLY A 849 39.79 -27.91 13.34
C GLY A 849 39.02 -26.61 13.36
N ASP A 850 39.61 -25.55 12.79
CA ASP A 850 38.95 -24.26 12.68
C ASP A 850 38.78 -23.81 11.23
N GLU A 851 39.02 -24.69 10.27
CA GLU A 851 38.92 -24.36 8.85
C GLU A 851 37.78 -25.13 8.21
N ILE A 852 36.94 -24.43 7.46
CA ILE A 852 35.83 -25.03 6.73
C ILE A 852 36.33 -25.48 5.37
N VAL A 853 36.19 -26.76 5.08
CA VAL A 853 36.71 -27.34 3.84
C VAL A 853 35.58 -28.04 3.09
N LYS A 854 35.80 -28.26 1.80
CA LYS A 854 34.85 -28.92 0.92
C LYS A 854 35.41 -30.26 0.47
N ARG A 855 34.51 -31.23 0.32
CA ARG A 855 34.87 -32.57 -0.17
C ARG A 855 33.91 -32.95 -1.30
N ILE A 856 34.48 -33.35 -2.44
CA ILE A 856 33.69 -33.76 -3.60
C ILE A 856 33.40 -35.25 -3.51
N VAL A 857 32.18 -35.63 -3.86
CA VAL A 857 31.75 -37.03 -3.83
C VAL A 857 31.48 -37.47 -5.26
N PRO A 858 31.94 -38.66 -5.67
CA PRO A 858 31.76 -39.07 -7.08
C PRO A 858 30.30 -39.19 -7.51
N ARG A 859 29.45 -39.78 -6.67
CA ARG A 859 28.04 -39.92 -7.00
C ARG A 859 27.18 -39.77 -5.75
N ALA A 860 25.98 -39.21 -5.94
CA ALA A 860 25.03 -39.01 -4.86
C ALA A 860 23.63 -39.31 -5.37
N GLU A 861 22.81 -39.89 -4.51
CA GLU A 861 21.43 -40.24 -4.86
C GLU A 861 20.50 -39.07 -4.55
N LEU A 862 19.56 -38.83 -5.45
CA LEU A 862 18.65 -37.70 -5.35
C LEU A 862 17.33 -38.13 -4.73
N SER A 863 16.82 -37.32 -3.81
CA SER A 863 15.53 -37.55 -3.17
C SER A 863 14.44 -37.01 -4.08
N PHE A 864 13.72 -37.91 -4.75
CA PHE A 864 12.65 -37.55 -5.68
C PHE A 864 11.35 -38.16 -5.14
N VAL A 865 10.52 -37.33 -4.52
CA VAL A 865 9.30 -37.78 -3.86
C VAL A 865 8.12 -37.49 -4.78
N ARG A 866 7.47 -38.54 -5.27
CA ARG A 866 6.28 -38.41 -6.08
C ARG A 866 5.05 -38.45 -5.19
N GLN A 867 4.21 -37.42 -5.28
CA GLN A 867 3.01 -37.32 -4.47
C GLN A 867 1.82 -37.00 -5.35
N THR A 868 0.64 -37.35 -4.87
CA THR A 868 -0.63 -37.00 -5.49
C THR A 868 -1.34 -35.98 -4.61
N GLY A 869 -1.79 -34.89 -5.22
CA GLY A 869 -2.41 -33.83 -4.45
C GLY A 869 -3.49 -33.11 -5.24
N GLU A 870 -4.21 -32.25 -4.52
CA GLU A 870 -5.22 -31.37 -5.10
C GLU A 870 -4.72 -29.93 -5.07
N GLU A 871 -5.42 -29.07 -5.82
CA GLU A 871 -5.04 -27.66 -5.89
C GLU A 871 -4.95 -27.03 -4.51
N GLU A 872 -5.85 -27.41 -3.61
CA GLU A 872 -5.93 -26.82 -2.29
C GLU A 872 -5.02 -27.50 -1.28
N SER A 873 -4.13 -28.40 -1.73
CA SER A 873 -3.20 -29.09 -0.85
C SER A 873 -1.77 -29.08 -1.35
N VAL A 874 -1.50 -28.58 -2.55
CA VAL A 874 -0.13 -28.56 -3.07
C VAL A 874 0.79 -27.81 -2.12
N GLN A 875 0.29 -26.72 -1.53
CA GLN A 875 1.11 -25.92 -0.63
C GLN A 875 1.44 -26.70 0.65
N SER A 876 0.44 -27.37 1.24
CA SER A 876 0.67 -28.14 2.44
C SER A 876 1.60 -29.32 2.18
N LEU A 877 1.50 -29.93 1.00
CA LEU A 877 2.41 -31.01 0.64
C LEU A 877 3.83 -30.49 0.50
N LEU A 878 4.02 -29.41 -0.27
CA LEU A 878 5.34 -28.83 -0.46
C LEU A 878 5.93 -28.33 0.86
N ALA A 879 5.09 -27.79 1.75
CA ALA A 879 5.56 -27.31 3.04
C ALA A 879 6.28 -28.42 3.80
N GLU A 880 5.59 -29.53 4.03
CA GLU A 880 6.15 -30.65 4.79
C GLU A 880 7.45 -31.20 4.18
N GLN A 881 7.87 -30.71 3.00
CA GLN A 881 9.09 -31.17 2.36
C GLN A 881 10.28 -30.26 2.61
N ILE A 882 10.06 -29.06 3.15
CA ILE A 882 11.15 -28.11 3.39
C ILE A 882 11.79 -28.40 4.74
N LYS A 883 12.82 -29.25 4.72
CA LYS A 883 13.51 -29.66 5.94
C LYS A 883 14.92 -29.10 5.99
N PRO A 884 15.50 -28.96 7.18
CA PRO A 884 16.86 -28.43 7.29
C PRO A 884 17.87 -29.31 6.58
N PHE A 885 18.93 -28.68 6.08
CA PHE A 885 19.99 -29.35 5.36
C PHE A 885 21.20 -29.57 6.25
N ASP A 886 21.77 -30.77 6.17
CA ASP A 886 23.07 -31.05 6.77
C ASP A 886 24.13 -30.82 5.70
N LEU A 887 24.93 -29.75 5.87
CA LEU A 887 25.90 -29.37 4.86
C LEU A 887 26.99 -30.41 4.65
N ALA A 888 27.10 -31.42 5.53
CA ALA A 888 28.07 -32.48 5.37
C ALA A 888 27.57 -33.63 4.51
N LYS A 889 26.32 -33.57 4.03
CA LYS A 889 25.73 -34.63 3.24
C LYS A 889 25.29 -34.08 1.89
N ALA A 890 25.56 -34.85 0.83
CA ALA A 890 25.21 -34.51 -0.54
C ALA A 890 24.17 -35.49 -1.08
N PRO A 891 23.33 -35.07 -2.02
CA PRO A 891 23.27 -33.75 -2.67
C PRO A 891 22.56 -32.71 -1.81
N LEU A 892 22.96 -31.45 -1.90
CA LEU A 892 22.27 -30.37 -1.20
C LEU A 892 21.04 -29.89 -1.94
N LEU A 893 20.24 -30.82 -2.47
CA LEU A 893 19.02 -30.48 -3.19
C LEU A 893 18.07 -31.67 -3.12
N ARG A 894 16.81 -31.39 -2.79
CA ARG A 894 15.75 -32.39 -2.77
C ARG A 894 14.68 -31.99 -3.77
N ALA A 895 14.14 -32.96 -4.49
CA ALA A 895 13.17 -32.70 -5.55
C ALA A 895 11.92 -33.55 -5.33
N GLY A 896 11.00 -33.45 -6.26
CA GLY A 896 9.75 -34.17 -6.20
C GLY A 896 8.70 -33.54 -7.08
N VAL A 897 7.71 -34.35 -7.44
CA VAL A 897 6.62 -33.92 -8.32
C VAL A 897 5.30 -34.21 -7.64
N ILE A 898 4.49 -33.16 -7.46
CA ILE A 898 3.14 -33.29 -6.95
C ILE A 898 2.20 -33.29 -8.16
N GLU A 899 1.54 -34.41 -8.40
CA GLU A 899 0.66 -34.57 -9.55
C GLU A 899 -0.79 -34.32 -9.12
N THR A 900 -1.45 -33.38 -9.79
CA THR A 900 -2.86 -33.11 -9.57
C THR A 900 -3.66 -33.58 -10.78
N ALA A 901 -4.94 -33.24 -10.82
CA ALA A 901 -5.80 -33.62 -11.93
C ALA A 901 -5.62 -32.74 -13.15
N ASP A 902 -4.81 -31.68 -13.05
CA ASP A 902 -4.61 -30.76 -14.17
C ASP A 902 -3.16 -30.34 -14.39
N LYS A 903 -2.23 -30.69 -13.51
CA LYS A 903 -0.86 -30.21 -13.63
C LYS A 903 0.05 -31.12 -12.83
N LYS A 904 1.33 -31.11 -13.19
CA LYS A 904 2.39 -31.79 -12.46
C LYS A 904 3.33 -30.73 -11.91
N VAL A 905 3.30 -30.52 -10.59
CA VAL A 905 4.07 -29.46 -9.94
C VAL A 905 5.41 -30.04 -9.53
N LEU A 906 6.47 -29.62 -10.23
CA LEU A 906 7.83 -29.99 -9.85
C LEU A 906 8.34 -28.99 -8.82
N TRP A 907 8.85 -29.50 -7.71
CA TRP A 907 9.45 -28.68 -6.67
C TRP A 907 10.87 -29.16 -6.39
N PHE A 908 11.76 -28.22 -6.08
CA PHE A 908 13.10 -28.57 -5.64
C PHE A 908 13.55 -27.58 -4.57
N ASP A 909 14.25 -28.10 -3.57
CA ASP A 909 14.72 -27.32 -2.44
C ASP A 909 16.23 -27.49 -2.32
N SER A 910 16.97 -26.39 -2.39
CA SER A 910 18.42 -26.40 -2.27
C SER A 910 18.83 -25.40 -1.20
N HIS A 911 20.13 -25.33 -0.94
CA HIS A 911 20.69 -24.39 0.02
C HIS A 911 21.39 -23.26 -0.72
N HIS A 912 21.41 -22.08 -0.10
CA HIS A 912 22.04 -20.92 -0.73
C HIS A 912 23.55 -21.08 -0.88
N ILE A 913 24.15 -22.07 -0.21
CA ILE A 913 25.56 -22.37 -0.39
C ILE A 913 25.87 -22.94 -1.76
N LEU A 914 24.86 -23.31 -2.52
CA LEU A 914 25.00 -23.91 -3.85
C LEU A 914 24.21 -23.17 -4.92
N LEU A 915 22.98 -22.75 -4.62
CA LEU A 915 22.07 -22.20 -5.62
C LEU A 915 21.91 -20.70 -5.36
N ASP A 916 22.40 -19.88 -6.28
CA ASP A 916 22.19 -18.44 -6.20
C ASP A 916 21.40 -17.97 -7.42
N GLY A 917 21.50 -16.67 -7.74
CA GLY A 917 20.70 -16.13 -8.83
C GLY A 917 21.03 -16.76 -10.17
N LEU A 918 22.32 -16.75 -10.55
CA LEU A 918 22.70 -17.24 -11.86
C LEU A 918 22.65 -18.77 -11.91
N SER A 919 22.98 -19.44 -10.80
CA SER A 919 22.91 -20.90 -10.76
C SER A 919 21.50 -21.39 -11.02
N LYS A 920 20.49 -20.62 -10.61
CA LYS A 920 19.11 -20.96 -10.93
C LYS A 920 18.86 -20.86 -12.43
N SER A 921 19.43 -19.85 -13.08
CA SER A 921 19.21 -19.66 -14.51
C SER A 921 19.86 -20.77 -15.32
N ILE A 922 21.06 -21.20 -14.93
CA ILE A 922 21.72 -22.29 -15.62
C ILE A 922 20.98 -23.60 -15.37
N LEU A 923 20.52 -23.81 -14.14
CA LEU A 923 19.76 -25.01 -13.82
C LEU A 923 18.47 -25.09 -14.63
N ALA A 924 17.89 -23.93 -14.96
CA ALA A 924 16.68 -23.91 -15.78
C ALA A 924 16.99 -24.27 -17.22
N ARG A 925 18.02 -23.66 -17.80
CA ARG A 925 18.35 -23.91 -19.21
C ARG A 925 18.77 -25.35 -19.43
N GLU A 926 19.57 -25.91 -18.52
CA GLU A 926 20.05 -27.27 -18.71
C GLU A 926 18.92 -28.28 -18.51
N LEU A 927 18.05 -28.06 -17.53
CA LEU A 927 16.91 -28.96 -17.34
C LEU A 927 15.95 -28.87 -18.52
N GLN A 928 15.73 -27.66 -19.05
CA GLN A 928 14.88 -27.51 -20.22
C GLN A 928 15.47 -28.21 -21.43
N ALA A 929 16.79 -28.17 -21.58
CA ALA A 929 17.44 -28.84 -22.71
C ALA A 929 17.42 -30.35 -22.52
N LEU A 930 17.58 -30.83 -21.29
CA LEU A 930 17.53 -32.26 -21.04
C LEU A 930 16.12 -32.81 -21.24
N LEU A 931 15.11 -32.05 -20.79
CA LEU A 931 13.72 -32.46 -21.05
C LEU A 931 13.37 -32.39 -22.52
N GLY A 932 14.14 -31.65 -23.32
CA GLY A 932 14.03 -31.59 -24.76
C GLY A 932 14.98 -32.52 -25.48
N GLN A 933 15.66 -33.40 -24.75
CA GLN A 933 16.57 -34.40 -25.31
C GLN A 933 17.74 -33.77 -26.06
N GLN A 934 18.08 -32.53 -25.73
CA GLN A 934 19.19 -31.84 -26.36
C GLN A 934 20.49 -32.18 -25.62
N VAL A 935 21.56 -32.39 -26.39
CA VAL A 935 22.84 -32.77 -25.81
C VAL A 935 23.50 -31.54 -25.21
N LEU A 936 24.19 -31.74 -24.09
CA LEU A 936 24.85 -30.66 -23.36
C LEU A 936 26.37 -30.84 -23.42
N SER A 937 27.08 -29.75 -23.66
CA SER A 937 28.53 -29.78 -23.63
C SER A 937 29.01 -29.91 -22.19
N PRO A 938 29.90 -30.85 -21.88
CA PRO A 938 30.34 -31.03 -20.49
C PRO A 938 31.02 -29.78 -19.95
N VAL A 939 30.97 -29.63 -18.63
CA VAL A 939 31.53 -28.45 -17.99
C VAL A 939 33.05 -28.44 -18.13
N GLU A 940 33.63 -27.24 -18.02
CA GLU A 940 35.07 -27.05 -18.18
C GLU A 940 35.76 -26.65 -16.89
N LYS A 941 35.13 -25.84 -16.05
CA LYS A 941 35.72 -25.36 -14.82
C LYS A 941 34.95 -25.91 -13.63
N THR A 942 35.49 -25.67 -12.43
CA THR A 942 34.87 -26.10 -11.19
C THR A 942 34.93 -24.97 -10.17
N TYR A 943 34.03 -25.05 -9.18
CA TYR A 943 33.98 -24.02 -8.16
C TYR A 943 35.17 -24.10 -7.22
N LYS A 944 35.62 -25.32 -6.90
CA LYS A 944 36.75 -25.51 -6.00
C LYS A 944 38.00 -24.80 -6.48
N SER A 945 38.13 -24.56 -7.79
CA SER A 945 39.30 -23.87 -8.32
C SER A 945 39.15 -22.35 -8.20
N PHE A 946 37.93 -21.83 -8.34
CA PHE A 946 37.71 -20.41 -8.13
C PHE A 946 37.98 -20.01 -6.69
N ALA A 947 37.68 -20.91 -5.74
CA ALA A 947 37.97 -20.62 -4.34
C ALA A 947 39.46 -20.42 -4.11
N ARG A 948 40.29 -21.21 -4.80
CA ARG A 948 41.73 -21.05 -4.68
C ARG A 948 42.19 -19.74 -5.31
N TRP A 949 41.64 -19.39 -6.47
CA TRP A 949 42.05 -18.17 -7.15
C TRP A 949 41.64 -16.92 -6.36
N GLN A 950 40.45 -16.94 -5.75
CA GLN A 950 39.98 -15.77 -5.03
C GLN A 950 40.70 -15.61 -3.69
N ASN A 951 40.96 -16.74 -3.01
CA ASN A 951 41.69 -16.67 -1.74
C ASN A 951 43.09 -16.11 -1.93
N GLU A 952 43.70 -16.36 -3.09
CA GLU A 952 45.01 -15.78 -3.38
C GLU A 952 44.89 -14.30 -3.74
N TRP A 953 43.79 -13.89 -4.40
CA TRP A 953 43.56 -12.48 -4.63
C TRP A 953 43.35 -11.71 -3.33
N PHE A 954 42.95 -12.39 -2.27
CA PHE A 954 42.84 -11.77 -0.96
C PHE A 954 44.20 -11.41 -0.37
N ALA A 955 45.29 -11.88 -0.97
CA ALA A 955 46.63 -11.51 -0.55
C ALA A 955 47.26 -10.47 -1.49
N SER A 956 46.53 -10.03 -2.52
CA SER A 956 47.06 -9.07 -3.47
C SER A 956 46.99 -7.66 -2.92
N ASP A 957 47.57 -6.72 -3.66
CA ASP A 957 47.54 -5.32 -3.27
C ASP A 957 46.21 -4.66 -3.63
N GLU A 958 45.55 -5.15 -4.68
CA GLU A 958 44.25 -4.60 -5.07
C GLU A 958 43.19 -4.88 -4.01
N TYR A 959 43.29 -6.02 -3.32
CA TYR A 959 42.34 -6.34 -2.26
C TYR A 959 42.48 -5.39 -1.07
N GLU A 960 43.72 -5.09 -0.68
CA GLU A 960 43.94 -4.12 0.38
C GLU A 960 43.45 -2.74 -0.04
N GLN A 961 43.55 -2.42 -1.33
CA GLN A 961 43.07 -1.13 -1.83
C GLN A 961 41.56 -1.03 -1.73
N GLN A 962 40.85 -2.15 -1.91
CA GLN A 962 39.39 -2.13 -1.80
C GLN A 962 38.92 -2.13 -0.36
N ILE A 963 39.68 -2.77 0.54
CA ILE A 963 39.33 -2.72 1.97
C ILE A 963 39.44 -1.29 2.49
N ALA A 964 40.49 -0.57 2.08
CA ALA A 964 40.65 0.82 2.51
C ALA A 964 39.48 1.68 2.07
N TYR A 965 38.82 1.32 0.96
CA TYR A 965 37.64 2.05 0.54
C TYR A 965 36.51 1.89 1.55
N TRP A 966 36.19 0.65 1.91
CA TRP A 966 35.09 0.40 2.83
C TRP A 966 35.40 0.87 4.25
N LYS A 967 36.67 0.84 4.65
CA LYS A 967 37.03 1.30 5.98
C LYS A 967 36.88 2.81 6.11
N THR A 968 37.07 3.55 5.02
CA THR A 968 36.86 4.99 5.01
C THR A 968 35.44 5.38 4.64
N LEU A 969 34.79 4.58 3.78
CA LEU A 969 33.41 4.88 3.40
C LEU A 969 32.47 4.72 4.60
N LEU A 970 32.76 3.75 5.46
CA LEU A 970 31.90 3.43 6.60
C LEU A 970 32.48 3.93 7.93
N GLN A 971 33.40 4.88 7.88
CA GLN A 971 33.92 5.46 9.12
C GLN A 971 32.98 6.55 9.63
N GLY A 972 33.18 6.93 10.89
CA GLY A 972 32.35 7.94 11.51
C GLY A 972 30.94 7.42 11.76
N GLU A 973 30.10 8.33 12.26
CA GLU A 973 28.71 7.97 12.56
C GLU A 973 27.94 7.71 11.26
N LEU A 974 27.47 6.48 11.11
CA LEU A 974 26.68 6.11 9.95
C LEU A 974 25.21 6.48 10.16
N PRO A 975 24.48 6.68 9.06
CA PRO A 975 23.06 7.05 9.20
C PRO A 975 22.23 5.92 9.81
N ALA A 976 21.07 6.30 10.32
CA ALA A 976 20.13 5.36 10.93
C ALA A 976 18.78 5.53 10.26
N VAL A 977 18.21 4.42 9.80
CA VAL A 977 16.95 4.43 9.07
C VAL A 977 15.88 3.86 10.01
N GLN A 978 15.16 4.75 10.69
CA GLN A 978 14.07 4.34 11.59
C GLN A 978 12.80 4.19 10.75
N LEU A 979 12.55 2.97 10.29
CA LEU A 979 11.30 2.76 9.59
C LEU A 979 10.14 2.70 10.59
N PRO A 980 8.95 3.16 10.18
CA PRO A 980 7.80 3.09 11.09
C PRO A 980 7.38 1.66 11.35
N THR A 981 8.12 0.96 12.21
CA THR A 981 7.87 -0.44 12.51
C THR A 981 7.16 -0.58 13.85
N LYS A 982 6.74 -1.81 14.14
CA LYS A 982 6.21 -2.13 15.45
C LYS A 982 7.35 -2.19 16.46
N LYS A 983 7.00 -2.53 17.70
CA LYS A 983 8.00 -2.65 18.76
C LYS A 983 9.02 -3.72 18.39
N ARG A 984 10.29 -3.33 18.32
CA ARG A 984 11.34 -4.26 17.91
C ARG A 984 11.54 -5.32 18.99
N PRO A 985 11.51 -6.61 18.63
CA PRO A 985 11.73 -7.64 19.64
C PRO A 985 13.15 -7.58 20.18
N PRO A 986 13.36 -7.97 21.45
CA PRO A 986 14.72 -8.01 21.99
C PRO A 986 15.68 -8.81 21.11
N GLN A 987 15.37 -10.09 20.92
CA GLN A 987 16.16 -10.93 20.03
C GLN A 987 15.68 -10.75 18.59
N LEU A 988 16.60 -10.93 17.65
CA LEU A 988 16.26 -10.82 16.24
C LEU A 988 15.37 -11.98 15.82
N THR A 989 14.28 -11.67 15.15
CA THR A 989 13.32 -12.65 14.66
C THR A 989 13.41 -12.75 13.14
N PHE A 990 13.14 -13.95 12.62
CA PHE A 990 13.24 -14.22 11.19
C PHE A 990 11.93 -14.64 10.56
N ASP A 991 10.83 -14.63 11.31
CA ASP A 991 9.52 -14.91 10.74
C ASP A 991 9.10 -13.75 9.84
N GLY A 992 8.59 -14.08 8.65
CA GLY A 992 8.26 -13.05 7.70
C GLY A 992 7.16 -13.45 6.74
N ALA A 993 6.75 -12.46 5.94
CA ALA A 993 5.78 -12.65 4.87
C ALA A 993 6.18 -11.73 3.72
N ILE A 994 5.47 -11.86 2.59
CA ILE A 994 5.77 -11.08 1.41
C ILE A 994 4.51 -10.42 0.89
N GLN A 995 4.71 -9.37 0.09
CA GLN A 995 3.65 -8.67 -0.63
C GLN A 995 4.20 -8.27 -1.99
N MET A 996 3.40 -8.48 -3.03
CA MET A 996 3.84 -8.30 -4.40
C MET A 996 3.17 -7.09 -5.03
N TYR A 997 3.94 -6.31 -5.78
CA TYR A 997 3.47 -5.12 -6.48
C TYR A 997 3.92 -5.21 -7.93
N ARG A 998 2.96 -5.09 -8.85
CA ARG A 998 3.21 -5.26 -10.28
C ARG A 998 3.27 -3.90 -10.97
N VAL A 999 4.35 -3.64 -11.69
CA VAL A 999 4.48 -2.47 -12.53
C VAL A 999 4.12 -2.88 -13.95
N ASN A 1000 3.08 -2.25 -14.50
CA ASN A 1000 2.59 -2.62 -15.82
C ASN A 1000 3.66 -2.40 -16.88
N PRO A 1001 3.55 -3.09 -18.02
CA PRO A 1001 4.57 -2.91 -19.07
C PRO A 1001 4.74 -1.47 -19.53
N GLU A 1002 3.67 -0.68 -19.58
CA GLU A 1002 3.79 0.69 -20.05
C GLU A 1002 4.70 1.51 -19.15
N ILE A 1003 4.47 1.45 -17.84
CA ILE A 1003 5.33 2.19 -16.91
C ILE A 1003 6.74 1.63 -16.93
N THR A 1004 6.88 0.31 -17.03
CA THR A 1004 8.20 -0.31 -17.10
C THR A 1004 9.00 0.23 -18.28
N ARG A 1005 8.33 0.44 -19.43
CA ARG A 1005 9.01 0.98 -20.59
C ARG A 1005 9.46 2.42 -20.35
N LYS A 1006 8.63 3.21 -19.67
CA LYS A 1006 9.02 4.58 -19.37
C LYS A 1006 10.14 4.63 -18.34
N LEU A 1007 10.22 3.63 -17.47
CA LEU A 1007 11.32 3.59 -16.50
C LEU A 1007 12.65 3.30 -17.18
N LYS A 1008 12.67 2.34 -18.10
CA LYS A 1008 13.92 1.96 -18.75
C LYS A 1008 14.36 2.98 -19.79
N ALA A 1009 13.41 3.58 -20.50
CA ALA A 1009 13.76 4.62 -21.46
C ALA A 1009 14.29 5.87 -20.76
N THR A 1010 13.76 6.17 -19.57
CA THR A 1010 14.25 7.32 -18.80
C THR A 1010 15.68 7.11 -18.35
N ALA A 1011 15.97 5.93 -17.78
CA ALA A 1011 17.31 5.67 -17.27
C ALA A 1011 18.34 5.67 -18.39
N ALA A 1012 18.02 5.03 -19.52
CA ALA A 1012 18.96 4.97 -20.63
C ALA A 1012 19.22 6.34 -21.24
N LYS A 1013 18.20 7.21 -21.25
CA LYS A 1013 18.37 8.54 -21.82
C LYS A 1013 19.26 9.44 -20.98
N HIS A 1014 19.42 9.13 -19.69
CA HIS A 1014 20.26 9.90 -18.79
C HIS A 1014 21.48 9.10 -18.32
N ASP A 1015 21.91 8.13 -19.12
CA ASP A 1015 23.09 7.30 -18.84
C ASP A 1015 22.96 6.60 -17.48
N LEU A 1016 21.86 5.87 -17.32
CA LEU A 1016 21.58 5.13 -16.08
C LEU A 1016 20.99 3.78 -16.44
N THR A 1017 21.14 2.84 -15.52
CA THR A 1017 20.48 1.56 -15.65
C THR A 1017 19.14 1.58 -14.91
N LEU A 1018 18.34 0.53 -15.13
CA LEU A 1018 17.08 0.43 -14.40
C LEU A 1018 17.33 0.20 -12.92
N TYR A 1019 18.42 -0.48 -12.57
CA TYR A 1019 18.77 -0.65 -11.16
C TYR A 1019 19.11 0.69 -10.50
N MET A 1020 19.87 1.53 -11.19
CA MET A 1020 20.18 2.84 -10.65
C MET A 1020 18.92 3.67 -10.45
N LEU A 1021 17.99 3.60 -11.39
CA LEU A 1021 16.75 4.35 -11.26
C LEU A 1021 15.88 3.81 -10.13
N MET A 1022 15.81 2.48 -10.00
CA MET A 1022 15.03 1.90 -8.91
C MET A 1022 15.69 2.15 -7.56
N LEU A 1023 17.03 2.10 -7.50
CA LEU A 1023 17.72 2.36 -6.24
C LEU A 1023 17.50 3.78 -5.75
N THR A 1024 17.37 4.73 -6.68
CA THR A 1024 17.10 6.11 -6.28
C THR A 1024 15.70 6.25 -5.70
N ILE A 1025 14.71 5.61 -6.34
CA ILE A 1025 13.34 5.67 -5.82
C ILE A 1025 13.26 5.00 -4.46
N VAL A 1026 13.95 3.87 -4.29
CA VAL A 1026 13.96 3.19 -3.00
C VAL A 1026 14.61 4.08 -1.94
N SER A 1027 15.70 4.76 -2.30
CA SER A 1027 16.38 5.63 -1.34
C SER A 1027 15.49 6.80 -0.92
N ILE A 1028 14.81 7.43 -1.89
CA ILE A 1028 13.87 8.49 -1.57
C ILE A 1028 12.73 7.94 -0.71
N TRP A 1029 12.24 6.75 -1.05
CA TRP A 1029 11.15 6.15 -0.30
C TRP A 1029 11.56 5.86 1.14
N LEU A 1030 12.80 5.42 1.35
CA LEU A 1030 13.28 5.23 2.71
C LEU A 1030 13.54 6.56 3.40
N SER A 1031 14.01 7.55 2.65
CA SER A 1031 14.28 8.87 3.24
C SER A 1031 13.00 9.49 3.77
N LYS A 1032 11.94 9.51 2.96
CA LYS A 1032 10.69 10.13 3.39
C LYS A 1032 10.06 9.40 4.56
N MET A 1033 10.33 8.10 4.70
CA MET A 1033 9.88 7.37 5.87
C MET A 1033 10.81 7.56 7.07
N ASN A 1034 12.06 7.94 6.82
CA ASN A 1034 13.00 8.28 7.89
C ASN A 1034 12.98 9.76 8.21
N SER A 1035 11.79 10.37 8.18
CA SER A 1035 11.61 11.80 8.45
C SER A 1035 12.45 12.65 7.50
N ASP A 1036 12.38 12.32 6.20
CA ASP A 1036 13.03 13.09 5.13
C ASP A 1036 14.50 13.32 5.42
N SER A 1037 15.20 12.24 5.77
CA SER A 1037 16.62 12.33 6.05
C SER A 1037 17.40 12.63 4.78
N ASN A 1038 18.58 13.22 4.96
CA ASN A 1038 19.44 13.56 3.84
C ASN A 1038 20.36 12.42 3.41
N GLN A 1039 20.60 11.45 4.29
CA GLN A 1039 21.39 10.26 3.96
C GLN A 1039 20.63 9.01 4.37
N VAL A 1040 20.90 7.92 3.66
CA VAL A 1040 20.26 6.64 3.90
C VAL A 1040 21.28 5.53 3.74
N ILE A 1041 21.00 4.38 4.36
CA ILE A 1041 21.87 3.22 4.31
C ILE A 1041 21.01 1.99 4.03
N LEU A 1042 21.47 1.15 3.11
CA LEU A 1042 20.75 -0.07 2.74
C LEU A 1042 21.73 -1.03 2.09
N GLY A 1043 21.31 -2.29 1.99
CA GLY A 1043 22.16 -3.31 1.41
C GLY A 1043 21.72 -3.74 0.02
N THR A 1044 22.65 -4.30 -0.75
CA THR A 1044 22.37 -4.79 -2.09
C THR A 1044 23.16 -6.07 -2.33
N VAL A 1045 22.87 -6.72 -3.45
CA VAL A 1045 23.48 -8.00 -3.80
C VAL A 1045 24.07 -7.92 -5.19
N THR A 1046 25.33 -8.28 -5.31
CA THR A 1046 26.02 -8.36 -6.60
C THR A 1046 26.12 -9.83 -7.03
N ASP A 1047 26.46 -10.02 -8.31
CA ASP A 1047 26.58 -11.38 -8.82
C ASP A 1047 27.78 -12.10 -8.22
N GLY A 1048 28.85 -11.37 -7.90
CA GLY A 1048 30.00 -11.97 -7.26
C GLY A 1048 30.79 -12.91 -8.14
N ARG A 1049 30.56 -12.89 -9.45
CA ARG A 1049 31.30 -13.74 -10.39
C ARG A 1049 32.53 -12.96 -10.83
N GLN A 1050 33.60 -13.07 -10.05
CA GLN A 1050 34.80 -12.27 -10.31
C GLN A 1050 35.52 -12.75 -11.56
N HIS A 1051 35.83 -14.04 -11.63
CA HIS A 1051 36.50 -14.58 -12.80
C HIS A 1051 35.49 -14.80 -13.92
N PRO A 1052 35.79 -14.38 -15.16
CA PRO A 1052 34.82 -14.56 -16.25
C PRO A 1052 34.58 -16.02 -16.63
N ASP A 1053 35.38 -16.95 -16.12
CA ASP A 1053 35.20 -18.37 -16.38
C ASP A 1053 34.22 -19.03 -15.41
N THR A 1054 33.56 -18.26 -14.56
CA THR A 1054 32.67 -18.80 -13.55
C THR A 1054 31.19 -18.52 -13.84
N ARG A 1055 30.88 -17.94 -14.99
CA ARG A 1055 29.49 -17.61 -15.33
C ARG A 1055 28.70 -18.81 -15.81
N GLU A 1056 29.29 -20.00 -15.85
CA GLU A 1056 28.58 -21.22 -16.21
C GLU A 1056 28.60 -22.25 -15.09
N LEU A 1057 29.10 -21.89 -13.91
CA LEU A 1057 29.22 -22.81 -12.80
C LEU A 1057 28.02 -22.72 -11.88
N LEU A 1058 27.81 -23.78 -11.10
CA LEU A 1058 26.75 -23.84 -10.09
C LEU A 1058 27.40 -23.67 -8.73
N GLY A 1059 27.17 -22.52 -8.10
CA GLY A 1059 27.75 -22.28 -6.80
C GLY A 1059 27.24 -20.98 -6.20
N MET A 1060 27.69 -20.71 -4.98
CA MET A 1060 27.35 -19.50 -4.26
C MET A 1060 28.39 -18.44 -4.58
N PHE A 1061 28.00 -17.42 -5.35
CA PHE A 1061 28.89 -16.34 -5.73
C PHE A 1061 28.47 -14.97 -5.21
N VAL A 1062 27.19 -14.76 -4.92
CA VAL A 1062 26.70 -13.42 -4.66
C VAL A 1062 27.35 -12.83 -3.41
N ASN A 1063 27.52 -11.51 -3.42
CA ASN A 1063 28.16 -10.79 -2.32
C ASN A 1063 27.27 -9.63 -1.90
N THR A 1064 27.26 -9.35 -0.61
CA THR A 1064 26.42 -8.30 -0.04
C THR A 1064 27.23 -7.01 0.13
N LEU A 1065 26.71 -5.91 -0.39
CA LEU A 1065 27.39 -4.63 -0.34
C LEU A 1065 26.56 -3.61 0.42
N PRO A 1066 27.15 -2.86 1.36
CA PRO A 1066 26.43 -1.74 1.96
C PRO A 1066 26.46 -0.52 1.04
N LEU A 1067 25.31 0.14 0.94
CA LEU A 1067 25.15 1.31 0.07
C LEU A 1067 24.80 2.52 0.93
N LEU A 1068 25.75 3.44 1.06
CA LEU A 1068 25.52 4.70 1.77
C LEU A 1068 25.19 5.76 0.70
N LEU A 1069 23.92 6.11 0.61
CA LEU A 1069 23.44 7.04 -0.40
C LEU A 1069 22.89 8.30 0.27
N SER A 1070 22.78 9.36 -0.52
CA SER A 1070 22.31 10.65 -0.05
C SER A 1070 21.15 11.12 -0.92
N ILE A 1071 20.15 11.72 -0.29
CA ILE A 1071 18.97 12.24 -0.97
C ILE A 1071 18.88 13.74 -0.70
N ASP A 1072 18.97 14.53 -1.77
CA ASP A 1072 18.86 15.98 -1.69
C ASP A 1072 17.44 16.36 -2.06
N HIS A 1073 16.61 16.60 -1.04
CA HIS A 1073 15.21 16.94 -1.28
C HIS A 1073 15.05 18.30 -1.95
N GLU A 1074 16.06 19.17 -1.84
CA GLU A 1074 16.00 20.50 -2.46
C GLU A 1074 16.30 20.48 -3.95
N GLU A 1075 16.81 19.37 -4.47
CA GLU A 1075 17.16 19.24 -5.89
C GLU A 1075 16.15 18.34 -6.60
N SER A 1076 16.32 18.22 -7.91
CA SER A 1076 15.39 17.48 -8.74
C SER A 1076 15.63 15.98 -8.64
N PHE A 1077 14.72 15.21 -9.25
CA PHE A 1077 14.88 13.76 -9.28
C PHE A 1077 16.03 13.33 -10.17
N LEU A 1078 16.31 14.10 -11.23
CA LEU A 1078 17.44 13.78 -12.09
C LEU A 1078 18.77 14.06 -11.40
N HIS A 1079 18.82 15.10 -10.55
CA HIS A 1079 20.05 15.37 -9.80
C HIS A 1079 20.35 14.25 -8.82
N ASN A 1080 19.33 13.77 -8.10
CA ASN A 1080 19.54 12.66 -7.17
C ASN A 1080 19.89 11.37 -7.90
N LEU A 1081 19.41 11.20 -9.14
CA LEU A 1081 19.77 10.03 -9.92
C LEU A 1081 21.26 9.98 -10.18
N GLN A 1082 21.88 11.12 -10.46
CA GLN A 1082 23.32 11.15 -10.70
C GLN A 1082 24.10 10.95 -9.41
N GLN A 1083 23.55 11.41 -8.29
CA GLN A 1083 24.25 11.26 -7.01
C GLN A 1083 24.27 9.80 -6.56
N VAL A 1084 23.19 9.06 -6.80
CA VAL A 1084 23.17 7.65 -6.45
C VAL A 1084 24.15 6.86 -7.31
N LYS A 1085 24.27 7.23 -8.59
CA LYS A 1085 25.26 6.58 -9.44
C LYS A 1085 26.68 6.97 -9.04
N ALA A 1086 26.87 8.21 -8.62
CA ALA A 1086 28.18 8.66 -8.16
C ALA A 1086 28.64 7.95 -6.90
N LYS A 1087 27.72 7.35 -6.15
CA LYS A 1087 28.07 6.55 -4.98
C LYS A 1087 27.96 5.05 -5.20
N LEU A 1088 27.29 4.62 -6.28
CA LEU A 1088 27.17 3.20 -6.59
C LEU A 1088 28.36 2.67 -7.37
N LEU A 1089 28.84 3.43 -8.35
CA LEU A 1089 29.98 2.98 -9.14
C LEU A 1089 31.25 2.79 -8.32
N PRO A 1090 31.63 3.67 -7.38
CA PRO A 1090 32.79 3.36 -6.54
C PRO A 1090 32.57 2.16 -5.63
N ALA A 1091 31.34 1.87 -5.25
CA ALA A 1091 31.06 0.68 -4.44
C ALA A 1091 31.19 -0.59 -5.28
N LEU A 1092 30.76 -0.53 -6.55
CA LEU A 1092 30.92 -1.67 -7.44
C LEU A 1092 32.38 -1.90 -7.84
N GLN A 1093 33.20 -0.87 -7.78
CA GLN A 1093 34.63 -1.04 -8.06
C GLN A 1093 35.34 -1.78 -6.93
N ASN A 1094 34.75 -1.80 -5.73
CA ASN A 1094 35.28 -2.53 -4.59
C ASN A 1094 34.26 -3.57 -4.11
N GLN A 1095 33.59 -4.22 -5.05
CA GLN A 1095 32.51 -5.13 -4.74
C GLN A 1095 32.97 -6.52 -4.33
N TYR A 1096 34.26 -6.83 -4.47
CA TYR A 1096 34.76 -8.18 -4.23
C TYR A 1096 35.45 -8.31 -2.88
N VAL A 1097 35.03 -7.51 -1.90
CA VAL A 1097 35.45 -7.68 -0.51
C VAL A 1097 34.31 -8.36 0.23
N PRO A 1098 34.54 -9.48 0.91
CA PRO A 1098 33.45 -10.17 1.60
C PRO A 1098 32.79 -9.28 2.65
N PHE A 1099 31.49 -9.51 2.86
CA PHE A 1099 30.71 -8.62 3.72
C PHE A 1099 31.19 -8.68 5.16
N ASP A 1100 31.57 -9.87 5.63
CA ASP A 1100 32.08 -9.98 7.00
C ASP A 1100 33.38 -9.23 7.18
N LYS A 1101 34.21 -9.14 6.12
CA LYS A 1101 35.41 -8.33 6.19
C LYS A 1101 35.09 -6.84 6.16
N ILE A 1102 34.05 -6.46 5.42
CA ILE A 1102 33.63 -5.06 5.40
C ILE A 1102 33.12 -4.63 6.77
N LEU A 1103 32.40 -5.52 7.45
CA LEU A 1103 31.96 -5.23 8.81
C LEU A 1103 33.15 -5.07 9.74
N GLU A 1104 34.19 -5.90 9.58
CA GLU A 1104 35.38 -5.80 10.42
C GLU A 1104 36.14 -4.51 10.13
N ALA A 1105 36.26 -4.14 8.85
CA ALA A 1105 36.98 -2.91 8.50
C ALA A 1105 36.28 -1.69 9.06
N ALA A 1106 34.95 -1.70 9.08
CA ALA A 1106 34.18 -0.60 9.65
C ALA A 1106 34.05 -0.71 11.17
N ARG A 1107 34.41 -1.85 11.75
CA ARG A 1107 34.28 -2.08 13.19
C ARG A 1107 32.83 -1.87 13.65
N VAL A 1108 31.90 -2.48 12.91
CA VAL A 1108 30.49 -2.33 13.20
C VAL A 1108 30.15 -3.07 14.49
N LYS A 1109 29.57 -2.34 15.44
CA LYS A 1109 29.14 -2.96 16.69
C LYS A 1109 27.85 -3.76 16.47
N ARG A 1110 27.69 -4.81 17.26
CA ARG A 1110 26.60 -5.77 17.07
C ARG A 1110 25.49 -5.49 18.07
N GLU A 1111 24.33 -5.11 17.57
CA GLU A 1111 23.15 -4.93 18.40
C GLU A 1111 22.24 -6.16 18.31
N GLY A 1112 21.27 -6.23 19.20
CA GLY A 1112 20.39 -7.38 19.27
C GLY A 1112 19.08 -7.21 18.53
N ASN A 1113 18.60 -5.97 18.45
CA ASN A 1113 17.31 -5.71 17.82
C ASN A 1113 17.42 -5.43 16.32
N ARG A 1114 18.59 -5.04 15.84
CA ARG A 1114 18.76 -4.66 14.44
C ARG A 1114 19.86 -5.50 13.79
N HIS A 1115 19.68 -5.77 12.49
CA HIS A 1115 20.72 -6.44 11.73
C HIS A 1115 21.92 -5.51 11.59
N PRO A 1116 23.13 -6.06 11.51
CA PRO A 1116 24.33 -5.22 11.42
C PRO A 1116 24.33 -4.37 10.15
N LEU A 1117 24.98 -3.21 10.26
CA LEU A 1117 25.06 -2.23 9.18
C LEU A 1117 23.68 -1.74 8.74
N PHE A 1118 23.02 -2.48 7.86
CA PHE A 1118 21.73 -2.08 7.31
C PHE A 1118 20.63 -3.02 7.80
N ASP A 1119 19.40 -2.54 7.68
CA ASP A 1119 18.22 -3.33 8.04
C ASP A 1119 17.26 -3.51 6.87
N VAL A 1120 17.48 -2.84 5.74
CA VAL A 1120 16.64 -2.97 4.56
C VAL A 1120 17.51 -3.41 3.39
N MET A 1121 17.06 -4.43 2.66
CA MET A 1121 17.79 -5.01 1.55
C MET A 1121 17.05 -4.75 0.25
N PHE A 1122 17.79 -4.36 -0.79
CA PHE A 1122 17.24 -4.13 -2.11
C PHE A 1122 18.02 -4.95 -3.12
N MET A 1123 17.35 -5.90 -3.77
CA MET A 1123 17.94 -6.73 -4.81
C MET A 1123 17.21 -6.49 -6.12
N MET A 1124 17.77 -7.06 -7.20
CA MET A 1124 17.15 -6.94 -8.51
C MET A 1124 17.72 -8.00 -9.44
N GLN A 1125 16.85 -8.73 -10.12
CA GLN A 1125 17.24 -9.72 -11.11
C GLN A 1125 16.85 -9.26 -12.49
N GLY A 1126 17.57 -9.76 -13.49
CA GLY A 1126 17.25 -9.48 -14.87
C GLY A 1126 16.11 -10.34 -15.38
N ALA A 1127 15.89 -10.26 -16.68
CA ALA A 1127 14.84 -11.05 -17.31
C ALA A 1127 15.26 -12.52 -17.37
N PRO A 1128 14.29 -13.44 -17.34
CA PRO A 1128 14.63 -14.86 -17.42
C PRO A 1128 15.24 -15.21 -18.78
N GLU A 1129 16.25 -16.07 -18.75
CA GLU A 1129 16.97 -16.44 -19.96
C GLU A 1129 16.17 -17.42 -20.82
N THR A 1130 15.62 -18.45 -20.19
CA THR A 1130 14.84 -19.48 -20.87
C THR A 1130 13.36 -19.32 -20.53
N GLU A 1131 12.55 -20.15 -21.19
CA GLU A 1131 11.12 -20.14 -20.88
C GLU A 1131 10.82 -20.91 -19.61
N LEU A 1132 11.68 -21.85 -19.24
CA LEU A 1132 11.47 -22.58 -17.99
C LEU A 1132 11.75 -21.69 -16.78
N GLU A 1133 12.73 -20.80 -16.88
CA GLU A 1133 13.03 -19.88 -15.79
C GLU A 1133 11.90 -18.86 -15.61
N SER A 1134 11.20 -18.51 -16.69
CA SER A 1134 10.08 -17.58 -16.59
C SER A 1134 8.89 -18.23 -15.88
N ASN A 1135 8.75 -19.54 -15.99
CA ASN A 1135 7.67 -20.27 -15.33
C ASN A 1135 8.07 -20.82 -13.96
N MET A 1136 9.27 -20.49 -13.49
CA MET A 1136 9.66 -20.82 -12.12
C MET A 1136 9.08 -19.81 -11.15
N HIS A 1137 8.78 -20.28 -9.94
CA HIS A 1137 8.18 -19.44 -8.91
C HIS A 1137 8.93 -19.65 -7.61
N HIS A 1138 9.52 -18.58 -7.08
CA HIS A 1138 10.25 -18.64 -5.82
C HIS A 1138 9.28 -18.71 -4.66
N ILE A 1139 9.49 -19.68 -3.77
CA ILE A 1139 8.62 -19.91 -2.62
C ILE A 1139 9.29 -19.35 -1.38
N ASN A 1140 8.51 -18.65 -0.56
CA ASN A 1140 8.98 -18.13 0.73
C ASN A 1140 8.31 -18.92 1.84
N ALA A 1141 9.11 -19.56 2.67
CA ALA A 1141 8.60 -20.39 3.76
C ALA A 1141 8.39 -19.58 5.04
N GLY A 1142 7.76 -18.42 4.89
CA GLY A 1142 7.52 -17.56 6.04
C GLY A 1142 8.79 -17.05 6.69
N ILE A 1143 9.76 -16.63 5.88
CA ILE A 1143 11.08 -16.22 6.36
C ILE A 1143 11.41 -14.86 5.80
N SER A 1144 11.95 -13.99 6.66
CA SER A 1144 12.45 -12.68 6.25
C SER A 1144 13.83 -12.50 6.87
N LYS A 1145 14.88 -12.59 6.04
CA LYS A 1145 16.24 -12.50 6.55
C LYS A 1145 16.52 -11.14 7.15
N PHE A 1146 15.84 -10.10 6.67
CA PHE A 1146 16.02 -8.74 7.15
C PHE A 1146 14.67 -8.18 7.57
N ASP A 1147 14.68 -6.95 8.08
CA ASP A 1147 13.43 -6.28 8.43
C ASP A 1147 12.56 -6.09 7.20
N LEU A 1148 13.16 -5.72 6.08
CA LEU A 1148 12.43 -5.48 4.85
C LEU A 1148 13.35 -5.77 3.67
N THR A 1149 12.86 -6.55 2.72
CA THR A 1149 13.62 -6.92 1.53
C THR A 1149 12.80 -6.64 0.29
N LEU A 1150 13.39 -5.94 -0.67
CA LEU A 1150 12.73 -5.62 -1.93
C LEU A 1150 13.51 -6.24 -3.08
N GLU A 1151 12.84 -7.10 -3.85
CA GLU A 1151 13.42 -7.73 -5.02
C GLU A 1151 12.61 -7.35 -6.24
N VAL A 1152 13.28 -6.79 -7.25
CA VAL A 1152 12.64 -6.41 -8.50
C VAL A 1152 12.92 -7.50 -9.52
N LEU A 1153 11.86 -8.07 -10.10
CA LEU A 1153 11.96 -9.16 -11.05
C LEU A 1153 11.30 -8.74 -12.35
N GLU A 1154 12.06 -8.77 -13.44
CA GLU A 1154 11.53 -8.44 -14.76
C GLU A 1154 10.76 -9.65 -15.29
N ARG A 1155 9.44 -9.56 -15.31
CA ARG A 1155 8.58 -10.65 -15.75
C ARG A 1155 7.45 -10.10 -16.60
N GLU A 1156 7.17 -10.76 -17.73
CA GLU A 1156 6.03 -10.45 -18.59
C GLU A 1156 6.10 -9.00 -19.08
N ASN A 1157 7.27 -8.59 -19.55
CA ASN A 1157 7.54 -7.22 -20.02
C ASN A 1157 7.21 -6.18 -18.96
N GLY A 1158 7.08 -6.58 -17.70
CA GLY A 1158 6.82 -5.67 -16.61
C GLY A 1158 7.75 -5.91 -15.45
N LEU A 1159 7.35 -5.46 -14.25
CA LEU A 1159 8.17 -5.58 -13.05
C LEU A 1159 7.34 -6.16 -11.92
N ASN A 1160 7.80 -7.26 -11.34
CA ASN A 1160 7.21 -7.85 -10.15
C ASN A 1160 8.09 -7.49 -8.96
N ILE A 1161 7.63 -6.57 -8.13
CA ILE A 1161 8.39 -6.08 -6.98
C ILE A 1161 7.89 -6.80 -5.74
N VAL A 1162 8.78 -7.55 -5.10
CA VAL A 1162 8.46 -8.33 -3.91
C VAL A 1162 8.83 -7.51 -2.67
N PHE A 1163 7.99 -7.60 -1.64
CA PHE A 1163 8.18 -6.88 -0.38
C PHE A 1163 8.24 -7.90 0.74
N GLU A 1164 9.42 -8.52 0.91
CA GLU A 1164 9.64 -9.46 2.01
C GLU A 1164 9.90 -8.68 3.30
N TYR A 1165 9.03 -8.87 4.28
CA TYR A 1165 9.07 -8.10 5.52
C TYR A 1165 8.98 -9.02 6.72
N ASN A 1166 9.55 -8.58 7.84
CA ASN A 1166 9.49 -9.32 9.09
C ASN A 1166 8.12 -9.13 9.73
N THR A 1167 7.46 -10.25 10.05
CA THR A 1167 6.08 -10.19 10.55
C THR A 1167 6.00 -9.62 11.96
N HIS A 1168 7.10 -9.60 12.71
CA HIS A 1168 7.06 -9.02 14.04
C HIS A 1168 7.16 -7.50 14.02
N LEU A 1169 7.63 -6.92 12.91
CA LEU A 1169 7.74 -5.47 12.79
C LEU A 1169 6.63 -4.86 11.93
N PHE A 1170 6.06 -5.62 11.00
CA PHE A 1170 4.99 -5.15 10.14
C PHE A 1170 3.87 -6.19 10.11
N ASP A 1171 2.66 -5.72 9.91
CA ASP A 1171 1.50 -6.60 9.73
C ASP A 1171 0.96 -6.42 8.32
N GLU A 1172 -0.18 -7.07 8.04
CA GLU A 1172 -0.72 -7.06 6.69
C GLU A 1172 -1.13 -5.65 6.27
N GLY A 1173 -1.66 -4.86 7.21
CA GLY A 1173 -2.11 -3.52 6.89
C GLY A 1173 -0.99 -2.52 6.69
N MET A 1174 0.07 -2.64 7.49
CA MET A 1174 1.17 -1.68 7.40
C MET A 1174 1.92 -1.81 6.08
N ILE A 1175 2.16 -3.04 5.63
CA ILE A 1175 2.87 -3.25 4.37
C ILE A 1175 2.04 -2.77 3.19
N LEU A 1176 0.73 -3.02 3.23
CA LEU A 1176 -0.14 -2.55 2.16
C LEU A 1176 -0.09 -1.03 2.02
N ARG A 1177 0.08 -0.31 3.13
CA ARG A 1177 0.25 1.14 3.05
C ARG A 1177 1.56 1.50 2.38
N MET A 1178 2.65 0.84 2.78
CA MET A 1178 3.97 1.15 2.23
C MET A 1178 4.06 0.77 0.76
N VAL A 1179 3.38 -0.31 0.35
CA VAL A 1179 3.38 -0.69 -1.06
C VAL A 1179 2.69 0.39 -1.89
N ALA A 1180 1.59 0.93 -1.39
CA ALA A 1180 0.91 2.01 -2.11
C ALA A 1180 1.75 3.28 -2.14
N GLN A 1181 2.56 3.51 -1.11
CA GLN A 1181 3.39 4.71 -1.08
C GLN A 1181 4.56 4.59 -2.05
N PHE A 1182 5.12 3.38 -2.20
CA PHE A 1182 6.18 3.18 -3.17
C PHE A 1182 5.64 3.34 -4.59
N GLU A 1183 4.45 2.80 -4.86
CA GLU A 1183 3.82 3.01 -6.16
C GLU A 1183 3.51 4.48 -6.38
N HIS A 1184 3.12 5.18 -5.31
CA HIS A 1184 2.81 6.61 -5.42
C HIS A 1184 4.06 7.41 -5.74
N LEU A 1185 5.19 7.08 -5.12
CA LEU A 1185 6.43 7.79 -5.40
C LEU A 1185 6.96 7.45 -6.78
N LEU A 1186 6.80 6.20 -7.22
CA LEU A 1186 7.30 5.80 -8.53
C LEU A 1186 6.58 6.54 -9.65
N LEU A 1187 5.25 6.67 -9.56
CA LEU A 1187 4.50 7.37 -10.58
C LEU A 1187 4.80 8.87 -10.57
N GLN A 1188 5.05 9.44 -9.39
CA GLN A 1188 5.40 10.85 -9.31
C GLN A 1188 6.79 11.11 -9.89
N ALA A 1189 7.74 10.19 -9.65
CA ALA A 1189 9.11 10.37 -10.12
C ALA A 1189 9.24 10.19 -11.62
N VAL A 1190 8.59 9.16 -12.18
CA VAL A 1190 8.70 8.90 -13.61
C VAL A 1190 8.01 9.99 -14.43
N HIS A 1191 7.12 10.77 -13.82
CA HIS A 1191 6.47 11.88 -14.49
C HIS A 1191 7.00 13.24 -14.04
N GLY A 1192 7.80 13.29 -12.97
CA GLY A 1192 8.40 14.52 -12.52
C GLY A 1192 9.91 14.41 -12.39
N LEU A 1193 10.59 14.21 -13.51
CA LEU A 1193 12.04 14.06 -13.49
C LEU A 1193 12.71 15.34 -12.99
N ASP A 1194 12.16 16.50 -13.35
CA ASP A 1194 12.73 17.79 -12.97
C ASP A 1194 12.08 18.38 -11.73
N GLN A 1195 11.06 17.75 -11.18
CA GLN A 1195 10.47 18.22 -9.94
C GLN A 1195 11.40 17.92 -8.76
N GLN A 1196 11.37 18.81 -7.77
CA GLN A 1196 12.17 18.61 -6.58
C GLN A 1196 11.64 17.43 -5.78
N VAL A 1197 12.56 16.68 -5.17
CA VAL A 1197 12.17 15.50 -4.40
C VAL A 1197 11.27 15.89 -3.24
N LYS A 1198 11.46 17.08 -2.67
CA LYS A 1198 10.60 17.54 -1.59
C LYS A 1198 9.14 17.67 -2.02
N ARG A 1199 8.90 17.85 -3.32
CA ARG A 1199 7.54 18.01 -3.83
C ARG A 1199 6.83 16.69 -4.05
N PHE A 1200 7.53 15.57 -3.93
CA PHE A 1200 6.88 14.26 -3.98
C PHE A 1200 6.31 13.94 -2.60
N GLU A 1201 5.01 13.63 -2.56
CA GLU A 1201 4.38 13.28 -1.30
C GLU A 1201 4.38 11.77 -1.10
N LEU A 1202 4.55 11.35 0.15
CA LEU A 1202 4.56 9.93 0.48
C LEU A 1202 3.17 9.43 0.86
N VAL A 1203 2.47 10.17 1.71
CA VAL A 1203 1.13 9.76 2.13
C VAL A 1203 0.19 9.78 0.93
N THR A 1204 -0.73 8.83 0.90
CA THR A 1204 -1.67 8.69 -0.21
C THR A 1204 -2.94 9.47 0.07
N GLU A 1205 -3.69 9.73 -1.01
CA GLU A 1205 -4.93 10.49 -0.89
C GLU A 1205 -5.97 9.74 -0.08
N ASP A 1206 -6.01 8.41 -0.17
CA ASP A 1206 -6.92 7.64 0.67
C ASP A 1206 -6.53 7.76 2.14
N GLU A 1207 -5.24 7.84 2.43
CA GLU A 1207 -4.80 8.04 3.81
C GLU A 1207 -5.14 9.44 4.31
N LYS A 1208 -5.06 10.44 3.43
CA LYS A 1208 -5.38 11.81 3.83
C LYS A 1208 -6.86 11.96 4.14
N ARG A 1209 -7.72 11.26 3.38
CA ARG A 1209 -9.14 11.30 3.68
C ARG A 1209 -9.46 10.51 4.95
N ASP A 1210 -8.75 9.39 5.17
CA ASP A 1210 -8.93 8.63 6.39
C ASP A 1210 -8.50 9.43 7.62
N LEU A 1211 -7.43 10.22 7.48
CA LEU A 1211 -7.01 11.07 8.58
C LEU A 1211 -8.00 12.20 8.86
N PHE A 1212 -8.65 12.72 7.80
CA PHE A 1212 -9.59 13.82 7.99
C PHE A 1212 -10.79 13.38 8.81
N LEU A 1213 -11.36 12.22 8.47
CA LEU A 1213 -12.57 11.76 9.15
C LEU A 1213 -12.27 11.38 10.60
N ARG A 1214 -11.22 10.60 10.82
CA ARG A 1214 -10.91 10.09 12.14
C ARG A 1214 -10.28 11.13 13.07
N VAL A 1215 -9.94 12.32 12.56
CA VAL A 1215 -9.24 13.30 13.37
C VAL A 1215 -9.86 14.69 13.22
N ASN A 1216 -9.87 15.21 11.99
CA ASN A 1216 -10.11 16.62 11.75
C ASN A 1216 -11.51 16.93 11.23
N ASP A 1217 -12.48 16.07 11.50
CA ASP A 1217 -13.88 16.37 11.18
C ASP A 1217 -14.58 16.83 12.45
N THR A 1218 -14.26 18.06 12.85
CA THR A 1218 -14.65 18.59 14.15
C THR A 1218 -15.51 19.85 14.05
N ALA A 1219 -16.15 20.07 12.90
CA ALA A 1219 -16.96 21.27 12.73
C ALA A 1219 -18.25 21.17 13.55
N LYS A 1220 -18.58 22.25 14.25
CA LYS A 1220 -19.82 22.32 15.02
C LYS A 1220 -20.16 23.78 15.27
N ALA A 1221 -21.44 24.12 15.08
CA ALA A 1221 -21.89 25.50 15.25
C ALA A 1221 -22.09 25.83 16.73
N TYR A 1222 -21.50 26.93 17.17
CA TYR A 1222 -21.58 27.35 18.56
C TYR A 1222 -22.13 28.76 18.67
N PRO A 1223 -22.89 29.05 19.74
CA PRO A 1223 -23.43 30.40 19.91
C PRO A 1223 -22.32 31.44 20.05
N ASN A 1224 -22.52 32.58 19.40
CA ASN A 1224 -21.54 33.66 19.39
C ASN A 1224 -21.72 34.64 20.54
N LYS A 1225 -22.58 34.33 21.50
CA LYS A 1225 -22.82 35.23 22.63
C LYS A 1225 -21.62 35.21 23.56
N LEU A 1226 -21.03 36.38 23.79
CA LEU A 1226 -19.80 36.48 24.56
C LEU A 1226 -20.04 36.09 26.02
N ILE A 1227 -18.94 35.79 26.72
CA ILE A 1227 -19.05 35.26 28.08
C ILE A 1227 -19.47 36.35 29.06
N MET A 1228 -19.15 37.61 28.79
CA MET A 1228 -19.56 38.68 29.68
C MET A 1228 -21.06 38.95 29.57
N SER A 1229 -21.66 38.63 28.43
CA SER A 1229 -23.10 38.77 28.28
C SER A 1229 -23.84 37.61 28.93
N MET A 1230 -23.27 36.40 28.86
CA MET A 1230 -23.90 35.25 29.48
C MET A 1230 -24.03 35.42 30.99
N LEU A 1231 -23.04 36.08 31.62
CA LEU A 1231 -23.14 36.36 33.05
C LEU A 1231 -24.31 37.29 33.35
N GLU A 1232 -24.35 38.45 32.67
CA GLU A 1232 -25.43 39.40 32.91
C GLU A 1232 -26.78 38.83 32.48
N ASP A 1233 -26.79 37.88 31.54
CA ASP A 1233 -28.03 37.22 31.17
C ASP A 1233 -28.47 36.23 32.24
N TRP A 1234 -27.54 35.43 32.77
CA TRP A 1234 -27.88 34.51 33.85
C TRP A 1234 -28.21 35.27 35.13
N ALA A 1235 -27.45 36.33 35.43
CA ALA A 1235 -27.73 37.12 36.63
C ALA A 1235 -29.11 37.76 36.58
N ALA A 1236 -29.62 38.05 35.39
CA ALA A 1236 -30.96 38.58 35.27
C ALA A 1236 -32.00 37.52 35.62
N ALA A 1237 -31.84 36.31 35.07
CA ALA A 1237 -32.83 35.25 35.29
C ALA A 1237 -32.68 34.60 36.67
N THR A 1238 -31.46 34.51 37.19
CA THR A 1238 -31.21 33.90 38.50
C THR A 1238 -30.30 34.82 39.32
N PRO A 1239 -30.84 35.93 39.83
CA PRO A 1239 -29.99 36.84 40.62
C PRO A 1239 -29.62 36.28 41.98
N ASP A 1240 -30.47 35.45 42.60
CA ASP A 1240 -30.22 34.94 43.94
C ASP A 1240 -29.69 33.51 43.94
N LYS A 1241 -28.90 33.14 42.93
CA LYS A 1241 -28.24 31.85 42.89
C LYS A 1241 -26.76 32.03 43.17
N THR A 1242 -26.17 31.02 43.83
CA THR A 1242 -24.77 31.11 44.21
C THR A 1242 -23.86 31.07 42.97
N ALA A 1243 -23.00 32.06 42.85
CA ALA A 1243 -22.07 32.17 41.74
C ALA A 1243 -20.62 31.93 42.14
N LEU A 1244 -20.15 32.59 43.19
CA LEU A 1244 -18.80 32.41 43.69
C LEU A 1244 -18.85 31.98 45.16
N VAL A 1245 -17.88 31.16 45.55
CA VAL A 1245 -17.72 30.70 46.92
C VAL A 1245 -16.25 30.81 47.29
N PHE A 1246 -15.92 31.79 48.11
CA PHE A 1246 -14.57 31.99 48.61
C PHE A 1246 -14.59 31.82 50.13
N ARG A 1247 -13.61 31.06 50.64
CA ARG A 1247 -13.55 30.71 52.05
C ARG A 1247 -14.87 30.09 52.50
N GLU A 1248 -15.58 30.76 53.41
CA GLU A 1248 -16.91 30.36 53.83
C GLU A 1248 -17.95 31.43 53.51
N GLN A 1249 -17.68 32.28 52.53
CA GLN A 1249 -18.59 33.32 52.10
C GLN A 1249 -19.02 33.06 50.67
N ARG A 1250 -20.23 33.50 50.34
CA ARG A 1250 -20.86 33.19 49.06
C ARG A 1250 -21.30 34.47 48.36
N VAL A 1251 -21.02 34.54 47.06
CA VAL A 1251 -21.43 35.67 46.22
C VAL A 1251 -22.45 35.16 45.22
N THR A 1252 -23.58 35.85 45.13
CA THR A 1252 -24.61 35.47 44.19
C THR A 1252 -24.39 36.15 42.84
N TYR A 1253 -25.16 35.72 41.83
CA TYR A 1253 -25.00 36.26 40.48
C TYR A 1253 -25.27 37.76 40.45
N ARG A 1254 -26.27 38.22 41.21
CA ARG A 1254 -26.59 39.64 41.19
C ARG A 1254 -25.51 40.46 41.91
N GLU A 1255 -25.11 40.01 43.10
CA GLU A 1255 -24.05 40.70 43.83
C GLU A 1255 -22.76 40.76 43.01
N LEU A 1256 -22.44 39.66 42.32
CA LEU A 1256 -21.26 39.64 41.46
C LEU A 1256 -21.42 40.61 40.29
N ASN A 1257 -22.51 40.45 39.53
CA ASN A 1257 -22.70 41.27 38.33
C ASN A 1257 -22.75 42.75 38.66
N GLU A 1258 -23.39 43.11 39.77
CA GLU A 1258 -23.47 44.52 40.15
C GLU A 1258 -22.09 45.09 40.47
N ARG A 1259 -21.30 44.38 41.28
CA ARG A 1259 -19.96 44.84 41.60
C ARG A 1259 -19.08 44.86 40.35
N VAL A 1260 -19.34 43.96 39.41
CA VAL A 1260 -18.60 43.97 38.14
C VAL A 1260 -18.96 45.21 37.34
N ASN A 1261 -20.24 45.60 37.36
CA ASN A 1261 -20.67 46.78 36.60
C ASN A 1261 -20.04 48.05 37.14
N GLN A 1262 -19.92 48.16 38.47
CA GLN A 1262 -19.35 49.37 39.06
C GLN A 1262 -17.90 49.56 38.62
N LEU A 1263 -17.07 48.53 38.78
CA LEU A 1263 -15.69 48.63 38.33
C LEU A 1263 -15.60 48.80 36.82
N ALA A 1264 -16.53 48.17 36.08
CA ALA A 1264 -16.56 48.35 34.63
C ALA A 1264 -16.84 49.80 34.26
N HIS A 1265 -17.91 50.38 34.84
CA HIS A 1265 -18.19 51.80 34.61
C HIS A 1265 -17.01 52.67 35.01
N THR A 1266 -16.29 52.29 36.06
CA THR A 1266 -15.07 53.02 36.42
C THR A 1266 -14.00 52.83 35.36
N LEU A 1267 -13.84 51.60 34.86
CA LEU A 1267 -12.84 51.35 33.82
C LEU A 1267 -13.21 52.01 32.50
N ARG A 1268 -14.51 52.11 32.19
CA ARG A 1268 -14.93 52.70 30.92
C ARG A 1268 -14.47 54.14 30.80
N GLU A 1269 -14.76 54.96 31.81
CA GLU A 1269 -14.34 56.35 31.78
C GLU A 1269 -12.83 56.50 31.92
N LYS A 1270 -12.14 55.47 32.38
CA LYS A 1270 -10.68 55.49 32.47
C LYS A 1270 -10.00 55.40 31.12
N GLY A 1271 -10.75 55.29 30.02
CA GLY A 1271 -10.15 55.22 28.70
C GLY A 1271 -9.98 53.79 28.21
N VAL A 1272 -10.97 52.94 28.49
CA VAL A 1272 -10.94 51.54 28.06
C VAL A 1272 -11.81 51.40 26.83
N GLN A 1273 -11.20 50.91 25.76
CA GLN A 1273 -11.86 50.66 24.47
C GLN A 1273 -11.56 49.23 24.06
N PRO A 1274 -12.29 48.72 23.07
CA PRO A 1274 -12.00 47.36 22.56
C PRO A 1274 -10.51 47.18 22.26
N ASP A 1275 -10.01 45.97 22.57
CA ASP A 1275 -8.63 45.57 22.29
C ASP A 1275 -7.62 46.41 23.06
N ASP A 1276 -8.01 46.93 24.21
CA ASP A 1276 -7.09 47.59 25.12
C ASP A 1276 -6.66 46.61 26.21
N LEU A 1277 -5.46 46.84 26.76
CA LEU A 1277 -4.86 45.94 27.73
C LEU A 1277 -4.79 46.63 29.09
N VAL A 1278 -5.32 45.97 30.12
CA VAL A 1278 -5.17 46.39 31.50
C VAL A 1278 -4.58 45.22 32.26
N MET A 1279 -3.58 45.50 33.10
CA MET A 1279 -2.82 44.47 33.78
C MET A 1279 -3.39 44.22 35.17
N LEU A 1280 -3.33 42.96 35.59
CA LEU A 1280 -3.88 42.52 36.87
C LEU A 1280 -2.77 41.99 37.75
N MET A 1281 -2.75 42.44 39.01
CA MET A 1281 -1.82 41.96 40.04
C MET A 1281 -2.64 41.67 41.29
N ALA A 1282 -3.20 40.47 41.37
CA ALA A 1282 -4.04 40.09 42.49
C ALA A 1282 -3.91 38.59 42.73
N GLU A 1283 -4.05 38.20 44.00
CA GLU A 1283 -4.06 36.80 44.37
C GLU A 1283 -5.48 36.24 44.26
N ARG A 1284 -5.61 34.95 44.54
CA ARG A 1284 -6.91 34.29 44.41
C ARG A 1284 -7.90 34.85 45.41
N SER A 1285 -8.95 35.49 44.90
CA SER A 1285 -9.95 36.14 45.73
C SER A 1285 -11.20 36.40 44.87
N VAL A 1286 -12.20 37.02 45.48
CA VAL A 1286 -13.37 37.44 44.71
C VAL A 1286 -13.04 38.69 43.90
N GLU A 1287 -12.09 39.51 44.37
CA GLU A 1287 -11.72 40.71 43.64
C GLU A 1287 -11.06 40.38 42.31
N MET A 1288 -10.32 39.27 42.24
CA MET A 1288 -9.74 38.85 40.97
C MET A 1288 -10.82 38.51 39.96
N MET A 1289 -11.86 37.82 40.39
CA MET A 1289 -12.96 37.46 39.49
C MET A 1289 -13.74 38.70 39.06
N VAL A 1290 -13.94 39.64 39.99
CA VAL A 1290 -14.65 40.88 39.64
C VAL A 1290 -13.82 41.69 38.65
N ALA A 1291 -12.50 41.74 38.86
CA ALA A 1291 -11.64 42.50 37.94
C ALA A 1291 -11.69 41.93 36.53
N ILE A 1292 -11.57 40.61 36.41
CA ILE A 1292 -11.53 39.99 35.08
C ILE A 1292 -12.82 40.26 34.32
N PHE A 1293 -13.96 40.04 34.97
CA PHE A 1293 -15.24 40.27 34.29
C PHE A 1293 -15.48 41.74 34.02
N ALA A 1294 -15.04 42.62 34.92
CA ALA A 1294 -15.19 44.06 34.68
C ALA A 1294 -14.31 44.53 33.53
N VAL A 1295 -13.14 43.92 33.36
CA VAL A 1295 -12.30 44.24 32.21
C VAL A 1295 -13.01 43.88 30.92
N LEU A 1296 -13.68 42.72 30.89
CA LEU A 1296 -14.38 42.29 29.69
C LEU A 1296 -15.62 43.15 29.43
N LYS A 1297 -16.33 43.52 30.50
CA LYS A 1297 -17.51 44.37 30.32
C LYS A 1297 -17.13 45.77 29.87
N ALA A 1298 -16.00 46.29 30.35
CA ALA A 1298 -15.55 47.60 29.92
C ALA A 1298 -15.13 47.62 28.46
N GLY A 1299 -14.58 46.52 27.96
CA GLY A 1299 -14.23 46.43 26.55
C GLY A 1299 -12.84 45.88 26.29
N GLY A 1300 -11.96 45.95 27.28
CA GLY A 1300 -10.58 45.58 27.10
C GLY A 1300 -10.31 44.12 27.43
N ALA A 1301 -9.02 43.77 27.42
CA ALA A 1301 -8.55 42.44 27.73
C ALA A 1301 -7.66 42.49 28.97
N TYR A 1302 -7.77 41.47 29.82
CA TYR A 1302 -7.03 41.44 31.08
C TYR A 1302 -5.75 40.66 30.90
N LEU A 1303 -4.64 41.24 31.39
CA LEU A 1303 -3.32 40.63 31.28
C LEU A 1303 -2.89 40.17 32.66
N PRO A 1304 -2.88 38.87 32.94
CA PRO A 1304 -2.52 38.41 34.28
C PRO A 1304 -1.04 38.58 34.57
N ILE A 1305 -0.73 39.05 35.77
CA ILE A 1305 0.64 39.17 36.25
C ILE A 1305 0.67 38.70 37.70
N ASP A 1306 1.60 37.80 38.00
CA ASP A 1306 1.79 37.34 39.37
C ASP A 1306 2.20 38.52 40.26
N PRO A 1307 1.46 38.80 41.33
CA PRO A 1307 1.87 39.90 42.23
C PRO A 1307 3.24 39.69 42.84
N HIS A 1308 3.61 38.44 43.13
CA HIS A 1308 4.89 38.12 43.73
C HIS A 1308 6.00 37.91 42.70
N SER A 1309 5.85 38.48 41.50
CA SER A 1309 6.87 38.35 40.46
C SER A 1309 7.93 39.43 40.64
N PRO A 1310 9.19 39.10 40.36
CA PRO A 1310 10.26 40.09 40.53
C PRO A 1310 10.06 41.32 39.67
N ALA A 1311 10.58 42.44 40.15
CA ALA A 1311 10.44 43.71 39.43
C ALA A 1311 11.10 43.68 38.06
N GLU A 1312 12.12 42.83 37.87
CA GLU A 1312 12.74 42.70 36.56
C GLU A 1312 11.78 42.11 35.54
N ARG A 1313 10.88 41.22 35.98
CA ARG A 1313 9.94 40.62 35.04
C ARG A 1313 8.78 41.55 34.72
N ILE A 1314 8.22 42.24 35.72
CA ILE A 1314 7.07 43.10 35.47
C ILE A 1314 7.45 44.24 34.53
N ALA A 1315 8.59 44.90 34.79
CA ALA A 1315 9.04 45.98 33.94
C ALA A 1315 9.20 45.55 32.48
N TYR A 1316 9.42 44.26 32.24
CA TYR A 1316 9.45 43.74 30.88
C TYR A 1316 8.05 43.70 30.28
N ILE A 1317 7.09 43.11 31.00
CA ILE A 1317 5.73 43.04 30.50
C ILE A 1317 5.09 44.43 30.50
N PHE A 1318 5.41 45.25 31.50
CA PHE A 1318 4.91 46.62 31.52
C PHE A 1318 5.28 47.38 30.25
N ALA A 1319 6.44 47.07 29.67
CA ALA A 1319 6.89 47.73 28.45
C ALA A 1319 6.43 47.01 27.18
N ASP A 1320 6.54 45.69 27.14
CA ASP A 1320 6.15 44.95 25.96
C ASP A 1320 4.66 45.08 25.68
N SER A 1321 3.84 45.07 26.73
CA SER A 1321 2.40 45.24 26.54
C SER A 1321 2.03 46.68 26.24
N GLY A 1322 2.78 47.64 26.78
CA GLY A 1322 2.42 49.04 26.60
C GLY A 1322 1.15 49.45 27.29
N ALA A 1323 0.67 48.64 28.23
CA ALA A 1323 -0.58 48.93 28.91
C ALA A 1323 -0.41 50.09 29.90
N LYS A 1324 -1.55 50.64 30.32
CA LYS A 1324 -1.55 51.78 31.23
C LYS A 1324 -2.17 51.43 32.57
N LEU A 1325 -3.43 50.98 32.61
CA LEU A 1325 -4.09 50.67 33.87
C LEU A 1325 -3.51 49.39 34.47
N VAL A 1326 -3.39 49.37 35.80
CA VAL A 1326 -2.89 48.22 36.53
C VAL A 1326 -3.87 47.96 37.67
N LEU A 1327 -4.87 47.11 37.43
CA LEU A 1327 -5.83 46.75 38.47
C LEU A 1327 -5.18 45.80 39.47
N ALA A 1328 -4.63 46.34 40.55
CA ALA A 1328 -3.92 45.56 41.55
C ALA A 1328 -4.61 45.69 42.90
N GLN A 1329 -4.39 44.69 43.75
CA GLN A 1329 -4.90 44.72 45.11
C GLN A 1329 -4.08 45.70 45.96
N SER A 1330 -4.57 45.95 47.17
CA SER A 1330 -3.91 46.90 48.06
C SER A 1330 -2.47 46.57 48.35
N PRO A 1331 -2.08 45.33 48.67
CA PRO A 1331 -0.65 45.05 48.94
C PRO A 1331 0.25 45.19 47.73
N PHE A 1332 -0.31 45.39 46.52
CA PHE A 1332 0.51 45.44 45.31
C PHE A 1332 0.21 46.68 44.47
N VAL A 1333 -0.38 47.72 45.08
CA VAL A 1333 -0.62 48.96 44.34
C VAL A 1333 0.70 49.63 43.99
N GLU A 1334 1.58 49.82 44.97
CA GLU A 1334 2.89 50.39 44.73
C GLU A 1334 3.80 49.43 43.97
N LYS A 1335 3.42 48.16 43.82
CA LYS A 1335 4.25 47.22 43.08
C LYS A 1335 4.30 47.57 41.60
N ALA A 1336 3.26 48.23 41.09
CA ALA A 1336 3.32 48.77 39.73
C ALA A 1336 4.22 49.98 39.63
N SER A 1337 4.75 50.48 40.75
CA SER A 1337 5.67 51.62 40.78
C SER A 1337 5.06 52.85 40.15
N MET A 1338 3.73 52.98 40.24
CA MET A 1338 3.00 54.06 39.59
C MET A 1338 3.35 54.14 38.11
N ALA A 1339 3.26 52.99 37.44
CA ALA A 1339 3.58 52.91 36.02
C ALA A 1339 2.77 53.92 35.22
N GLU A 1340 1.45 53.85 35.32
CA GLU A 1340 0.58 54.88 34.78
C GLU A 1340 -0.51 55.19 35.79
N VAL A 1341 -1.74 54.79 35.49
CA VAL A 1341 -2.86 54.96 36.42
C VAL A 1341 -3.13 53.59 37.04
N VAL A 1342 -2.86 53.47 38.34
CA VAL A 1342 -2.99 52.22 39.07
C VAL A 1342 -4.16 52.35 40.03
N LEU A 1343 -5.15 51.46 39.90
CA LEU A 1343 -6.30 51.43 40.79
C LEU A 1343 -6.07 50.43 41.90
N ASP A 1344 -6.98 50.45 42.88
CA ASP A 1344 -6.92 49.56 44.05
C ASP A 1344 -8.22 48.77 44.09
N LEU A 1345 -8.12 47.45 43.90
CA LEU A 1345 -9.29 46.59 43.91
C LEU A 1345 -9.93 46.50 45.29
N ASN A 1346 -9.21 46.87 46.35
CA ASN A 1346 -9.76 46.84 47.70
C ASN A 1346 -10.26 48.20 48.18
N SER A 1347 -9.90 49.28 47.50
CA SER A 1347 -10.37 50.60 47.85
C SER A 1347 -11.67 50.90 47.12
N ALA A 1348 -12.70 51.31 47.88
CA ALA A 1348 -13.99 51.62 47.30
C ALA A 1348 -13.96 52.83 46.38
N SER A 1349 -12.90 53.64 46.43
CA SER A 1349 -12.81 54.79 45.53
C SER A 1349 -12.61 54.35 44.09
N SER A 1350 -11.92 53.24 43.87
CA SER A 1350 -11.71 52.72 42.51
C SER A 1350 -12.95 52.09 41.92
N TYR A 1351 -14.07 52.07 42.65
CA TYR A 1351 -15.33 51.56 42.17
C TYR A 1351 -16.29 52.72 41.95
N ALA A 1352 -17.43 52.41 41.34
CA ALA A 1352 -18.46 53.40 41.02
C ALA A 1352 -19.76 53.04 41.74
N ALA A 1353 -20.77 53.89 41.55
CA ALA A 1353 -22.07 53.68 42.16
C ALA A 1353 -23.08 53.08 41.20
N ASP A 1354 -22.82 53.11 39.89
CA ASP A 1354 -23.76 52.59 38.91
C ASP A 1354 -23.69 51.06 38.90
N THR A 1355 -24.80 50.41 39.25
CA THR A 1355 -24.89 48.96 39.29
C THR A 1355 -25.60 48.40 38.06
N SER A 1356 -25.75 49.18 37.01
CA SER A 1356 -26.39 48.73 35.78
C SER A 1356 -25.37 48.15 34.82
N ASN A 1357 -25.82 47.20 34.00
CA ASN A 1357 -24.94 46.53 33.05
C ASN A 1357 -24.40 47.53 32.04
N PRO A 1358 -23.09 47.67 31.89
CA PRO A 1358 -22.55 48.57 30.88
C PRO A 1358 -22.92 48.06 29.48
N PRO A 1359 -22.99 48.95 28.50
CA PRO A 1359 -23.39 48.52 27.15
C PRO A 1359 -22.32 47.64 26.51
N LEU A 1360 -22.78 46.82 25.57
CA LEU A 1360 -21.90 45.92 24.85
C LEU A 1360 -21.02 46.71 23.88
N VAL A 1361 -19.71 46.45 23.92
CA VAL A 1361 -18.76 47.20 23.11
C VAL A 1361 -17.68 46.28 22.55
N ASN A 1362 -17.97 44.98 22.45
CA ASN A 1362 -16.97 44.01 22.01
C ASN A 1362 -17.55 43.09 20.95
N GLN A 1363 -16.76 42.84 19.91
CA GLN A 1363 -17.11 41.90 18.86
C GLN A 1363 -16.40 40.57 19.11
N PRO A 1364 -16.92 39.47 18.53
CA PRO A 1364 -16.26 38.16 18.73
C PRO A 1364 -14.82 38.10 18.24
N GLY A 1365 -14.34 39.12 17.53
CA GLY A 1365 -12.96 39.19 17.09
C GLY A 1365 -12.07 40.08 17.93
N ASP A 1366 -12.52 40.53 19.09
CA ASP A 1366 -11.74 41.40 19.95
C ASP A 1366 -10.99 40.59 21.01
N LEU A 1367 -9.91 41.19 21.52
CA LEU A 1367 -9.09 40.50 22.50
C LEU A 1367 -9.83 40.34 23.82
N VAL A 1368 -9.72 39.13 24.40
CA VAL A 1368 -10.31 38.86 25.70
C VAL A 1368 -9.24 38.77 26.80
N TYR A 1369 -8.05 38.26 26.50
CA TYR A 1369 -6.96 38.25 27.46
C TYR A 1369 -5.65 38.10 26.71
N VAL A 1370 -4.55 38.38 27.41
CA VAL A 1370 -3.20 38.23 26.88
C VAL A 1370 -2.40 37.46 27.90
N MET A 1371 -2.03 36.22 27.57
CA MET A 1371 -1.30 35.34 28.47
C MET A 1371 0.14 35.25 28.01
N TYR A 1372 1.07 35.70 28.84
CA TYR A 1372 2.49 35.61 28.52
C TYR A 1372 3.02 34.20 28.77
N THR A 1373 4.00 33.80 27.97
CA THR A 1373 4.49 32.43 27.97
C THR A 1373 5.69 32.22 28.89
N SER A 1374 6.73 33.05 28.74
CA SER A 1374 7.99 32.86 29.47
C SER A 1374 8.57 31.48 29.20
N GLY A 1375 8.43 31.01 27.97
CA GLY A 1375 8.90 29.69 27.61
C GLY A 1375 10.41 29.57 27.62
N SER A 1376 10.87 28.33 27.46
CA SER A 1376 12.30 28.04 27.49
C SER A 1376 12.98 28.66 26.27
N THR A 1377 14.25 29.06 26.47
CA THR A 1377 15.07 29.67 25.43
C THR A 1377 14.37 30.87 24.80
N GLY A 1378 13.86 31.75 25.65
CA GLY A 1378 13.19 32.95 25.18
C GLY A 1378 12.59 33.80 26.28
N LYS A 1379 12.55 35.11 26.06
CA LYS A 1379 11.91 36.00 27.01
C LYS A 1379 10.40 36.00 26.79
N PRO A 1380 9.61 36.17 27.87
CA PRO A 1380 8.14 36.07 27.78
C PRO A 1380 7.53 36.78 26.58
N LYS A 1381 6.64 36.07 25.88
CA LYS A 1381 5.92 36.60 24.74
C LYS A 1381 4.43 36.56 25.01
N GLY A 1382 3.74 37.64 24.63
CA GLY A 1382 2.32 37.77 24.92
C GLY A 1382 1.41 37.13 23.89
N VAL A 1383 0.76 36.03 24.27
CA VAL A 1383 -0.20 35.37 23.39
C VAL A 1383 -1.53 36.10 23.47
N MET A 1384 -2.05 36.52 22.32
CA MET A 1384 -3.27 37.30 22.25
C MET A 1384 -4.43 36.39 21.86
N ILE A 1385 -5.40 36.25 22.75
CA ILE A 1385 -6.56 35.40 22.54
C ILE A 1385 -7.80 36.26 22.40
N GLU A 1386 -8.63 35.93 21.41
CA GLU A 1386 -9.85 36.67 21.14
C GLU A 1386 -11.06 36.00 21.80
N HIS A 1387 -12.20 36.69 21.74
CA HIS A 1387 -13.40 36.20 22.40
C HIS A 1387 -13.94 34.96 21.71
N GLY A 1388 -14.12 35.02 20.38
CA GLY A 1388 -14.63 33.87 19.65
C GLY A 1388 -13.73 32.65 19.79
N ALA A 1389 -12.42 32.86 19.92
CA ALA A 1389 -11.51 31.76 20.15
C ALA A 1389 -11.76 31.12 21.51
N LEU A 1390 -11.91 31.95 22.55
CA LEU A 1390 -12.19 31.43 23.88
C LEU A 1390 -13.57 30.77 23.95
N LEU A 1391 -14.54 31.32 23.22
CA LEU A 1391 -15.89 30.78 23.26
C LEU A 1391 -15.94 29.37 22.70
N ASN A 1392 -15.17 29.11 21.64
CA ASN A 1392 -15.21 27.80 21.00
C ASN A 1392 -14.69 26.71 21.93
N VAL A 1393 -13.70 27.02 22.76
CA VAL A 1393 -13.17 26.02 23.69
C VAL A 1393 -14.12 25.82 24.86
N LEU A 1394 -14.69 26.90 25.38
CA LEU A 1394 -15.63 26.78 26.49
C LEU A 1394 -16.87 25.99 26.07
N HIS A 1395 -17.39 26.26 24.87
CA HIS A 1395 -18.51 25.46 24.37
C HIS A 1395 -18.08 24.02 24.07
N GLY A 1396 -16.86 23.85 23.56
CA GLY A 1396 -16.40 22.50 23.27
C GLY A 1396 -16.21 21.67 24.52
N MET A 1397 -15.58 22.25 25.55
CA MET A 1397 -15.38 21.53 26.79
C MET A 1397 -16.70 21.30 27.53
N GLN A 1398 -17.69 22.17 27.30
CA GLN A 1398 -18.99 21.96 27.92
C GLN A 1398 -19.76 20.84 27.23
N ASP A 1399 -19.47 20.57 25.95
CA ASP A 1399 -20.10 19.45 25.28
C ASP A 1399 -19.56 18.12 25.77
N GLU A 1400 -18.29 18.08 26.18
CA GLU A 1400 -17.67 16.85 26.64
C GLU A 1400 -17.78 16.66 28.15
N TYR A 1401 -17.54 17.73 28.92
CA TYR A 1401 -17.63 17.70 30.38
C TYR A 1401 -18.59 18.80 30.81
N PRO A 1402 -19.89 18.56 30.71
CA PRO A 1402 -20.88 19.63 30.98
C PRO A 1402 -20.92 19.99 32.46
N LEU A 1403 -20.69 21.26 32.76
CA LEU A 1403 -20.85 21.81 34.10
C LEU A 1403 -22.22 22.47 34.15
N LEU A 1404 -23.19 21.78 34.77
CA LEU A 1404 -24.56 22.24 34.80
C LEU A 1404 -24.77 23.19 35.98
N GLN A 1405 -26.04 23.47 36.30
CA GLN A 1405 -26.34 24.44 37.35
C GLN A 1405 -26.01 23.89 38.73
N ASP A 1406 -26.22 22.59 38.95
CA ASP A 1406 -25.93 21.96 40.22
C ASP A 1406 -24.48 21.52 40.35
N ASP A 1407 -23.60 21.97 39.46
CA ASP A 1407 -22.20 21.58 39.45
C ASP A 1407 -21.32 22.74 39.89
N ALA A 1408 -20.03 22.47 40.03
CA ALA A 1408 -19.09 23.46 40.52
C ALA A 1408 -17.70 23.19 39.97
N PHE A 1409 -16.90 24.25 39.92
CA PHE A 1409 -15.50 24.19 39.52
C PHE A 1409 -14.64 24.69 40.66
N LEU A 1410 -13.38 24.26 40.68
CA LEU A 1410 -12.42 24.65 41.71
C LEU A 1410 -11.34 25.51 41.07
N LEU A 1411 -11.23 26.76 41.51
CA LEU A 1411 -10.18 27.66 41.04
C LEU A 1411 -8.91 27.36 41.82
N LYS A 1412 -8.02 26.58 41.22
CA LYS A 1412 -6.76 26.20 41.87
C LYS A 1412 -5.53 26.46 41.03
N THR A 1413 -5.66 26.67 39.72
CA THR A 1413 -4.52 26.96 38.87
C THR A 1413 -4.19 28.45 38.95
N THR A 1414 -2.89 28.76 39.00
CA THR A 1414 -2.45 30.14 39.02
C THR A 1414 -2.87 30.85 37.73
N TYR A 1415 -3.38 32.07 37.88
CA TYR A 1415 -4.02 32.74 36.75
C TYR A 1415 -3.03 33.25 35.71
N ILE A 1416 -1.74 32.96 35.85
CA ILE A 1416 -0.76 33.32 34.82
C ILE A 1416 -0.62 32.15 33.88
N PHE A 1417 -1.45 31.13 34.05
CA PHE A 1417 -1.48 29.97 33.17
C PHE A 1417 -2.85 29.87 32.54
N ASP A 1418 -2.88 29.46 31.26
CA ASP A 1418 -4.14 29.44 30.51
C ASP A 1418 -5.13 28.43 31.07
N ILE A 1419 -4.65 27.40 31.77
CA ILE A 1419 -5.55 26.40 32.36
C ILE A 1419 -6.51 27.06 33.34
N SER A 1420 -6.06 28.10 34.04
CA SER A 1420 -6.93 28.80 34.97
C SER A 1420 -8.12 29.45 34.28
N VAL A 1421 -7.95 29.88 33.03
CA VAL A 1421 -9.04 30.51 32.30
C VAL A 1421 -10.21 29.55 32.12
N ALA A 1422 -9.93 28.26 31.92
CA ALA A 1422 -11.01 27.28 31.85
C ALA A 1422 -11.75 27.16 33.17
N GLU A 1423 -11.09 27.50 34.28
CA GLU A 1423 -11.77 27.51 35.58
C GLU A 1423 -12.48 28.83 35.83
N ILE A 1424 -11.99 29.92 35.24
CA ILE A 1424 -12.59 31.23 35.47
C ILE A 1424 -13.94 31.34 34.77
N PHE A 1425 -14.04 30.83 33.55
CA PHE A 1425 -15.25 30.97 32.75
C PHE A 1425 -15.97 29.64 32.52
N GLY A 1426 -15.44 28.52 33.02
CA GLY A 1426 -16.03 27.22 32.78
C GLY A 1426 -17.36 26.97 33.47
N TRP A 1427 -17.71 27.79 34.46
CA TRP A 1427 -18.97 27.63 35.19
C TRP A 1427 -20.09 28.50 34.64
N VAL A 1428 -19.78 29.46 33.76
CA VAL A 1428 -20.76 30.40 33.23
C VAL A 1428 -21.72 29.73 32.23
N PRO A 1429 -21.25 28.93 31.26
CA PRO A 1429 -22.21 28.38 30.28
C PRO A 1429 -23.35 27.61 30.90
N GLY A 1430 -23.08 26.69 31.81
CA GLY A 1430 -24.12 25.93 32.47
C GLY A 1430 -24.74 26.59 33.68
N ARG A 1431 -24.36 27.83 33.98
CA ARG A 1431 -24.87 28.58 35.13
C ARG A 1431 -24.62 27.81 36.43
N GLY A 1432 -23.37 27.38 36.63
CA GLY A 1432 -23.00 26.68 37.83
C GLY A 1432 -22.46 27.59 38.90
N LYS A 1433 -21.25 27.28 39.39
CA LYS A 1433 -20.61 28.11 40.40
C LYS A 1433 -19.12 27.78 40.41
N LEU A 1434 -18.33 28.73 40.92
CA LEU A 1434 -16.89 28.57 41.04
C LEU A 1434 -16.50 28.66 42.50
N VAL A 1435 -15.77 27.64 42.97
CA VAL A 1435 -15.27 27.61 44.35
C VAL A 1435 -13.81 28.06 44.29
N ILE A 1436 -13.55 29.26 44.77
CA ILE A 1436 -12.21 29.84 44.74
C ILE A 1436 -11.41 29.26 45.89
N LEU A 1437 -10.34 28.53 45.56
CA LEU A 1437 -9.48 27.95 46.59
C LEU A 1437 -8.63 29.04 47.24
N GLU A 1438 -8.24 28.80 48.48
CA GLU A 1438 -7.41 29.75 49.20
C GLU A 1438 -6.05 29.86 48.51
N PRO A 1439 -5.44 31.06 48.48
CA PRO A 1439 -4.10 31.17 47.92
C PRO A 1439 -3.12 30.23 48.59
N GLU A 1440 -2.27 29.61 47.76
CA GLU A 1440 -1.25 28.64 48.20
C GLU A 1440 -1.87 27.40 48.85
N ALA A 1441 -3.13 27.10 48.54
CA ALA A 1441 -3.75 25.85 48.96
C ALA A 1441 -3.73 24.79 47.88
N GLU A 1442 -3.21 25.11 46.69
CA GLU A 1442 -3.07 24.13 45.63
C GLU A 1442 -1.97 23.10 45.92
N LYS A 1443 -1.12 23.35 46.91
CA LYS A 1443 -0.08 22.43 47.31
C LYS A 1443 -0.52 21.49 48.43
N ASN A 1444 -1.69 21.73 49.02
CA ASN A 1444 -2.17 20.91 50.12
C ASN A 1444 -3.29 20.01 49.63
N PRO A 1445 -3.05 18.70 49.45
CA PRO A 1445 -4.15 17.80 49.06
C PRO A 1445 -5.26 17.74 50.09
N LYS A 1446 -4.99 18.12 51.34
CA LYS A 1446 -6.04 18.18 52.35
C LYS A 1446 -7.07 19.25 51.99
N ALA A 1447 -6.60 20.47 51.69
CA ALA A 1447 -7.51 21.55 51.37
C ALA A 1447 -8.24 21.31 50.05
N ILE A 1448 -7.54 20.77 49.06
CA ILE A 1448 -8.17 20.49 47.77
C ILE A 1448 -9.28 19.46 47.93
N TRP A 1449 -9.02 18.41 48.73
CA TRP A 1449 -10.02 17.38 48.93
C TRP A 1449 -11.20 17.90 49.76
N GLN A 1450 -10.93 18.78 50.72
CA GLN A 1450 -12.02 19.38 51.49
C GLN A 1450 -12.94 20.20 50.60
N ALA A 1451 -12.37 20.89 49.61
CA ALA A 1451 -13.19 21.70 48.71
C ALA A 1451 -14.10 20.83 47.86
N VAL A 1452 -13.61 19.66 47.42
CA VAL A 1452 -14.41 18.78 46.59
C VAL A 1452 -15.56 18.17 47.40
N VAL A 1453 -15.31 17.89 48.68
CA VAL A 1453 -16.33 17.25 49.51
C VAL A 1453 -17.34 18.28 50.00
N GLY A 1454 -16.86 19.39 50.57
CA GLY A 1454 -17.75 20.36 51.16
C GLY A 1454 -18.59 21.11 50.15
N ALA A 1455 -18.01 21.46 49.01
CA ALA A 1455 -18.68 22.23 47.98
C ALA A 1455 -19.29 21.37 46.88
N GLY A 1456 -19.15 20.05 46.95
CA GLY A 1456 -19.69 19.18 45.92
C GLY A 1456 -19.12 19.45 44.55
N ILE A 1457 -17.81 19.71 44.48
CA ILE A 1457 -17.18 20.07 43.21
C ILE A 1457 -17.16 18.86 42.29
N THR A 1458 -17.58 19.06 41.04
CA THR A 1458 -17.60 18.02 40.03
C THR A 1458 -16.45 18.13 39.02
N HIS A 1459 -16.09 19.35 38.65
CA HIS A 1459 -15.03 19.60 37.69
C HIS A 1459 -13.79 20.10 38.41
N ILE A 1460 -12.64 19.49 38.13
CA ILE A 1460 -11.38 19.88 38.76
C ILE A 1460 -10.26 19.69 37.76
N ASN A 1461 -9.31 20.63 37.78
CA ASN A 1461 -8.13 20.58 36.94
C ASN A 1461 -6.92 20.19 37.78
N PHE A 1462 -6.09 19.29 37.24
CA PHE A 1462 -4.92 18.80 37.95
C PHE A 1462 -3.79 18.59 36.95
N VAL A 1463 -2.74 19.37 37.05
CA VAL A 1463 -1.53 19.09 36.27
C VAL A 1463 -0.85 17.86 36.87
N PRO A 1464 -0.35 16.93 36.05
CA PRO A 1464 0.34 15.76 36.60
C PRO A 1464 1.51 16.16 37.49
N SER A 1465 1.98 15.19 38.28
CA SER A 1465 2.95 15.35 39.36
C SER A 1465 2.34 16.12 40.52
N MET A 1466 1.20 16.76 40.30
CA MET A 1466 0.38 17.31 41.37
C MET A 1466 -0.85 16.47 41.66
N LEU A 1467 -1.22 15.58 40.74
CA LEU A 1467 -2.28 14.63 40.99
C LEU A 1467 -1.80 13.43 41.79
N ILE A 1468 -0.51 13.08 41.66
CA ILE A 1468 0.03 11.98 42.45
C ILE A 1468 0.02 12.28 43.94
N PRO A 1469 0.45 13.46 44.42
CA PRO A 1469 0.27 13.77 45.85
C PRO A 1469 -1.18 13.83 46.27
N PHE A 1470 -2.10 14.09 45.35
CA PHE A 1470 -3.51 14.13 45.69
C PHE A 1470 -4.08 12.73 45.89
N VAL A 1471 -3.77 11.81 44.97
CA VAL A 1471 -4.24 10.45 45.12
C VAL A 1471 -3.53 9.73 46.26
N GLU A 1472 -2.33 10.17 46.64
CA GLU A 1472 -1.65 9.58 47.79
C GLU A 1472 -2.29 9.99 49.10
N TYR A 1473 -3.13 11.03 49.09
CA TYR A 1473 -3.89 11.40 50.28
C TYR A 1473 -5.26 10.74 50.32
N LEU A 1474 -5.86 10.46 49.16
CA LEU A 1474 -7.19 9.90 49.10
C LEU A 1474 -7.23 8.38 49.23
N GLU A 1475 -6.07 7.72 49.22
CA GLU A 1475 -6.05 6.27 49.34
C GLU A 1475 -6.55 5.82 50.72
N GLY A 1476 -6.06 6.47 51.77
CA GLY A 1476 -6.54 6.19 53.11
C GLY A 1476 -7.66 7.13 53.50
N ARG A 1477 -8.62 7.31 52.60
CA ARG A 1477 -9.74 8.22 52.83
C ARG A 1477 -11.04 7.55 52.41
N THR A 1478 -12.15 8.10 52.92
CA THR A 1478 -13.45 7.54 52.59
C THR A 1478 -14.56 8.60 52.55
N GLU A 1479 -14.22 9.88 52.46
CA GLU A 1479 -15.24 10.91 52.42
C GLU A 1479 -16.06 10.81 51.14
N ALA A 1480 -17.33 11.19 51.24
CA ALA A 1480 -18.20 11.22 50.08
C ALA A 1480 -17.74 12.30 49.11
N ASN A 1481 -17.98 12.06 47.82
CA ASN A 1481 -17.50 12.95 46.78
C ASN A 1481 -18.50 13.02 45.64
N ARG A 1482 -18.72 14.23 45.13
CA ARG A 1482 -19.54 14.48 43.97
C ARG A 1482 -18.71 14.65 42.70
N LEU A 1483 -17.40 14.46 42.79
CA LEU A 1483 -16.51 14.70 41.66
C LEU A 1483 -16.87 13.80 40.49
N ARG A 1484 -16.77 14.35 39.28
CA ARG A 1484 -17.09 13.62 38.05
C ARG A 1484 -15.94 13.57 37.06
N TYR A 1485 -15.24 14.68 36.84
CA TYR A 1485 -14.17 14.74 35.86
C TYR A 1485 -12.90 15.27 36.51
N ILE A 1486 -11.78 14.59 36.27
CA ILE A 1486 -10.47 15.09 36.63
C ILE A 1486 -9.74 15.38 35.32
N LEU A 1487 -9.67 16.66 34.97
CA LEU A 1487 -9.08 17.08 33.70
C LEU A 1487 -7.60 17.37 33.91
N ALA A 1488 -6.75 16.58 33.26
CA ALA A 1488 -5.30 16.69 33.41
C ALA A 1488 -4.68 17.35 32.19
N CYS A 1489 -3.76 18.28 32.45
CA CYS A 1489 -3.08 19.00 31.39
C CYS A 1489 -1.81 19.64 31.97
N GLY A 1490 -0.80 19.78 31.11
CA GLY A 1490 0.44 20.41 31.51
C GLY A 1490 1.67 19.61 31.17
N GLU A 1491 1.63 18.31 31.47
CA GLU A 1491 2.77 17.42 31.22
C GLU A 1491 2.24 16.05 30.85
N ALA A 1492 3.15 15.19 30.41
CA ALA A 1492 2.78 13.83 30.03
C ALA A 1492 2.31 13.07 31.26
N MET A 1493 1.18 12.40 31.15
CA MET A 1493 0.65 11.63 32.26
C MET A 1493 1.43 10.33 32.39
N PRO A 1494 1.91 9.98 33.59
CA PRO A 1494 2.52 8.66 33.78
C PRO A 1494 1.48 7.56 33.64
N ASP A 1495 1.88 6.47 32.97
CA ASP A 1495 0.96 5.37 32.73
C ASP A 1495 0.48 4.74 34.04
N GLU A 1496 1.33 4.75 35.07
CA GLU A 1496 0.95 4.18 36.36
C GLU A 1496 -0.06 5.04 37.12
N LEU A 1497 -0.28 6.28 36.69
CA LEU A 1497 -1.20 7.15 37.40
C LEU A 1497 -2.66 6.84 37.09
N VAL A 1498 -2.94 6.27 35.91
CA VAL A 1498 -4.32 5.94 35.55
C VAL A 1498 -4.95 4.96 36.52
N PRO A 1499 -4.34 3.83 36.87
CA PRO A 1499 -4.95 2.95 37.88
C PRO A 1499 -4.95 3.57 39.27
N LYS A 1500 -3.96 4.41 39.60
CA LYS A 1500 -3.93 5.04 40.92
C LYS A 1500 -5.13 5.95 41.12
N VAL A 1501 -5.57 6.63 40.06
CA VAL A 1501 -6.69 7.54 40.17
C VAL A 1501 -8.00 6.78 40.31
N TYR A 1502 -8.19 5.75 39.49
CA TYR A 1502 -9.45 5.01 39.49
C TYR A 1502 -9.62 4.12 40.72
N GLU A 1503 -8.57 3.92 41.52
CA GLU A 1503 -8.73 3.14 42.75
C GLU A 1503 -9.05 4.03 43.95
N VAL A 1504 -8.53 5.26 43.99
CA VAL A 1504 -8.91 6.18 45.06
C VAL A 1504 -10.19 6.93 44.72
N LEU A 1505 -10.59 6.94 43.46
CA LEU A 1505 -11.79 7.65 43.02
C LEU A 1505 -12.48 6.86 41.92
N PRO A 1506 -13.24 5.83 42.28
CA PRO A 1506 -14.14 5.22 41.31
C PRO A 1506 -15.27 6.19 40.97
N GLU A 1507 -15.89 5.95 39.82
CA GLU A 1507 -16.97 6.75 39.22
C GLU A 1507 -16.48 8.07 38.64
N VAL A 1508 -15.18 8.38 38.74
CA VAL A 1508 -14.63 9.59 38.14
C VAL A 1508 -14.23 9.28 36.70
N LYS A 1509 -14.06 10.33 35.91
CA LYS A 1509 -13.65 10.22 34.51
C LYS A 1509 -12.33 10.95 34.35
N LEU A 1510 -11.22 10.21 34.41
CA LEU A 1510 -9.90 10.80 34.20
C LEU A 1510 -9.71 11.09 32.72
N GLU A 1511 -9.29 12.33 32.42
CA GLU A 1511 -9.15 12.78 31.04
C GLU A 1511 -7.81 13.48 30.87
N ASN A 1512 -7.04 13.05 29.89
CA ASN A 1512 -5.78 13.70 29.53
C ASN A 1512 -6.04 14.68 28.40
N ILE A 1513 -5.60 15.91 28.58
CA ILE A 1513 -5.91 17.01 27.66
C ILE A 1513 -4.64 17.77 27.33
N TYR A 1514 -4.47 18.11 26.05
CA TYR A 1514 -3.30 18.81 25.55
C TYR A 1514 -3.73 20.08 24.83
N GLY A 1515 -2.88 21.10 24.89
CA GLY A 1515 -3.15 22.34 24.20
C GLY A 1515 -2.13 23.42 24.52
N PRO A 1516 -1.50 23.97 23.48
CA PRO A 1516 -0.59 25.09 23.69
C PRO A 1516 -1.35 26.37 24.02
N THR A 1517 -0.62 27.33 24.59
CA THR A 1517 -1.23 28.61 24.92
C THR A 1517 -1.68 29.36 23.67
N GLU A 1518 -1.00 29.13 22.54
CA GLU A 1518 -1.36 29.78 21.28
C GLU A 1518 -2.65 29.23 20.68
N ALA A 1519 -3.17 28.12 21.20
CA ALA A 1519 -4.49 27.64 20.84
C ALA A 1519 -5.45 27.86 22.01
N THR A 1520 -5.47 29.09 22.53
CA THR A 1520 -6.22 29.46 23.72
C THR A 1520 -5.83 28.61 24.91
N ILE A 1521 -6.65 27.62 25.25
CA ILE A 1521 -6.43 26.79 26.42
C ILE A 1521 -5.99 25.40 26.00
N TYR A 1522 -6.90 24.65 25.41
CA TYR A 1522 -6.68 23.25 25.06
C TYR A 1522 -6.78 23.07 23.55
N ALA A 1523 -6.52 21.85 23.09
CA ALA A 1523 -6.58 21.54 21.67
C ALA A 1523 -7.11 20.13 21.43
N SER A 1524 -6.60 19.16 22.20
CA SER A 1524 -7.00 17.76 22.05
C SER A 1524 -7.28 17.17 23.41
N ARG A 1525 -8.01 16.05 23.41
CA ARG A 1525 -8.39 15.36 24.63
C ARG A 1525 -8.38 13.85 24.39
N TYR A 1526 -8.26 13.11 25.47
CA TYR A 1526 -8.30 11.64 25.40
C TYR A 1526 -8.93 11.11 26.68
N SER A 1527 -9.97 10.30 26.53
CA SER A 1527 -10.71 9.74 27.66
C SER A 1527 -10.06 8.43 28.08
N LEU A 1528 -9.58 8.37 29.31
CA LEU A 1528 -8.95 7.17 29.83
C LEU A 1528 -9.98 6.32 30.57
N ALA A 1529 -9.89 5.00 30.38
CA ALA A 1529 -10.82 4.07 30.97
C ALA A 1529 -10.18 3.34 32.15
N LYS A 1530 -11.02 2.61 32.89
CA LYS A 1530 -10.57 1.85 34.05
C LYS A 1530 -9.61 0.74 33.62
N GLY A 1531 -10.14 -0.29 32.95
CA GLY A 1531 -9.32 -1.38 32.48
C GLY A 1531 -8.54 -1.05 31.23
N SER A 1532 -7.52 -0.21 31.37
CA SER A 1532 -6.70 0.20 30.24
C SER A 1532 -5.25 0.32 30.67
N GLN A 1533 -4.35 0.13 29.71
CA GLN A 1533 -2.90 0.26 29.92
C GLN A 1533 -2.30 0.76 28.60
N GLU A 1534 -2.48 2.05 28.34
CA GLU A 1534 -1.91 2.65 27.14
C GLU A 1534 -0.40 2.71 27.25
N SER A 1535 0.28 2.35 26.15
CA SER A 1535 1.75 2.37 26.17
C SER A 1535 2.31 3.77 26.39
N PRO A 1536 1.72 4.85 25.85
CA PRO A 1536 2.07 6.17 26.37
C PRO A 1536 0.89 6.80 27.06
N VAL A 1537 0.62 8.07 26.77
CA VAL A 1537 -0.67 8.68 27.08
C VAL A 1537 -1.07 9.50 25.86
N PRO A 1538 -1.76 8.91 24.89
CA PRO A 1538 -2.13 9.65 23.67
C PRO A 1538 -2.89 10.92 24.00
N ILE A 1539 -2.42 12.05 23.46
CA ILE A 1539 -3.07 13.33 23.74
C ILE A 1539 -4.45 13.38 23.11
N GLY A 1540 -4.74 12.46 22.20
CA GLY A 1540 -6.08 12.26 21.70
C GLY A 1540 -6.34 12.97 20.39
N LYS A 1541 -7.61 13.29 20.18
CA LYS A 1541 -8.10 13.91 18.97
C LYS A 1541 -8.54 15.34 19.25
N PRO A 1542 -8.50 16.22 18.24
CA PRO A 1542 -8.78 17.64 18.49
C PRO A 1542 -10.21 17.88 18.93
N LEU A 1543 -10.40 19.01 19.61
CA LEU A 1543 -11.70 19.43 20.10
C LEU A 1543 -12.58 19.89 18.94
N PRO A 1544 -13.86 20.18 19.19
CA PRO A 1544 -14.70 20.74 18.13
C PRO A 1544 -14.10 22.00 17.53
N ASN A 1545 -14.21 22.11 16.21
CA ASN A 1545 -13.65 23.21 15.42
C ASN A 1545 -12.13 23.32 15.56
N TYR A 1546 -11.48 22.25 15.97
CA TYR A 1546 -10.04 22.15 16.02
C TYR A 1546 -9.53 21.19 14.95
N ARG A 1547 -8.36 21.48 14.41
CA ARG A 1547 -7.72 20.61 13.43
C ARG A 1547 -6.23 20.57 13.72
N MET A 1548 -5.66 19.36 13.76
CA MET A 1548 -4.27 19.15 14.08
C MET A 1548 -3.59 18.40 12.94
N TYR A 1549 -2.44 18.91 12.51
CA TYR A 1549 -1.68 18.32 11.42
C TYR A 1549 -0.26 18.01 11.88
N ILE A 1550 0.25 16.86 11.47
CA ILE A 1550 1.61 16.43 11.78
C ILE A 1550 2.40 16.42 10.48
N ILE A 1551 3.34 17.35 10.34
CA ILE A 1551 4.07 17.56 9.11
C ILE A 1551 5.53 17.19 9.30
N ASN A 1552 6.24 17.05 8.18
CA ASN A 1552 7.67 16.76 8.18
C ASN A 1552 8.45 18.07 8.07
N ARG A 1553 9.76 17.98 7.86
CA ARG A 1553 10.59 19.17 7.72
C ARG A 1553 10.37 19.90 6.40
N HIS A 1554 9.62 19.31 5.46
CA HIS A 1554 9.32 19.96 4.19
C HIS A 1554 7.87 20.41 4.09
N GLY A 1555 7.08 20.23 5.14
CA GLY A 1555 5.70 20.66 5.13
C GLY A 1555 4.72 19.69 4.51
N GLN A 1556 4.98 18.38 4.58
CA GLN A 1556 4.09 17.37 4.05
C GLN A 1556 3.47 16.58 5.19
N LEU A 1557 2.19 16.22 5.02
CA LEU A 1557 1.47 15.49 6.06
C LEU A 1557 2.09 14.10 6.24
N GLN A 1558 2.44 13.77 7.48
CA GLN A 1558 3.05 12.49 7.78
C GLN A 1558 1.98 11.41 7.95
N PRO A 1559 2.24 10.19 7.48
CA PRO A 1559 1.26 9.11 7.66
C PRO A 1559 1.27 8.55 9.08
N ILE A 1560 0.51 7.48 9.30
CA ILE A 1560 0.40 6.89 10.64
C ILE A 1560 1.74 6.29 11.04
N GLY A 1561 2.15 6.56 12.28
CA GLY A 1561 3.39 6.05 12.81
C GLY A 1561 4.60 6.93 12.58
N VAL A 1562 4.66 7.58 11.43
CA VAL A 1562 5.80 8.45 11.11
C VAL A 1562 5.70 9.71 11.95
N PRO A 1563 6.76 10.08 12.69
CA PRO A 1563 6.68 11.25 13.55
C PRO A 1563 6.89 12.55 12.79
N GLY A 1564 6.53 13.65 13.43
CA GLY A 1564 6.68 14.96 12.83
C GLY A 1564 6.26 16.05 13.78
N GLU A 1565 6.21 17.28 13.27
CA GLU A 1565 5.85 18.42 14.10
C GLU A 1565 4.34 18.56 14.17
N LEU A 1566 3.83 18.77 15.37
CA LEU A 1566 2.39 18.95 15.57
C LEU A 1566 2.00 20.40 15.28
N CYS A 1567 0.95 20.56 14.50
CA CYS A 1567 0.47 21.89 14.10
C CYS A 1567 -1.02 22.02 14.42
N ILE A 1568 -1.42 23.19 14.89
CA ILE A 1568 -2.80 23.45 15.27
C ILE A 1568 -3.43 24.40 14.25
N ALA A 1569 -4.73 24.23 14.03
CA ALA A 1569 -5.48 25.09 13.14
C ALA A 1569 -6.96 24.97 13.49
N GLY A 1570 -7.69 26.04 13.24
CA GLY A 1570 -9.12 26.05 13.50
C GLY A 1570 -9.55 27.41 14.01
N ALA A 1571 -10.70 27.41 14.70
CA ALA A 1571 -11.29 28.66 15.15
C ALA A 1571 -10.50 29.26 16.31
N SER A 1572 -10.24 28.47 17.36
CA SER A 1572 -9.62 28.97 18.57
C SER A 1572 -8.12 29.19 18.44
N LEU A 1573 -7.67 29.79 17.35
CA LEU A 1573 -6.27 30.12 17.17
C LEU A 1573 -6.00 31.55 17.63
N ALA A 1574 -4.82 31.76 18.19
CA ALA A 1574 -4.45 33.08 18.67
C ALA A 1574 -4.24 34.04 17.50
N ARG A 1575 -4.54 35.32 17.73
CA ARG A 1575 -4.29 36.34 16.72
C ARG A 1575 -2.80 36.46 16.42
N GLY A 1576 -1.96 36.21 17.41
CA GLY A 1576 -0.52 36.29 17.24
C GLY A 1576 0.13 36.71 18.54
N TYR A 1577 1.43 36.99 18.44
CA TYR A 1577 2.21 37.44 19.58
C TYR A 1577 2.19 38.96 19.66
N LEU A 1578 2.00 39.48 20.87
CA LEU A 1578 1.85 40.91 21.08
C LEU A 1578 3.17 41.63 20.80
N ASN A 1579 3.13 42.56 19.85
CA ASN A 1579 4.28 43.40 19.51
C ASN A 1579 5.49 42.56 19.09
N ASN A 1580 5.22 41.48 18.36
CA ASN A 1580 6.28 40.62 17.82
C ASN A 1580 5.80 40.00 16.51
N PRO A 1581 5.65 40.81 15.46
CA PRO A 1581 5.17 40.25 14.18
C PRO A 1581 6.15 39.29 13.54
N ALA A 1582 7.43 39.37 13.86
CA ALA A 1582 8.40 38.42 13.32
C ALA A 1582 8.12 37.01 13.82
N LEU A 1583 7.97 36.85 15.14
CA LEU A 1583 7.68 35.54 15.69
C LEU A 1583 6.30 35.05 15.26
N THR A 1584 5.36 35.97 14.99
CA THR A 1584 4.05 35.57 14.53
C THR A 1584 4.11 34.95 13.14
N GLU A 1585 4.99 35.47 12.28
CA GLU A 1585 5.14 34.89 10.95
C GLU A 1585 5.85 33.54 11.00
N GLU A 1586 6.74 33.35 11.97
CA GLU A 1586 7.49 32.08 12.05
C GLU A 1586 6.61 30.95 12.57
N LYS A 1587 5.68 31.25 13.47
CA LYS A 1587 4.86 30.23 14.12
C LYS A 1587 3.46 30.11 13.52
N PHE A 1588 2.85 31.23 13.12
CA PHE A 1588 1.52 31.23 12.52
C PHE A 1588 1.69 31.40 11.01
N THR A 1589 1.89 30.29 10.32
CA THR A 1589 2.17 30.29 8.90
C THR A 1589 0.97 29.78 8.10
N PRO A 1590 0.69 30.38 6.94
CA PRO A 1590 -0.31 29.79 6.04
C PRO A 1590 0.18 28.47 5.48
N HIS A 1591 -0.75 27.55 5.28
CA HIS A 1591 -0.40 26.23 4.78
C HIS A 1591 -1.46 25.73 3.82
N PRO A 1592 -1.07 24.99 2.78
CA PRO A 1592 -2.07 24.45 1.84
C PRO A 1592 -3.05 23.49 2.48
N LEU A 1593 -2.70 22.87 3.61
CA LEU A 1593 -3.66 22.01 4.30
C LEU A 1593 -4.88 22.78 4.77
N GLU A 1594 -4.68 24.03 5.18
CA GLU A 1594 -5.78 24.92 5.55
C GLU A 1594 -6.20 25.84 4.42
N LYS A 1595 -5.64 25.64 3.22
CA LYS A 1595 -5.97 26.44 2.04
C LYS A 1595 -5.75 27.93 2.31
N GLY A 1596 -4.49 28.27 2.58
CA GLY A 1596 -4.12 29.63 2.89
C GLY A 1596 -4.31 30.05 4.33
N GLU A 1597 -5.17 29.35 5.08
CA GLU A 1597 -5.38 29.69 6.48
C GLU A 1597 -4.16 29.28 7.31
N ARG A 1598 -4.00 29.95 8.44
CA ARG A 1598 -2.79 29.79 9.24
C ARG A 1598 -2.80 28.45 9.99
N ILE A 1599 -1.59 28.00 10.32
CA ILE A 1599 -1.38 26.88 11.25
C ILE A 1599 -0.32 27.32 12.25
N TYR A 1600 -0.49 26.92 13.51
CA TYR A 1600 0.48 27.21 14.55
C TYR A 1600 1.42 26.02 14.70
N ARG A 1601 2.71 26.26 14.52
CA ARG A 1601 3.72 25.21 14.67
C ARG A 1601 4.11 25.12 16.14
N THR A 1602 3.67 24.06 16.81
CA THR A 1602 3.86 23.94 18.26
C THR A 1602 5.32 23.71 18.62
N GLY A 1603 6.10 23.13 17.71
CA GLY A 1603 7.44 22.71 18.05
C GLY A 1603 7.50 21.41 18.83
N ASP A 1604 6.40 20.68 18.89
CA ASP A 1604 6.35 19.39 19.58
C ASP A 1604 6.39 18.27 18.56
N LEU A 1605 7.14 17.21 18.86
CA LEU A 1605 7.16 16.02 18.03
C LEU A 1605 5.98 15.13 18.38
N ALA A 1606 5.33 14.58 17.35
CA ALA A 1606 4.14 13.78 17.56
C ALA A 1606 4.01 12.78 16.42
N ARG A 1607 3.14 11.80 16.62
CA ARG A 1607 2.89 10.75 15.64
C ARG A 1607 1.42 10.38 15.66
N TYR A 1608 0.88 10.07 14.48
CA TYR A 1608 -0.48 9.56 14.40
C TYR A 1608 -0.52 8.10 14.81
N ARG A 1609 -1.64 7.70 15.41
CA ARG A 1609 -1.88 6.31 15.77
C ARG A 1609 -2.96 5.72 14.88
N GLU A 1610 -2.93 4.39 14.74
CA GLU A 1610 -3.92 3.73 13.91
C GLU A 1610 -5.34 3.98 14.41
N ASP A 1611 -5.49 4.19 15.72
CA ASP A 1611 -6.79 4.61 16.25
C ASP A 1611 -7.15 6.02 15.80
N GLY A 1612 -6.15 6.86 15.57
CA GLY A 1612 -6.37 8.26 15.24
C GLY A 1612 -5.91 9.25 16.30
N ASN A 1613 -5.70 8.80 17.53
CA ASN A 1613 -5.26 9.69 18.60
C ASN A 1613 -3.77 10.00 18.45
N ILE A 1614 -3.43 11.28 18.59
CA ILE A 1614 -2.04 11.72 18.44
C ILE A 1614 -1.28 11.37 19.71
N GLU A 1615 -0.02 10.95 19.55
CA GLU A 1615 0.86 10.62 20.65
C GLU A 1615 1.95 11.67 20.79
N TYR A 1616 2.15 12.16 22.01
CA TYR A 1616 3.15 13.19 22.28
C TYR A 1616 4.53 12.55 22.39
N LEU A 1617 5.49 13.07 21.62
CA LEU A 1617 6.84 12.54 21.59
C LEU A 1617 7.87 13.53 22.12
N GLY A 1618 7.44 14.66 22.67
CA GLY A 1618 8.35 15.65 23.20
C GLY A 1618 8.59 16.80 22.26
N ARG A 1619 9.42 17.73 22.72
CA ARG A 1619 9.77 18.89 21.92
C ARG A 1619 10.61 18.47 20.71
N MET A 1620 10.55 19.27 19.64
CA MET A 1620 11.41 19.02 18.49
C MET A 1620 12.87 19.20 18.84
N ASP A 1621 13.20 20.30 19.50
CA ASP A 1621 14.50 20.40 20.15
C ASP A 1621 14.50 19.55 21.43
N HIS A 1622 15.69 19.40 22.02
CA HIS A 1622 15.87 18.58 23.22
C HIS A 1622 15.49 17.13 22.95
N GLN A 1623 15.91 16.61 21.80
CA GLN A 1623 15.66 15.22 21.43
C GLN A 1623 16.92 14.40 21.61
N VAL A 1624 16.76 13.19 22.14
CA VAL A 1624 17.87 12.30 22.45
C VAL A 1624 17.85 11.14 21.48
N LYS A 1625 18.98 10.90 20.81
CA LYS A 1625 19.12 9.83 19.85
C LYS A 1625 20.20 8.86 20.29
N ILE A 1626 20.18 7.66 19.71
CA ILE A 1626 21.20 6.63 19.95
C ILE A 1626 21.73 6.24 18.57
N ARG A 1627 22.83 6.85 18.17
CA ARG A 1627 23.42 6.63 16.84
C ARG A 1627 22.41 6.85 15.73
N GLY A 1628 21.54 7.85 15.91
CA GLY A 1628 20.57 8.21 14.89
C GLY A 1628 19.24 7.53 15.13
N TYR A 1629 19.26 6.35 15.72
CA TYR A 1629 18.06 5.53 15.86
C TYR A 1629 17.15 5.98 17.00
N ARG A 1630 17.46 7.10 17.67
CA ARG A 1630 16.60 7.70 18.69
C ARG A 1630 16.30 6.73 19.83
N ILE A 1631 15.50 7.20 20.80
CA ILE A 1631 15.00 6.34 21.87
C ILE A 1631 13.94 7.11 22.63
N GLU A 1632 13.09 6.40 23.35
CA GLU A 1632 12.05 7.00 24.18
C GLU A 1632 12.47 6.87 25.64
N LEU A 1633 12.54 8.00 26.35
CA LEU A 1633 12.94 7.99 27.74
C LEU A 1633 11.87 7.40 28.65
N ASP A 1634 10.62 7.34 28.20
CA ASP A 1634 9.57 6.73 29.00
C ASP A 1634 9.76 5.22 29.14
N GLU A 1635 10.39 4.59 28.14
CA GLU A 1635 10.69 3.17 28.25
C GLU A 1635 11.68 2.91 29.38
N ILE A 1636 12.63 3.82 29.58
CA ILE A 1636 13.56 3.69 30.70
C ILE A 1636 12.86 3.99 32.01
N ARG A 1637 11.91 4.92 32.00
CA ARG A 1637 11.13 5.21 33.21
C ARG A 1637 10.14 4.11 33.54
N SER A 1638 9.99 3.11 32.68
CA SER A 1638 9.15 1.96 33.02
C SER A 1638 9.77 1.14 34.14
N LYS A 1639 11.06 0.83 34.03
CA LYS A 1639 11.73 0.03 35.04
C LYS A 1639 11.72 0.72 36.40
N LEU A 1640 11.85 2.05 36.39
CA LEU A 1640 11.80 2.80 37.65
C LEU A 1640 10.46 2.62 38.34
N ILE A 1641 9.37 2.52 37.56
CA ILE A 1641 8.07 2.26 38.16
C ILE A 1641 7.94 0.80 38.57
N GLN A 1642 8.51 -0.11 37.77
CA GLN A 1642 8.48 -1.53 38.13
C GLN A 1642 9.14 -1.78 39.47
N GLU A 1643 10.28 -1.12 39.72
CA GLU A 1643 10.90 -1.17 41.04
C GLU A 1643 9.96 -0.55 42.06
N GLU A 1644 9.35 -1.40 42.90
CA GLU A 1644 8.32 -0.93 43.82
C GLU A 1644 8.86 0.15 44.75
N THR A 1645 10.10 -0.01 45.21
CA THR A 1645 10.67 0.97 46.14
C THR A 1645 10.99 2.29 45.45
N ILE A 1646 11.26 2.27 44.15
CA ILE A 1646 11.41 3.50 43.37
C ILE A 1646 10.01 4.00 43.05
N GLN A 1647 9.52 4.96 43.83
CA GLN A 1647 8.18 5.48 43.61
C GLN A 1647 8.10 6.24 42.28
N ASP A 1648 8.99 7.22 42.10
CA ASP A 1648 8.97 8.06 40.92
C ASP A 1648 10.40 8.44 40.55
N ALA A 1649 10.65 8.55 39.25
CA ALA A 1649 11.96 8.94 38.75
C ALA A 1649 11.81 9.45 37.32
N VAL A 1650 12.79 10.24 36.88
CA VAL A 1650 12.77 10.86 35.57
C VAL A 1650 14.07 10.54 34.86
N VAL A 1651 14.05 10.66 33.53
CA VAL A 1651 15.17 10.29 32.67
C VAL A 1651 15.33 11.34 31.59
N VAL A 1652 16.50 11.98 31.51
CA VAL A 1652 16.80 12.96 30.47
C VAL A 1652 18.27 12.82 30.06
N ALA A 1653 18.90 13.94 29.72
CA ALA A 1653 20.29 13.93 29.27
C ALA A 1653 20.96 15.24 29.68
N ARG A 1654 22.27 15.30 29.46
CA ARG A 1654 23.07 16.49 29.80
C ARG A 1654 24.36 16.43 29.00
N ASN A 1655 24.63 17.48 28.22
CA ASN A 1655 25.86 17.53 27.44
C ASN A 1655 27.06 17.75 28.34
N ASP A 1656 28.07 16.89 28.21
CA ASP A 1656 29.26 16.99 29.05
C ASP A 1656 30.08 18.21 28.64
N GLN A 1657 31.24 18.38 29.30
CA GLN A 1657 32.10 19.53 29.04
C GLN A 1657 32.51 19.59 27.58
N ASN A 1658 32.90 18.45 27.00
CA ASN A 1658 33.28 18.44 25.59
C ASN A 1658 32.06 18.57 24.68
N GLY A 1659 30.92 18.01 25.08
CA GLY A 1659 29.71 18.15 24.30
C GLY A 1659 28.83 16.92 24.25
N GLN A 1660 29.42 15.74 24.44
CA GLN A 1660 28.68 14.49 24.35
C GLN A 1660 27.68 14.39 25.50
N ALA A 1661 26.40 14.33 25.17
CA ALA A 1661 25.36 14.24 26.20
C ALA A 1661 25.35 12.85 26.81
N TYR A 1662 25.41 12.79 28.14
CA TYR A 1662 25.31 11.52 28.84
C TYR A 1662 23.89 11.32 29.36
N LEU A 1663 23.48 10.06 29.41
CA LEU A 1663 22.12 9.69 29.81
C LEU A 1663 22.02 9.77 31.33
N CYS A 1664 21.70 10.96 31.84
CA CYS A 1664 21.57 11.16 33.28
C CYS A 1664 20.14 10.88 33.71
N ALA A 1665 19.99 10.02 34.72
CA ALA A 1665 18.70 9.69 35.29
C ALA A 1665 18.59 10.28 36.70
N TYR A 1666 17.40 10.80 37.01
CA TYR A 1666 17.15 11.44 38.29
C TYR A 1666 16.06 10.66 39.01
N LEU A 1667 16.39 10.13 40.19
CA LEU A 1667 15.50 9.24 40.92
C LEU A 1667 15.43 9.65 42.38
N LEU A 1668 14.29 9.35 43.00
CA LEU A 1668 14.10 9.52 44.44
C LEU A 1668 13.41 8.29 44.99
N SER A 1669 13.89 7.80 46.13
CA SER A 1669 13.36 6.57 46.71
C SER A 1669 13.72 6.53 48.19
N GLU A 1670 13.37 5.43 48.84
CA GLU A 1670 13.65 5.21 50.25
C GLU A 1670 14.83 4.29 50.48
N GLN A 1671 15.62 4.01 49.44
CA GLN A 1671 16.77 3.11 49.53
C GLN A 1671 17.97 3.75 48.85
N GLU A 1672 19.16 3.37 49.31
CA GLU A 1672 20.42 3.77 48.68
C GLU A 1672 20.88 2.64 47.77
N TRP A 1673 21.21 2.98 46.53
CA TRP A 1673 21.54 2.01 45.50
C TRP A 1673 23.04 2.02 45.19
N THR A 1674 23.38 1.50 44.02
CA THR A 1674 24.69 1.68 43.39
C THR A 1674 24.46 1.77 41.89
N VAL A 1675 25.52 2.11 41.15
CA VAL A 1675 25.45 2.03 39.70
C VAL A 1675 25.23 0.59 39.26
N GLY A 1676 26.05 -0.32 39.80
CA GLY A 1676 25.96 -1.72 39.39
C GLY A 1676 24.61 -2.34 39.65
N GLN A 1677 24.01 -2.04 40.81
CA GLN A 1677 22.68 -2.57 41.12
C GLN A 1677 21.63 -1.98 40.20
N LEU A 1678 21.69 -0.67 39.95
CA LEU A 1678 20.73 -0.04 39.05
C LEU A 1678 20.93 -0.47 37.60
N ARG A 1679 22.18 -0.70 37.20
CA ARG A 1679 22.43 -1.21 35.85
C ARG A 1679 21.82 -2.59 35.66
N GLU A 1680 22.01 -3.48 36.64
CA GLU A 1680 21.48 -4.83 36.53
C GLU A 1680 19.96 -4.85 36.55
N LEU A 1681 19.35 -4.01 37.39
CA LEU A 1681 17.89 -3.93 37.42
C LEU A 1681 17.32 -3.48 36.08
N LEU A 1682 18.10 -2.72 35.31
CA LEU A 1682 17.65 -2.30 33.98
C LEU A 1682 17.91 -3.37 32.94
N ARG A 1683 18.96 -4.18 33.12
CA ARG A 1683 19.32 -5.20 32.12
C ARG A 1683 18.29 -6.33 32.03
N ARG A 1684 17.14 -6.22 32.68
CA ARG A 1684 16.09 -7.23 32.55
C ARG A 1684 15.65 -7.33 31.09
N GLU A 1685 14.99 -6.29 30.59
CA GLU A 1685 14.57 -6.24 29.20
C GLU A 1685 15.13 -5.03 28.45
N LEU A 1686 15.76 -4.09 29.14
CA LEU A 1686 16.27 -2.88 28.52
C LEU A 1686 17.65 -3.15 27.93
N PRO A 1687 17.83 -3.00 26.61
CA PRO A 1687 19.11 -3.35 26.00
C PRO A 1687 20.23 -2.40 26.43
N GLU A 1688 21.45 -2.75 26.03
CA GLU A 1688 22.62 -2.00 26.47
C GLU A 1688 22.74 -0.66 25.77
N TYR A 1689 22.19 -0.53 24.56
CA TYR A 1689 22.25 0.76 23.87
C TYR A 1689 21.33 1.79 24.50
N MET A 1690 20.38 1.35 25.33
CA MET A 1690 19.53 2.25 26.11
C MET A 1690 19.98 2.36 27.57
N ILE A 1691 20.91 1.51 28.01
CA ILE A 1691 21.38 1.51 29.39
C ILE A 1691 21.98 2.86 29.73
N PRO A 1692 21.45 3.57 30.73
CA PRO A 1692 21.99 4.89 31.08
C PRO A 1692 23.29 4.79 31.85
N ALA A 1693 23.58 5.79 32.67
CA ALA A 1693 24.85 5.83 33.41
C ALA A 1693 24.69 6.49 34.77
N HIS A 1694 24.85 7.81 34.82
CA HIS A 1694 24.84 8.52 36.09
C HIS A 1694 23.44 8.53 36.67
N PHE A 1695 23.31 8.06 37.90
CA PHE A 1695 22.03 7.94 38.60
C PHE A 1695 22.12 8.72 39.91
N VAL A 1696 21.96 10.03 39.82
CA VAL A 1696 22.01 10.89 41.00
C VAL A 1696 20.72 10.75 41.78
N LEU A 1697 20.83 10.53 43.08
CA LEU A 1697 19.68 10.34 43.94
C LEU A 1697 19.10 11.69 44.37
N LEU A 1698 17.77 11.79 44.30
CA LEU A 1698 17.04 12.99 44.69
C LEU A 1698 16.08 12.65 45.83
N LYS A 1699 15.28 13.64 46.22
CA LYS A 1699 14.25 13.44 47.23
C LYS A 1699 12.93 14.03 46.74
N GLN A 1700 13.01 15.12 45.97
CA GLN A 1700 11.84 15.75 45.36
C GLN A 1700 12.23 16.23 43.98
N PHE A 1701 11.20 16.43 43.14
CA PHE A 1701 11.60 16.85 41.80
C PHE A 1701 11.57 18.37 41.67
N PRO A 1702 12.54 18.93 40.94
CA PRO A 1702 12.58 20.39 40.76
C PRO A 1702 11.46 20.92 39.87
N LEU A 1703 10.24 20.95 40.40
CA LEU A 1703 9.11 21.49 39.65
C LEU A 1703 9.17 23.01 39.64
N THR A 1704 8.47 23.60 38.67
CA THR A 1704 8.36 25.05 38.52
C THR A 1704 6.97 25.49 38.98
N ALA A 1705 6.51 26.64 38.49
CA ALA A 1705 5.18 27.13 38.83
C ALA A 1705 4.08 26.31 38.15
N ASN A 1706 4.35 25.76 36.98
CA ASN A 1706 3.37 24.95 36.25
C ASN A 1706 3.41 23.48 36.64
N GLY A 1707 4.13 23.12 37.71
CA GLY A 1707 4.15 21.76 38.18
C GLY A 1707 5.04 20.80 37.42
N LYS A 1708 5.57 21.21 36.27
CA LYS A 1708 6.49 20.38 35.51
C LYS A 1708 7.90 20.56 36.05
N LEU A 1709 8.65 19.47 36.09
CA LEU A 1709 10.01 19.53 36.61
C LEU A 1709 10.91 20.22 35.59
N ASP A 1710 11.54 21.32 36.01
CA ASP A 1710 12.45 22.04 35.14
C ASP A 1710 13.64 21.17 34.79
N ARG A 1711 13.74 20.76 33.51
CA ARG A 1711 14.89 19.96 33.09
C ARG A 1711 16.20 20.69 33.34
N LYS A 1712 16.16 22.03 33.34
CA LYS A 1712 17.35 22.81 33.71
C LYS A 1712 17.62 22.70 35.20
N ALA A 1713 16.60 22.90 36.03
CA ALA A 1713 16.77 22.87 37.47
C ALA A 1713 17.15 21.49 38.01
N LEU A 1714 17.09 20.46 37.18
CA LEU A 1714 17.64 19.17 37.57
C LEU A 1714 19.15 19.30 37.78
N PRO A 1715 19.72 18.53 38.71
CA PRO A 1715 21.17 18.60 38.95
C PRO A 1715 21.96 18.34 37.67
N GLU A 1716 22.69 19.36 37.22
CA GLU A 1716 23.44 19.23 35.98
C GLU A 1716 24.68 18.34 36.14
N PRO A 1717 25.61 18.59 37.11
CA PRO A 1717 26.84 17.78 37.20
C PRO A 1717 26.69 16.55 38.09
N ASP A 1718 25.63 15.79 37.87
CA ASP A 1718 25.34 14.57 38.63
C ASP A 1718 25.30 14.86 40.12
N GLY A 1719 26.26 14.34 40.86
CA GLY A 1719 26.34 14.60 42.30
C GLY A 1719 26.29 13.36 43.14
N SER A 1720 25.10 13.02 43.64
CA SER A 1720 24.91 11.88 44.53
C SER A 1720 24.62 10.61 43.73
N VAL A 1721 25.60 10.21 42.93
CA VAL A 1721 25.51 9.01 42.12
C VAL A 1721 26.14 7.86 42.91
N LYS A 1722 25.31 6.98 43.43
CA LYS A 1722 25.80 5.87 44.25
C LYS A 1722 26.47 4.82 43.37
N ALA A 1723 27.63 4.33 43.81
CA ALA A 1723 28.41 3.37 43.04
C ALA A 1723 29.13 2.42 43.98
N GLU A 1724 29.50 1.27 43.45
CA GLU A 1724 30.18 0.27 44.23
C GLU A 1724 31.68 0.51 44.19
N ALA A 1725 32.43 -0.42 44.77
CA ALA A 1725 33.88 -0.30 44.90
C ALA A 1725 34.53 -1.48 44.15
N GLU A 1726 35.56 -2.11 44.71
CA GLU A 1726 36.25 -3.19 43.99
C GLU A 1726 35.88 -4.58 44.52
N TYR A 1727 36.86 -5.46 44.65
CA TYR A 1727 36.56 -6.81 45.16
C TYR A 1727 37.05 -7.01 46.59
N ALA A 1728 37.99 -7.94 46.79
CA ALA A 1728 38.42 -8.34 48.12
C ALA A 1728 39.93 -8.44 48.18
N ALA A 1729 40.44 -8.41 49.41
CA ALA A 1729 41.84 -8.66 49.74
C ALA A 1729 41.96 -8.77 51.26
N PRO A 1730 41.45 -9.84 51.88
CA PRO A 1730 41.59 -9.97 53.34
C PRO A 1730 43.05 -10.07 53.75
N ARG A 1731 43.70 -8.91 53.91
CA ARG A 1731 45.12 -8.84 54.25
C ARG A 1731 45.42 -9.64 55.52
N THR A 1732 44.99 -9.13 56.67
CA THR A 1732 45.21 -9.82 57.93
C THR A 1732 44.11 -10.86 58.15
N GLU A 1733 44.42 -11.84 59.02
CA GLU A 1733 43.43 -12.87 59.33
C GLU A 1733 42.23 -12.30 60.05
N LEU A 1734 42.37 -11.13 60.68
CA LEU A 1734 41.22 -10.44 61.27
C LEU A 1734 40.19 -10.10 60.21
N GLU A 1735 40.63 -9.47 59.11
CA GLU A 1735 39.73 -9.21 57.99
C GLU A 1735 39.18 -10.51 57.41
N ALA A 1736 40.05 -11.52 57.28
CA ALA A 1736 39.57 -12.83 56.84
C ALA A 1736 38.55 -13.39 57.82
N THR A 1737 38.76 -13.17 59.12
CA THR A 1737 37.75 -13.56 60.11
C THR A 1737 36.50 -12.71 59.97
N LEU A 1738 36.66 -11.41 59.72
CA LEU A 1738 35.50 -10.55 59.49
C LEU A 1738 34.76 -10.92 58.21
N ALA A 1739 35.51 -11.35 57.18
CA ALA A 1739 34.88 -11.74 55.94
C ALA A 1739 34.10 -13.05 56.10
N HIS A 1740 34.61 -13.97 56.91
CA HIS A 1740 33.91 -15.23 57.12
C HIS A 1740 32.64 -15.04 57.95
N ILE A 1741 32.71 -14.18 58.97
CA ILE A 1741 31.54 -13.95 59.82
C ILE A 1741 30.49 -13.15 59.07
N TRP A 1742 30.91 -12.16 58.29
CA TRP A 1742 29.97 -11.43 57.44
C TRP A 1742 29.31 -12.35 56.43
N GLY A 1743 30.08 -13.30 55.87
CA GLY A 1743 29.52 -14.22 54.90
C GLY A 1743 28.46 -15.14 55.48
N GLU A 1744 28.58 -15.47 56.77
CA GLU A 1744 27.56 -16.29 57.41
C GLU A 1744 26.29 -15.49 57.70
N VAL A 1745 26.45 -14.31 58.31
CA VAL A 1745 25.29 -13.53 58.72
C VAL A 1745 24.59 -12.91 57.52
N LEU A 1746 25.36 -12.26 56.64
CA LEU A 1746 24.78 -11.63 55.46
C LEU A 1746 24.39 -12.65 54.39
N GLY A 1747 24.93 -13.86 54.44
CA GLY A 1747 24.62 -14.85 53.44
C GLY A 1747 25.32 -14.68 52.11
N ILE A 1748 26.30 -13.80 52.03
CA ILE A 1748 27.06 -13.56 50.81
C ILE A 1748 28.31 -14.44 50.87
N GLU A 1749 28.40 -15.41 49.96
CA GLU A 1749 29.51 -16.35 49.97
C GLU A 1749 30.84 -15.67 49.72
N ARG A 1750 30.85 -14.51 49.06
CA ARG A 1750 32.07 -13.78 48.79
C ARG A 1750 31.92 -12.35 49.29
N ILE A 1751 32.74 -11.98 50.28
CA ILE A 1751 32.74 -10.66 50.88
C ILE A 1751 34.09 -10.00 50.62
N GLY A 1752 34.06 -8.73 50.26
CA GLY A 1752 35.26 -7.95 50.08
C GLY A 1752 35.55 -7.05 51.27
N ILE A 1753 36.82 -6.66 51.40
CA ILE A 1753 37.19 -5.74 52.47
C ILE A 1753 36.60 -4.35 52.24
N ARG A 1754 36.24 -4.03 51.01
CA ARG A 1754 35.67 -2.73 50.67
C ARG A 1754 34.22 -2.85 50.21
N ASP A 1755 33.48 -3.81 50.76
CA ASP A 1755 32.06 -3.97 50.50
C ASP A 1755 31.25 -3.33 51.62
N ASN A 1756 30.23 -2.57 51.24
CA ASN A 1756 29.40 -1.87 52.20
C ASN A 1756 28.47 -2.86 52.91
N PHE A 1757 28.35 -2.69 54.23
CA PHE A 1757 27.58 -3.63 55.03
C PHE A 1757 26.11 -3.64 54.64
N PHE A 1758 25.52 -2.45 54.47
CA PHE A 1758 24.09 -2.37 54.17
C PHE A 1758 23.77 -2.77 52.73
N GLU A 1759 24.76 -2.74 51.84
CA GLU A 1759 24.52 -3.11 50.45
C GLU A 1759 24.43 -4.61 50.25
N LEU A 1760 24.95 -5.40 51.19
CA LEU A 1760 24.90 -6.85 51.13
C LEU A 1760 23.76 -7.42 51.97
N GLY A 1761 22.79 -6.59 52.33
CA GLY A 1761 21.71 -6.98 53.20
C GLY A 1761 21.92 -6.64 54.67
N GLY A 1762 22.57 -5.52 54.96
CA GLY A 1762 22.91 -5.18 56.33
C GLY A 1762 21.78 -4.54 57.11
N ASP A 1763 21.26 -5.26 58.11
CA ASP A 1763 20.24 -4.75 59.00
C ASP A 1763 20.84 -4.50 60.38
N SER A 1764 20.02 -3.93 61.26
CA SER A 1764 20.44 -3.80 62.66
C SER A 1764 20.46 -5.16 63.36
N ILE A 1765 19.73 -6.14 62.84
CA ILE A 1765 19.76 -7.48 63.41
C ILE A 1765 21.05 -8.19 63.04
N LYS A 1766 21.58 -7.92 61.85
CA LYS A 1766 22.81 -8.58 61.41
C LYS A 1766 24.01 -8.12 62.23
N GLY A 1767 24.04 -6.83 62.60
CA GLY A 1767 25.18 -6.31 63.34
C GLY A 1767 25.34 -6.93 64.70
N LEU A 1768 24.23 -7.26 65.36
CA LEU A 1768 24.31 -7.91 66.67
C LEU A 1768 24.82 -9.34 66.54
N GLN A 1769 24.40 -10.05 65.49
CA GLN A 1769 24.91 -11.40 65.25
C GLN A 1769 26.40 -11.36 64.94
N ILE A 1770 26.82 -10.43 64.08
CA ILE A 1770 28.23 -10.33 63.72
C ILE A 1770 29.07 -9.98 64.94
N ALA A 1771 28.59 -9.06 65.78
CA ALA A 1771 29.34 -8.67 66.97
C ALA A 1771 29.37 -9.79 68.01
N SER A 1772 28.34 -10.65 68.03
CA SER A 1772 28.30 -11.73 69.00
C SER A 1772 29.27 -12.85 68.64
N ARG A 1773 29.31 -13.24 67.36
CA ARG A 1773 30.25 -14.27 66.93
C ARG A 1773 31.70 -13.80 67.10
N LEU A 1774 31.95 -12.51 66.90
CA LEU A 1774 33.28 -11.96 67.15
C LEU A 1774 33.62 -11.98 68.63
N GLN A 1775 32.62 -11.74 69.49
CA GLN A 1775 32.86 -11.74 70.94
C GLN A 1775 33.18 -13.14 71.44
N ARG A 1776 32.59 -14.18 70.84
CA ARG A 1776 32.87 -15.53 71.27
C ARG A 1776 34.27 -16.00 70.89
N ILE A 1777 34.93 -15.33 69.96
CA ILE A 1777 36.31 -15.62 69.61
C ILE A 1777 37.24 -14.48 70.07
N ASN A 1778 36.80 -13.70 71.04
CA ASN A 1778 37.57 -12.59 71.62
C ASN A 1778 37.93 -11.55 70.56
N TRP A 1779 36.86 -10.88 70.08
CA TRP A 1779 37.00 -9.75 69.16
C TRP A 1779 35.88 -8.77 69.48
N THR A 1780 36.21 -7.69 70.18
CA THR A 1780 35.22 -6.67 70.50
C THR A 1780 34.89 -5.85 69.26
N MET A 1781 33.61 -5.81 68.90
CA MET A 1781 33.13 -5.00 67.79
C MET A 1781 31.93 -4.19 68.26
N VAL A 1782 31.97 -2.89 68.03
CA VAL A 1782 30.85 -2.01 68.37
C VAL A 1782 29.89 -1.97 67.18
N ILE A 1783 28.61 -2.25 67.44
CA ILE A 1783 27.62 -2.22 66.37
C ILE A 1783 27.48 -0.82 65.80
N ASN A 1784 27.76 0.21 66.61
CA ASN A 1784 27.67 1.58 66.12
C ASN A 1784 28.73 1.88 65.08
N HIS A 1785 29.93 1.30 65.23
CA HIS A 1785 30.99 1.54 64.27
C HIS A 1785 30.65 1.01 62.88
N LEU A 1786 29.75 0.03 62.79
CA LEU A 1786 29.40 -0.54 61.49
C LEU A 1786 28.62 0.44 60.63
N PHE A 1787 27.97 1.44 61.24
CA PHE A 1787 27.31 2.50 60.49
C PHE A 1787 28.27 3.60 60.07
N LEU A 1788 29.35 3.81 60.83
CA LEU A 1788 30.37 4.78 60.48
C LEU A 1788 31.45 4.18 59.60
N TYR A 1789 31.71 2.89 59.73
CA TYR A 1789 32.72 2.17 58.94
C TYR A 1789 32.08 0.92 58.37
N PRO A 1790 31.32 1.06 57.28
CA PRO A 1790 30.52 -0.06 56.77
C PRO A 1790 31.31 -1.13 56.02
N THR A 1791 32.63 -1.00 55.92
CA THR A 1791 33.45 -2.00 55.24
C THR A 1791 34.35 -2.71 56.24
N ILE A 1792 34.94 -3.81 55.79
CA ILE A 1792 35.81 -4.60 56.66
C ILE A 1792 37.07 -3.83 56.99
N GLU A 1793 37.73 -3.27 55.98
CA GLU A 1793 38.98 -2.57 56.21
C GLU A 1793 38.77 -1.28 57.00
N GLN A 1794 37.61 -0.63 56.87
CA GLN A 1794 37.35 0.58 57.63
C GLN A 1794 37.12 0.27 59.11
N ILE A 1795 36.58 -0.90 59.42
CA ILE A 1795 36.29 -1.27 60.80
C ILE A 1795 37.33 -2.23 61.38
N ALA A 1796 38.32 -2.62 60.57
CA ALA A 1796 39.37 -3.50 61.08
C ALA A 1796 40.20 -2.89 62.20
N PRO A 1797 40.65 -1.64 62.13
CA PRO A 1797 41.42 -1.08 63.26
C PRO A 1797 40.58 -0.77 64.48
N PHE A 1798 39.25 -0.84 64.38
CA PHE A 1798 38.37 -0.53 65.51
C PHE A 1798 37.93 -1.75 66.30
N VAL A 1799 38.07 -2.94 65.73
CA VAL A 1799 37.73 -4.18 66.44
C VAL A 1799 38.96 -4.62 67.24
N THR A 1800 38.81 -4.69 68.56
CA THR A 1800 39.89 -5.09 69.45
C THR A 1800 39.62 -6.48 69.99
N SER A 1801 40.61 -7.02 70.71
CA SER A 1801 40.53 -8.37 71.27
C SER A 1801 40.20 -8.31 72.75
N GLU A 1802 39.71 -9.43 73.26
CA GLU A 1802 39.44 -9.60 74.69
C GLU A 1802 40.59 -10.39 75.32
N GLN A 1803 41.75 -9.74 75.35
CA GLN A 1803 42.95 -10.36 75.92
C GLN A 1803 42.71 -10.81 77.36
N VAL A 1804 42.62 -12.11 77.56
CA VAL A 1804 42.39 -12.69 78.87
C VAL A 1804 43.71 -13.05 79.57
N VAL A 1805 44.83 -12.57 79.04
CA VAL A 1805 46.14 -12.65 79.70
C VAL A 1805 46.61 -14.10 79.87
N ILE A 1806 45.91 -14.89 80.67
CA ILE A 1806 46.19 -16.31 80.86
C ILE A 1806 47.53 -16.47 81.59
N GLU A 1807 48.03 -15.38 82.17
CA GLU A 1807 49.19 -15.49 83.04
C GLU A 1807 48.87 -16.28 84.30
N ALA A 1808 47.59 -16.43 84.62
CA ALA A 1808 47.13 -17.15 85.81
C ALA A 1808 47.64 -16.51 87.08
N ALA A 1809 47.28 -17.06 88.23
CA ALA A 1809 47.82 -16.61 89.49
C ALA A 1809 48.98 -17.51 89.88
N ALA A 1810 50.17 -16.92 89.98
CA ALA A 1810 51.46 -17.56 90.26
C ALA A 1810 51.36 -19.06 90.52
N GLU A 1811 51.49 -19.85 89.46
CA GLU A 1811 51.34 -21.30 89.57
C GLU A 1811 52.29 -21.89 90.60
N ASN A 1812 53.46 -21.27 90.78
CA ASN A 1812 54.37 -21.68 91.84
C ASN A 1812 53.78 -21.35 93.19
N LEU A 1813 53.09 -22.31 93.81
CA LEU A 1813 52.49 -22.15 95.12
C LEU A 1813 53.16 -23.08 96.12
N TYR A 1814 53.01 -22.74 97.40
CA TYR A 1814 53.68 -23.45 98.48
C TYR A 1814 52.70 -23.62 99.63
N PHE A 1815 53.15 -24.26 100.70
CA PHE A 1815 52.28 -24.60 101.81
C PHE A 1815 52.91 -24.25 103.16
#